data_1SID
#
_entry.id   1SID
#
_cell.length_a   570.000
_cell.length_b   570.000
_cell.length_c   570.000
_cell.angle_alpha   90.00
_cell.angle_beta   90.00
_cell.angle_gamma   90.00
#
_symmetry.space_group_name_H-M   'I 2 3'
#
loop_
_entity.id
_entity.type
_entity.pdbx_description
1 polymer 'POLYOMAVIRUS COAT PROTEIN VP1'
2 branched 'N-acetyl-alpha-neuraminic acid-(2-3)-beta-D-galactopyranose-(1-4)-beta-D-glucopyranose'
#
_entity_poly.entity_id   1
_entity_poly.type   'polypeptide(L)'
_entity_poly.pdbx_seq_one_letter_code
;APKRKAGVSKCETKCTKACPRPAPVPKLLIKGGMEVLDLVTGPDSVTEIEAFLNPRMGQPPTPESLTEGGQYYGWSRGIN
LATSDTEDSPGNNTLPTWSMAKLQLPMLNEDLTCDTLQMWEAVSVKTEVVGSGSLLDVHGFNKPTDTVNTKGISTPVEGS
QYHVFAVGGEPLDLQGLVTDARTKYKEEGVVTIKTITKKDMVNKDQVLNPISKAKLDKDGMYPVEIWHPDPAKNENTRYF
GNYTGGTTTPPVLQFTNTLTTVLLDENGVGPLCKGEGLYLSCVDIMGWRVTRNYDVHHWRGLPRYFKITLRKRWVKNPYP
MASLISSLFNNMLPQVQGQPMEGENTQVEEVRVYDGTEPVPGDPDMTRYVDRFGKTKTVFPGN
;
_entity_poly.pdbx_strand_id   A,B,C,D,E,F
#
loop_
_chem_comp.id
_chem_comp.type
_chem_comp.name
_chem_comp.formula
BGC D-saccharide, beta linking beta-D-glucopyranose 'C6 H12 O6'
GAL D-saccharide, beta linking beta-D-galactopyranose 'C6 H12 O6'
SIA D-saccharide, alpha linking 'N-acetyl-alpha-neuraminic acid' 'C11 H19 N O9'
#
# COMPACT_ATOMS: atom_id res chain seq x y z
N LYS A 17 -14.58 -17.44 40.49
CA LYS A 17 -13.25 -17.45 41.10
C LYS A 17 -12.67 -16.01 41.14
N ALA A 18 -12.75 -15.32 40.00
CA ALA A 18 -12.24 -13.95 39.86
C ALA A 18 -12.86 -13.19 38.67
N CYS A 19 -12.07 -12.23 38.17
CA CYS A 19 -12.52 -11.42 37.08
C CYS A 19 -11.44 -11.22 36.05
N PRO A 20 -11.81 -11.35 34.77
CA PRO A 20 -10.84 -11.16 33.71
C PRO A 20 -10.66 -9.63 33.66
N ARG A 21 -9.46 -9.15 33.34
CA ARG A 21 -9.21 -7.70 33.30
C ARG A 21 -8.85 -7.13 31.91
N PRO A 22 -9.85 -6.57 31.21
CA PRO A 22 -9.67 -6.00 29.88
C PRO A 22 -8.42 -5.15 29.80
N ALA A 23 -7.89 -5.05 28.60
CA ALA A 23 -6.69 -4.26 28.40
C ALA A 23 -6.90 -2.80 28.81
N PRO A 24 -5.87 -2.19 29.38
CA PRO A 24 -5.90 -0.78 29.82
C PRO A 24 -5.77 0.12 28.65
N VAL A 25 -6.63 1.09 28.68
CA VAL A 25 -6.72 2.05 27.65
C VAL A 25 -6.93 3.40 28.25
N PRO A 26 -6.51 4.43 27.54
CA PRO A 26 -6.71 5.77 28.05
C PRO A 26 -8.21 6.00 28.26
N LYS A 27 -8.55 6.36 29.49
CA LYS A 27 -9.94 6.59 29.80
C LYS A 27 -10.41 7.93 29.27
N LEU A 28 -11.52 7.87 28.54
CA LEU A 28 -12.12 9.07 28.00
C LEU A 28 -12.64 9.82 29.18
N LEU A 29 -12.71 11.12 29.03
CA LEU A 29 -13.16 11.93 30.12
C LEU A 29 -14.37 12.60 29.81
N ILE A 30 -14.45 12.93 28.55
CA ILE A 30 -15.54 13.68 28.04
C ILE A 30 -15.26 13.88 26.60
N LYS A 31 -16.31 13.97 25.82
CA LYS A 31 -16.10 14.18 24.42
C LYS A 31 -17.25 15.00 24.00
N GLY A 32 -17.10 15.56 22.81
CA GLY A 32 -18.10 16.40 22.23
C GLY A 32 -17.40 17.45 21.38
N GLY A 33 -17.67 18.71 21.69
CA GLY A 33 -17.11 19.84 20.96
C GLY A 33 -16.23 20.73 21.82
N MET A 34 -15.88 21.90 21.31
CA MET A 34 -14.98 22.77 22.04
C MET A 34 -15.23 22.98 23.54
N GLU A 35 -16.49 23.03 23.92
CA GLU A 35 -16.87 23.23 25.31
C GLU A 35 -16.16 22.27 26.24
N VAL A 36 -15.97 21.09 25.74
CA VAL A 36 -15.33 20.06 26.50
C VAL A 36 -14.04 20.59 27.15
N LEU A 37 -13.24 21.34 26.40
CA LEU A 37 -11.96 21.86 26.87
C LEU A 37 -12.01 22.46 28.25
N ASP A 38 -13.14 23.11 28.51
CA ASP A 38 -13.42 23.79 29.76
C ASP A 38 -13.29 22.94 30.98
N LEU A 39 -13.48 21.65 30.81
CA LEU A 39 -13.33 20.81 31.94
C LEU A 39 -11.93 21.03 32.48
N VAL A 40 -11.83 21.07 33.79
CA VAL A 40 -10.57 21.22 34.45
C VAL A 40 -9.80 19.97 34.13
N THR A 41 -9.21 20.04 32.97
CA THR A 41 -8.47 18.96 32.39
C THR A 41 -7.32 18.35 33.24
N GLY A 42 -6.92 18.96 34.33
CA GLY A 42 -5.83 18.35 35.05
C GLY A 42 -4.56 18.64 34.25
N PRO A 43 -3.44 17.88 34.43
CA PRO A 43 -2.20 18.15 33.69
C PRO A 43 -1.73 17.15 32.63
N ASP A 44 -1.96 15.88 32.85
CA ASP A 44 -1.50 14.92 31.87
C ASP A 44 -2.64 14.58 30.98
N SER A 45 -3.68 15.39 31.11
CA SER A 45 -4.86 15.28 30.31
C SER A 45 -4.39 15.37 28.89
N VAL A 46 -5.28 15.01 27.98
CA VAL A 46 -4.91 15.08 26.61
C VAL A 46 -6.11 15.44 25.85
N THR A 47 -5.84 16.18 24.80
CA THR A 47 -6.94 16.62 24.04
C THR A 47 -6.82 16.29 22.59
N GLU A 48 -7.88 15.68 22.09
CA GLU A 48 -7.94 15.30 20.69
C GLU A 48 -8.93 16.25 20.02
N ILE A 49 -8.50 16.91 18.96
CA ILE A 49 -9.39 17.80 18.28
C ILE A 49 -9.41 17.56 16.82
N GLU A 50 -10.58 17.18 16.36
CA GLU A 50 -10.75 16.91 14.95
C GLU A 50 -11.42 18.13 14.39
N ALA A 51 -10.95 18.58 13.24
CA ALA A 51 -11.49 19.73 12.56
C ALA A 51 -11.14 19.59 11.11
N PHE A 52 -11.55 20.57 10.33
CA PHE A 52 -11.26 20.50 8.92
C PHE A 52 -11.35 21.84 8.31
N LEU A 53 -10.68 21.97 7.20
CA LEU A 53 -10.68 23.22 6.54
C LEU A 53 -11.18 22.97 5.17
N ASN A 54 -12.01 23.90 4.71
CA ASN A 54 -12.55 23.84 3.37
C ASN A 54 -11.56 24.69 2.55
N PRO A 55 -11.26 24.22 1.34
CA PRO A 55 -10.36 24.75 0.32
C PRO A 55 -10.80 26.06 -0.27
N ARG A 56 -10.43 27.16 0.35
CA ARG A 56 -10.87 28.41 -0.21
C ARG A 56 -9.93 29.03 -1.25
N MET A 57 -10.05 28.46 -2.45
CA MET A 57 -9.28 28.85 -3.63
C MET A 57 -10.34 29.17 -4.65
N GLY A 58 -10.25 30.39 -5.19
CA GLY A 58 -11.22 30.85 -6.16
C GLY A 58 -12.51 31.44 -5.55
N GLN A 59 -13.63 30.83 -5.94
CA GLN A 59 -14.97 31.23 -5.49
C GLN A 59 -15.14 31.09 -4.01
N PRO A 60 -15.60 32.16 -3.37
CA PRO A 60 -15.83 32.19 -1.94
C PRO A 60 -17.16 31.50 -1.72
N PRO A 61 -17.44 31.19 -0.45
CA PRO A 61 -18.67 30.53 -0.05
C PRO A 61 -19.89 31.28 -0.57
N THR A 62 -20.24 32.33 0.18
CA THR A 62 -21.35 33.26 0.00
C THR A 62 -22.44 33.16 -1.08
N PRO A 63 -22.09 33.26 -2.35
CA PRO A 63 -23.20 33.15 -3.30
C PRO A 63 -23.78 31.70 -3.33
N GLU A 64 -24.60 31.35 -2.36
CA GLU A 64 -25.11 30.03 -2.27
C GLU A 64 -25.93 29.51 -3.41
N SER A 65 -26.53 30.40 -4.18
CA SER A 65 -27.32 29.92 -5.28
C SER A 65 -26.39 29.39 -6.32
N LEU A 66 -26.63 28.15 -6.68
CA LEU A 66 -25.82 27.49 -7.68
C LEU A 66 -26.17 28.01 -9.05
N THR A 67 -26.61 29.26 -9.12
CA THR A 67 -26.99 29.86 -10.39
C THR A 67 -26.34 31.21 -10.46
N GLU A 68 -26.32 31.88 -9.30
CA GLU A 68 -25.73 33.21 -9.13
C GLU A 68 -24.22 33.08 -8.87
N GLY A 69 -23.87 32.04 -8.11
CA GLY A 69 -22.49 31.76 -7.81
C GLY A 69 -22.08 30.55 -8.62
N GLY A 70 -23.05 30.04 -9.40
CA GLY A 70 -22.84 28.88 -10.26
C GLY A 70 -22.44 27.69 -9.42
N GLN A 71 -21.99 28.04 -8.22
CA GLN A 71 -21.46 27.12 -7.30
C GLN A 71 -20.32 26.37 -7.85
N TYR A 72 -19.39 27.30 -7.78
CA TYR A 72 -18.04 27.09 -8.17
C TYR A 72 -17.32 26.98 -6.83
N TYR A 73 -18.06 27.16 -5.73
CA TYR A 73 -17.49 27.06 -4.40
C TYR A 73 -16.66 25.83 -4.39
N GLY A 74 -15.35 26.05 -4.25
CA GLY A 74 -14.44 24.93 -4.28
C GLY A 74 -14.00 24.76 -5.71
N TRP A 75 -13.57 25.88 -6.27
CA TRP A 75 -13.11 25.91 -7.62
C TRP A 75 -12.64 27.29 -7.95
N SER A 76 -11.65 27.35 -8.84
CA SER A 76 -11.11 28.61 -9.30
C SER A 76 -12.20 28.96 -10.28
N ARG A 77 -12.61 30.22 -10.33
CA ARG A 77 -13.69 30.56 -11.21
C ARG A 77 -13.44 30.35 -12.66
N GLY A 78 -12.75 31.26 -13.30
CA GLY A 78 -12.51 31.02 -14.69
C GLY A 78 -11.04 31.16 -14.74
N ILE A 79 -10.48 31.22 -15.92
CA ILE A 79 -9.06 31.41 -15.99
C ILE A 79 -8.71 32.69 -16.72
N ASN A 80 -8.66 33.75 -15.91
CA ASN A 80 -8.36 35.10 -16.37
C ASN A 80 -6.95 35.01 -16.91
N LEU A 81 -6.86 34.79 -18.21
CA LEU A 81 -5.57 34.70 -18.86
C LEU A 81 -4.99 36.12 -18.91
N ALA A 82 -3.83 36.27 -19.51
CA ALA A 82 -3.24 37.59 -19.61
C ALA A 82 -3.30 38.07 -21.06
N THR A 83 -2.94 39.33 -21.26
CA THR A 83 -2.97 39.95 -22.57
C THR A 83 -1.67 39.82 -23.36
N SER A 84 -0.56 39.94 -22.66
CA SER A 84 0.72 39.82 -23.30
C SER A 84 1.80 39.94 -22.26
N ASP A 85 3.02 39.63 -22.68
CA ASP A 85 4.20 39.72 -21.82
C ASP A 85 4.09 41.02 -21.03
N THR A 86 3.53 42.02 -21.67
CA THR A 86 3.35 43.29 -21.02
C THR A 86 2.21 43.26 -20.02
N GLU A 87 1.13 42.62 -20.42
CA GLU A 87 -0.08 42.61 -19.63
C GLU A 87 -0.49 41.26 -19.05
N ASP A 88 -0.60 41.21 -17.73
CA ASP A 88 -1.05 40.04 -17.02
C ASP A 88 -1.97 40.37 -15.87
N SER A 89 -3.25 40.22 -16.09
CA SER A 89 -4.20 40.48 -15.05
C SER A 89 -4.65 39.17 -14.47
N PRO A 90 -4.53 39.05 -13.16
CA PRO A 90 -4.88 37.92 -12.32
C PRO A 90 -6.33 37.54 -12.35
N GLY A 91 -7.17 38.33 -11.69
CA GLY A 91 -8.58 38.01 -11.61
C GLY A 91 -8.64 37.29 -10.28
N ASN A 92 -9.06 38.01 -9.25
CA ASN A 92 -9.09 37.45 -7.91
C ASN A 92 -9.82 36.14 -7.65
N ASN A 93 -10.60 35.71 -8.61
CA ASN A 93 -11.33 34.47 -8.46
C ASN A 93 -10.71 33.49 -9.40
N THR A 94 -9.51 33.81 -9.85
CA THR A 94 -8.75 32.95 -10.73
C THR A 94 -7.51 32.79 -9.90
N LEU A 95 -7.75 32.76 -8.60
CA LEU A 95 -6.65 32.67 -7.70
C LEU A 95 -6.74 31.84 -6.45
N PRO A 96 -6.28 30.61 -6.54
CA PRO A 96 -6.30 29.73 -5.40
C PRO A 96 -5.44 30.41 -4.32
N THR A 97 -5.94 30.37 -3.09
CA THR A 97 -5.29 31.01 -1.95
C THR A 97 -5.20 30.21 -0.67
N TRP A 98 -4.22 30.56 0.15
CA TRP A 98 -3.97 29.90 1.43
C TRP A 98 -5.14 29.85 2.38
N SER A 99 -5.60 28.63 2.67
CA SER A 99 -6.70 28.38 3.59
C SER A 99 -6.12 28.10 4.99
N MET A 100 -6.61 28.78 6.01
CA MET A 100 -6.10 28.54 7.36
C MET A 100 -7.16 28.80 8.42
N ALA A 101 -6.81 28.63 9.70
CA ALA A 101 -7.73 28.86 10.81
C ALA A 101 -7.10 28.78 12.18
N LYS A 102 -7.87 29.20 13.19
CA LYS A 102 -7.35 29.14 14.54
C LYS A 102 -8.30 28.59 15.55
N LEU A 103 -7.82 27.56 16.23
CA LEU A 103 -8.58 26.94 17.29
C LEU A 103 -8.19 27.68 18.48
N GLN A 104 -9.18 28.06 19.24
CA GLN A 104 -8.88 28.78 20.42
C GLN A 104 -9.06 27.89 21.65
N LEU A 105 -7.93 27.41 22.14
CA LEU A 105 -7.93 26.55 23.29
C LEU A 105 -8.17 27.38 24.51
N PRO A 106 -8.31 26.73 25.66
CA PRO A 106 -8.56 27.47 26.89
C PRO A 106 -7.25 27.89 27.53
N MET A 107 -7.34 28.79 28.51
CA MET A 107 -6.18 29.30 29.24
C MET A 107 -5.80 28.26 30.29
N LEU A 108 -4.52 27.97 30.44
CA LEU A 108 -4.10 26.92 31.38
C LEU A 108 -3.49 27.34 32.71
N ASN A 109 -2.82 28.46 32.68
CA ASN A 109 -2.15 28.95 33.88
C ASN A 109 -3.07 29.80 34.74
N GLU A 110 -2.80 29.86 36.04
CA GLU A 110 -3.62 30.67 36.94
C GLU A 110 -2.84 31.11 38.17
N ASP A 111 -1.96 30.25 38.64
CA ASP A 111 -1.13 30.57 39.80
C ASP A 111 0.09 31.31 39.29
N LEU A 112 0.06 32.64 39.35
CA LEU A 112 1.19 33.37 38.84
C LEU A 112 2.29 33.43 39.84
N THR A 113 2.00 33.01 41.07
CA THR A 113 3.01 33.03 42.12
C THR A 113 4.25 32.28 41.70
N CYS A 114 4.09 31.40 40.71
CA CYS A 114 5.21 30.63 40.24
C CYS A 114 5.86 31.03 38.95
N ASP A 115 7.15 30.73 38.90
CA ASP A 115 7.97 30.99 37.73
C ASP A 115 7.78 29.83 36.79
N THR A 116 6.62 29.21 36.88
CA THR A 116 6.31 28.07 36.08
C THR A 116 4.89 28.18 35.60
N LEU A 117 4.79 28.47 34.31
CA LEU A 117 3.52 28.61 33.61
C LEU A 117 3.32 27.30 32.88
N GLN A 118 2.18 27.16 32.22
CA GLN A 118 1.87 25.91 31.54
C GLN A 118 1.15 26.22 30.27
N MET A 119 1.48 25.53 29.18
CA MET A 119 0.78 25.80 27.94
C MET A 119 0.58 24.62 27.03
N TRP A 120 -0.34 24.87 26.10
CA TRP A 120 -0.72 23.89 25.13
C TRP A 120 0.40 23.55 24.19
N GLU A 121 0.62 22.25 24.04
CA GLU A 121 1.64 21.76 23.17
C GLU A 121 1.07 20.72 22.22
N ALA A 122 1.29 20.92 20.94
CA ALA A 122 0.79 20.00 19.93
C ALA A 122 1.77 18.89 19.71
N VAL A 123 1.22 17.69 19.61
CA VAL A 123 2.04 16.50 19.48
C VAL A 123 2.05 15.81 18.16
N SER A 124 0.89 15.48 17.67
CA SER A 124 0.87 14.81 16.41
C SER A 124 -0.40 15.12 15.75
N VAL A 125 -0.61 14.50 14.63
CA VAL A 125 -1.80 14.84 13.95
C VAL A 125 -2.10 13.97 12.80
N LYS A 126 -3.30 13.46 12.77
CA LYS A 126 -3.64 12.70 11.62
C LYS A 126 -4.30 13.75 10.76
N THR A 127 -4.15 13.59 9.47
CA THR A 127 -4.84 14.49 8.54
C THR A 127 -5.14 13.78 7.22
N GLU A 128 -6.19 14.22 6.55
CA GLU A 128 -6.60 13.55 5.34
C GLU A 128 -7.39 14.46 4.46
N VAL A 129 -7.07 14.39 3.19
CA VAL A 129 -7.77 15.18 2.23
C VAL A 129 -8.80 14.29 1.70
N VAL A 130 -10.00 14.80 1.74
CA VAL A 130 -11.10 14.00 1.36
C VAL A 130 -11.86 14.27 0.17
N GLY A 131 -12.21 13.17 -0.49
CA GLY A 131 -13.07 13.30 -1.64
C GLY A 131 -12.50 13.07 -2.98
N SER A 132 -11.43 12.33 -2.98
CA SER A 132 -10.76 12.03 -4.21
C SER A 132 -11.74 11.33 -5.14
N GLY A 133 -12.75 10.68 -4.54
CA GLY A 133 -13.75 9.98 -5.34
C GLY A 133 -14.53 10.92 -6.23
N SER A 134 -14.78 12.09 -5.68
CA SER A 134 -15.50 13.14 -6.36
C SER A 134 -14.97 13.23 -7.81
N LEU A 135 -13.68 13.08 -7.95
CA LEU A 135 -13.08 13.23 -9.25
C LEU A 135 -13.36 12.07 -10.17
N LEU A 136 -14.35 11.26 -9.80
CA LEU A 136 -14.74 10.11 -10.59
C LEU A 136 -15.96 10.38 -11.43
N ASP A 137 -16.44 11.62 -11.31
CA ASP A 137 -17.59 12.04 -12.07
C ASP A 137 -16.99 12.35 -13.40
N VAL A 138 -17.36 11.53 -14.38
CA VAL A 138 -16.83 11.72 -15.71
C VAL A 138 -17.85 12.16 -16.73
N HIS A 139 -19.08 12.32 -16.25
CA HIS A 139 -20.17 12.83 -17.08
C HIS A 139 -20.15 14.35 -16.83
N GLY A 140 -21.31 15.02 -16.84
CA GLY A 140 -21.31 16.46 -16.60
C GLY A 140 -20.69 17.24 -17.74
N PHE A 141 -20.46 18.55 -17.58
CA PHE A 141 -19.87 19.24 -18.71
C PHE A 141 -18.48 19.80 -18.68
N ASN A 142 -17.60 18.98 -19.22
CA ASN A 142 -16.21 19.29 -19.33
C ASN A 142 -15.92 18.86 -20.75
N LYS A 143 -14.80 19.32 -21.26
CA LYS A 143 -14.36 19.01 -22.61
C LYS A 143 -14.49 17.51 -22.73
N PRO A 144 -15.05 17.03 -23.82
CA PRO A 144 -15.12 15.58 -23.79
C PRO A 144 -13.86 14.92 -24.20
N THR A 145 -13.87 13.61 -24.05
CA THR A 145 -12.78 12.74 -24.41
C THR A 145 -12.61 12.91 -25.91
N ASP A 146 -13.70 12.63 -26.59
CA ASP A 146 -13.77 12.76 -28.02
C ASP A 146 -14.43 14.11 -28.17
N THR A 147 -13.64 15.06 -28.65
CA THR A 147 -14.11 16.42 -28.84
C THR A 147 -14.96 16.42 -30.08
N VAL A 148 -14.37 15.80 -31.09
CA VAL A 148 -14.91 15.64 -32.42
C VAL A 148 -16.42 15.47 -32.45
N ASN A 149 -16.89 14.28 -32.12
CA ASN A 149 -18.30 14.03 -32.14
C ASN A 149 -18.87 14.39 -30.79
N THR A 150 -18.09 15.11 -30.02
CA THR A 150 -18.49 15.51 -28.70
C THR A 150 -18.93 14.28 -27.92
N LYS A 151 -18.03 13.32 -27.77
CA LYS A 151 -18.35 12.10 -27.04
C LYS A 151 -17.28 11.63 -26.06
N GLY A 152 -17.60 10.54 -25.36
CA GLY A 152 -16.65 10.00 -24.43
C GLY A 152 -16.89 10.19 -22.96
N ILE A 153 -16.19 11.16 -22.40
CA ILE A 153 -16.25 11.42 -20.98
C ILE A 153 -15.99 12.87 -20.84
N SER A 154 -16.74 13.53 -19.97
CA SER A 154 -16.45 14.93 -19.76
C SER A 154 -15.25 14.84 -18.85
N THR A 155 -14.14 14.85 -19.55
CA THR A 155 -12.78 14.79 -19.05
C THR A 155 -12.52 15.37 -17.67
N PRO A 156 -12.18 14.48 -16.71
CA PRO A 156 -11.88 14.70 -15.28
C PRO A 156 -10.86 15.78 -15.00
N VAL A 157 -10.63 16.00 -13.71
CA VAL A 157 -9.67 16.99 -13.33
C VAL A 157 -8.35 16.42 -13.74
N GLU A 158 -7.47 17.29 -14.19
CA GLU A 158 -6.15 16.88 -14.61
C GLU A 158 -5.30 18.08 -14.36
N GLY A 159 -3.99 17.89 -14.30
CA GLY A 159 -3.08 19.01 -14.14
C GLY A 159 -2.15 19.10 -12.95
N SER A 160 -1.45 20.23 -12.85
CA SER A 160 -0.54 20.46 -11.73
C SER A 160 -1.41 20.40 -10.48
N GLN A 161 -0.83 19.84 -9.43
CA GLN A 161 -1.58 19.76 -8.20
C GLN A 161 -0.59 20.18 -7.13
N TYR A 162 -1.11 20.52 -5.97
CA TYR A 162 -0.28 21.00 -4.89
C TYR A 162 -1.07 20.88 -3.64
N HIS A 163 -0.41 20.38 -2.61
CA HIS A 163 -1.05 20.18 -1.32
C HIS A 163 0.01 20.48 -0.35
N VAL A 164 -0.34 21.20 0.70
CA VAL A 164 0.62 21.55 1.70
C VAL A 164 -0.18 21.85 2.90
N PHE A 165 0.50 21.94 4.04
CA PHE A 165 -0.12 22.31 5.27
C PHE A 165 0.88 22.32 6.41
N ALA A 166 0.34 22.72 7.55
CA ALA A 166 1.11 22.84 8.74
C ALA A 166 0.22 23.05 9.91
N VAL A 167 0.86 23.02 11.06
CA VAL A 167 0.17 23.18 12.31
C VAL A 167 1.08 23.94 13.21
N GLY A 168 0.61 25.07 13.77
CA GLY A 168 1.50 25.84 14.64
C GLY A 168 0.98 26.55 15.90
N GLY A 169 1.92 26.99 16.76
CA GLY A 169 1.60 27.68 18.01
C GLY A 169 1.49 29.19 17.86
N GLU A 170 1.73 29.60 16.62
CA GLU A 170 1.67 30.97 16.17
C GLU A 170 1.24 30.77 14.71
N PRO A 171 0.86 31.85 14.02
CA PRO A 171 0.44 31.66 12.63
C PRO A 171 1.61 31.31 11.76
N LEU A 172 1.30 30.79 10.59
CA LEU A 172 2.31 30.36 9.64
C LEU A 172 3.17 31.48 9.12
N ASP A 173 4.49 31.39 9.30
CA ASP A 173 5.39 32.41 8.77
C ASP A 173 5.66 32.08 7.32
N LEU A 174 5.48 33.06 6.46
CA LEU A 174 5.74 32.76 5.07
C LEU A 174 6.62 33.79 4.37
N GLN A 175 6.93 33.51 3.11
CA GLN A 175 7.78 34.34 2.31
C GLN A 175 7.38 34.14 0.91
N GLY A 176 6.98 35.20 0.26
CA GLY A 176 6.53 35.06 -1.10
C GLY A 176 7.62 35.23 -2.13
N LEU A 177 7.35 34.62 -3.30
CA LEU A 177 8.17 34.65 -4.55
C LEU A 177 7.22 34.35 -5.63
N VAL A 178 7.42 35.03 -6.73
CA VAL A 178 6.52 34.86 -7.83
C VAL A 178 7.21 34.56 -9.15
N THR A 179 6.40 34.19 -10.14
CA THR A 179 6.82 33.92 -11.50
C THR A 179 7.17 35.31 -12.06
N ASP A 180 6.17 36.12 -12.37
CA ASP A 180 6.45 37.45 -12.91
C ASP A 180 6.32 38.59 -11.95
N ALA A 181 7.42 39.27 -11.72
CA ALA A 181 7.41 40.39 -10.78
C ALA A 181 6.50 41.51 -11.28
N ARG A 182 5.87 41.27 -12.41
CA ARG A 182 5.02 42.24 -13.01
C ARG A 182 3.59 42.18 -12.59
N THR A 183 3.02 41.00 -12.72
CA THR A 183 1.62 40.79 -12.46
C THR A 183 0.77 41.85 -11.80
N LYS A 184 -0.33 42.07 -12.48
CA LYS A 184 -1.30 43.05 -12.13
C LYS A 184 -2.14 42.60 -10.96
N TYR A 185 -1.54 42.00 -9.94
CA TYR A 185 -2.33 41.54 -8.80
C TYR A 185 -3.18 42.67 -8.33
N LYS A 186 -4.49 42.48 -8.23
CA LYS A 186 -5.32 43.59 -7.77
C LYS A 186 -4.88 43.79 -6.36
N GLU A 187 -4.59 45.01 -5.98
CA GLU A 187 -4.16 45.24 -4.63
C GLU A 187 -5.35 45.21 -3.76
N GLU A 188 -6.51 45.08 -4.39
CA GLU A 188 -7.69 45.02 -3.59
C GLU A 188 -8.35 43.65 -3.54
N GLY A 189 -8.38 43.08 -2.32
CA GLY A 189 -8.99 41.77 -2.08
C GLY A 189 -8.04 40.58 -2.13
N VAL A 190 -6.82 40.78 -1.64
CA VAL A 190 -5.80 39.74 -1.63
C VAL A 190 -4.53 40.29 -1.00
N VAL A 191 -3.74 39.46 -0.34
CA VAL A 191 -2.53 40.00 0.22
C VAL A 191 -1.53 39.69 -0.84
N THR A 192 -0.79 40.69 -1.24
CA THR A 192 0.18 40.50 -2.29
C THR A 192 1.43 41.20 -1.84
N ILE A 193 2.54 40.80 -2.44
CA ILE A 193 3.85 41.35 -2.11
C ILE A 193 3.85 42.83 -1.79
N LYS A 194 3.10 43.58 -2.60
CA LYS A 194 3.02 45.02 -2.42
C LYS A 194 2.03 45.38 -1.34
N THR A 195 0.92 44.66 -1.32
CA THR A 195 -0.11 44.87 -0.34
C THR A 195 0.62 44.86 0.99
N ILE A 196 1.73 44.15 1.04
CA ILE A 196 2.53 44.09 2.25
C ILE A 196 3.68 45.09 2.26
N THR A 197 4.48 45.08 1.22
CA THR A 197 5.56 46.04 1.16
C THR A 197 4.98 46.94 0.15
N LYS A 198 4.72 48.15 0.54
CA LYS A 198 4.07 49.07 -0.38
C LYS A 198 4.65 49.00 -1.77
N LYS A 199 5.92 49.35 -1.84
CA LYS A 199 6.67 49.35 -3.07
C LYS A 199 6.34 48.14 -3.92
N ASP A 200 6.13 48.37 -5.21
CA ASP A 200 5.82 47.30 -6.13
C ASP A 200 6.83 46.17 -6.06
N MET A 201 6.57 45.12 -6.84
CA MET A 201 7.41 43.94 -6.87
C MET A 201 8.72 44.27 -7.53
N VAL A 202 9.78 43.59 -7.14
CA VAL A 202 11.09 43.80 -7.74
C VAL A 202 11.48 42.48 -8.38
N ASN A 203 12.41 42.49 -9.33
CA ASN A 203 12.82 41.23 -9.95
C ASN A 203 13.26 40.21 -8.90
N LYS A 204 13.59 40.67 -7.70
CA LYS A 204 14.03 39.79 -6.63
C LYS A 204 12.90 39.03 -5.99
N ASP A 205 11.74 39.66 -5.93
CA ASP A 205 10.58 39.00 -5.39
C ASP A 205 10.45 37.82 -6.33
N GLN A 206 10.72 38.07 -7.60
CA GLN A 206 10.66 37.05 -8.65
C GLN A 206 11.50 35.80 -8.36
N VAL A 207 12.49 35.93 -7.48
CA VAL A 207 13.26 34.75 -7.10
C VAL A 207 13.31 34.60 -5.61
N LEU A 208 14.09 35.36 -4.87
CA LEU A 208 13.96 35.14 -3.44
C LEU A 208 13.97 36.45 -2.81
N ASN A 209 12.79 37.02 -2.62
CA ASN A 209 12.80 38.30 -1.96
C ASN A 209 12.72 38.22 -0.45
N PRO A 210 13.83 38.47 0.22
CA PRO A 210 14.01 38.45 1.67
C PRO A 210 13.23 39.46 2.43
N ILE A 211 12.45 40.26 1.72
CA ILE A 211 11.60 41.22 2.41
C ILE A 211 10.22 40.67 2.26
N SER A 212 9.90 40.28 1.04
CA SER A 212 8.61 39.70 0.74
C SER A 212 8.41 38.43 1.58
N LYS A 213 8.11 38.71 2.84
CA LYS A 213 7.89 37.75 3.90
C LYS A 213 6.68 38.29 4.60
N ALA A 214 5.68 37.44 4.75
CA ALA A 214 4.46 37.83 5.43
C ALA A 214 4.10 36.80 6.52
N LYS A 215 2.81 36.73 6.81
CA LYS A 215 2.27 35.81 7.78
C LYS A 215 0.89 35.42 7.26
N LEU A 216 0.43 34.23 7.61
CA LEU A 216 -0.89 33.80 7.19
C LEU A 216 -1.83 34.25 8.26
N ASP A 217 -2.18 35.54 8.27
CA ASP A 217 -3.11 36.03 9.27
C ASP A 217 -4.45 35.99 8.66
N LYS A 218 -4.57 36.48 7.46
CA LYS A 218 -5.88 36.39 6.86
C LYS A 218 -6.00 35.03 6.21
N ASP A 219 -7.21 34.54 6.17
CA ASP A 219 -7.49 33.28 5.55
C ASP A 219 -8.00 33.55 4.13
N GLY A 220 -7.93 32.53 3.27
CA GLY A 220 -8.39 32.62 1.90
C GLY A 220 -7.93 33.90 1.26
N MET A 221 -6.79 34.38 1.74
CA MET A 221 -6.31 35.63 1.24
C MET A 221 -4.99 35.57 0.54
N TYR A 222 -3.95 35.21 1.26
CA TYR A 222 -2.67 35.16 0.57
C TYR A 222 -2.88 34.05 -0.44
N PRO A 223 -2.59 34.33 -1.71
CA PRO A 223 -2.77 33.28 -2.72
C PRO A 223 -1.53 32.41 -2.69
N VAL A 224 -1.71 31.14 -3.03
CA VAL A 224 -0.58 30.23 -3.01
C VAL A 224 0.37 30.59 -4.08
N GLU A 225 -0.19 31.08 -5.17
CA GLU A 225 0.60 31.47 -6.30
C GLU A 225 1.71 32.50 -5.93
N ILE A 226 1.60 33.09 -4.74
CA ILE A 226 2.54 34.11 -4.27
C ILE A 226 3.33 33.83 -3.00
N TRP A 227 2.61 33.36 -2.00
CA TRP A 227 3.20 33.12 -0.70
C TRP A 227 3.67 31.71 -0.40
N HIS A 228 4.81 31.61 0.30
CA HIS A 228 5.35 30.30 0.63
C HIS A 228 5.79 30.15 2.05
N PRO A 229 5.76 28.91 2.54
CA PRO A 229 6.15 28.57 3.88
C PRO A 229 7.60 28.92 3.91
N ASP A 230 7.87 30.08 4.44
CA ASP A 230 9.23 30.53 4.48
C ASP A 230 9.90 29.79 5.60
N PRO A 231 11.04 29.11 5.31
CA PRO A 231 11.73 28.41 6.42
C PRO A 231 12.46 29.51 7.16
N ALA A 232 11.92 29.94 8.30
CA ALA A 232 12.60 31.02 9.00
C ALA A 232 13.93 30.50 9.62
N LYS A 233 14.43 31.29 10.53
CA LYS A 233 15.62 30.88 11.23
C LYS A 233 14.97 30.01 12.27
N ASN A 234 13.89 30.59 12.85
CA ASN A 234 13.01 30.05 13.95
C ASN A 234 11.55 29.69 13.46
N GLU A 235 10.98 28.60 14.03
CA GLU A 235 9.63 28.11 13.67
C GLU A 235 8.93 27.23 14.73
N ASN A 236 7.68 27.61 15.01
CA ASN A 236 6.86 26.91 15.98
C ASN A 236 5.68 26.32 15.23
N THR A 237 5.95 25.93 13.98
CA THR A 237 4.94 25.29 13.11
C THR A 237 5.67 24.20 12.33
N ARG A 238 4.96 23.16 11.94
CA ARG A 238 5.60 22.10 11.17
C ARG A 238 4.78 22.21 9.96
N TYR A 239 5.40 22.04 8.83
CA TYR A 239 4.60 22.15 7.64
C TYR A 239 5.18 21.27 6.66
N PHE A 240 4.41 21.09 5.59
CA PHE A 240 4.80 20.26 4.48
C PHE A 240 3.75 20.11 3.42
N GLY A 241 4.25 19.67 2.27
CA GLY A 241 3.41 19.44 1.13
C GLY A 241 4.32 19.35 -0.08
N ASN A 242 3.71 19.35 -1.26
CA ASN A 242 4.48 19.27 -2.49
C ASN A 242 3.78 19.72 -3.79
N TYR A 243 4.62 20.05 -4.76
CA TYR A 243 4.17 20.51 -6.05
C TYR A 243 4.36 19.36 -6.98
N THR A 244 3.44 19.28 -7.92
CA THR A 244 3.43 18.25 -8.91
C THR A 244 2.95 18.98 -10.12
N GLY A 245 3.92 19.48 -10.86
CA GLY A 245 3.64 20.24 -12.06
C GLY A 245 2.98 19.51 -13.19
N GLY A 246 2.66 20.23 -14.25
CA GLY A 246 2.04 19.54 -15.36
C GLY A 246 0.71 20.03 -15.85
N THR A 247 0.41 19.61 -17.06
CA THR A 247 -0.79 20.02 -17.77
C THR A 247 -1.89 18.98 -17.78
N THR A 248 -1.50 17.76 -18.07
CA THR A 248 -2.43 16.65 -18.14
C THR A 248 -2.29 15.82 -16.87
N THR A 249 -1.11 15.94 -16.26
CA THR A 249 -0.73 15.30 -15.01
C THR A 249 -1.87 14.73 -14.16
N PRO A 250 -1.96 13.40 -14.03
CA PRO A 250 -3.02 12.77 -13.26
C PRO A 250 -2.88 13.05 -11.83
N PRO A 251 -4.01 13.13 -11.15
CA PRO A 251 -4.08 13.39 -9.73
C PRO A 251 -4.02 12.10 -8.94
N VAL A 252 -3.53 12.20 -7.71
CA VAL A 252 -3.44 11.00 -6.89
C VAL A 252 -3.63 11.36 -5.47
N LEU A 253 -4.34 10.53 -4.74
CA LEU A 253 -4.56 10.88 -3.37
C LEU A 253 -4.51 9.74 -2.46
N GLN A 254 -4.48 10.05 -1.16
CA GLN A 254 -4.38 9.06 -0.11
C GLN A 254 -5.43 8.94 0.93
N PHE A 255 -6.28 7.96 0.74
CA PHE A 255 -7.32 7.73 1.68
C PHE A 255 -6.88 6.93 2.87
N THR A 256 -6.56 7.63 3.97
CA THR A 256 -6.31 6.93 5.22
C THR A 256 -6.45 7.46 6.61
N ASN A 257 -7.14 6.49 7.20
CA ASN A 257 -7.65 6.36 8.52
C ASN A 257 -6.54 6.04 9.50
N THR A 258 -5.64 5.18 9.06
CA THR A 258 -4.54 4.68 9.87
C THR A 258 -3.40 5.54 10.39
N LEU A 259 -2.83 6.40 9.55
CA LEU A 259 -1.67 7.14 10.01
C LEU A 259 -1.63 8.53 10.59
N THR A 260 -0.91 8.58 11.71
CA THR A 260 -0.69 9.78 12.52
C THR A 260 0.67 10.34 12.29
N THR A 261 0.78 11.67 12.42
CA THR A 261 2.05 12.35 12.22
C THR A 261 2.48 13.14 13.37
N VAL A 262 3.79 13.13 13.52
CA VAL A 262 4.33 13.79 14.65
C VAL A 262 4.87 15.17 14.51
N LEU A 263 4.18 16.06 15.20
CA LEU A 263 4.54 17.44 15.17
C LEU A 263 5.65 17.61 16.15
N LEU A 264 6.00 16.56 16.90
CA LEU A 264 7.08 16.74 17.85
C LEU A 264 8.33 17.12 17.18
N ASP A 265 9.05 18.03 17.82
CA ASP A 265 10.24 18.48 17.19
C ASP A 265 11.44 17.63 17.52
N GLU A 266 12.59 18.15 17.16
CA GLU A 266 13.87 17.51 17.39
C GLU A 266 14.10 17.34 18.89
N ASN A 267 13.38 18.10 19.72
CA ASN A 267 13.58 18.03 21.16
C ASN A 267 12.35 17.59 21.96
N GLY A 268 11.38 17.08 21.22
CA GLY A 268 10.15 16.56 21.82
C GLY A 268 9.38 17.73 22.31
N VAL A 269 9.18 18.64 21.40
CA VAL A 269 8.54 19.84 21.78
C VAL A 269 7.35 20.11 20.94
N GLY A 270 7.45 19.84 19.65
CA GLY A 270 6.31 20.12 18.82
C GLY A 270 5.92 21.58 18.97
N PRO A 271 4.72 21.93 18.52
CA PRO A 271 4.42 23.34 18.69
C PRO A 271 3.87 23.63 20.04
N LEU A 272 3.86 24.93 20.34
CA LEU A 272 3.35 25.43 21.59
C LEU A 272 2.41 26.55 21.24
N CYS A 273 1.15 26.40 21.55
CA CYS A 273 0.20 27.43 21.26
C CYS A 273 0.47 28.61 22.14
N LYS A 274 1.47 29.39 21.74
CA LYS A 274 1.85 30.61 22.46
C LYS A 274 0.64 31.46 22.10
N GLY A 275 -0.10 31.87 23.12
CA GLY A 275 -1.33 32.57 22.83
C GLY A 275 -2.05 31.28 22.51
N GLU A 276 -2.89 30.86 23.44
CA GLU A 276 -3.62 29.59 23.38
C GLU A 276 -4.21 29.10 22.06
N GLY A 277 -3.76 29.71 20.97
CA GLY A 277 -4.20 29.35 19.66
C GLY A 277 -3.41 28.26 18.97
N LEU A 278 -4.18 27.45 18.28
CA LEU A 278 -3.65 26.36 17.52
C LEU A 278 -3.90 26.83 16.09
N TYR A 279 -2.88 26.78 15.25
CA TYR A 279 -2.99 27.25 13.87
C TYR A 279 -2.79 26.24 12.75
N LEU A 280 -3.91 25.83 12.22
CA LEU A 280 -3.88 24.87 11.13
C LEU A 280 -3.95 25.66 9.84
N SER A 281 -3.31 25.15 8.79
CA SER A 281 -3.24 25.86 7.53
C SER A 281 -2.91 24.83 6.45
N CYS A 282 -3.43 25.02 5.25
CA CYS A 282 -3.17 24.05 4.18
C CYS A 282 -3.65 24.51 2.82
N VAL A 283 -3.47 23.67 1.78
CA VAL A 283 -3.88 24.03 0.42
C VAL A 283 -3.95 22.85 -0.48
N ASP A 284 -5.13 22.56 -1.00
CA ASP A 284 -5.20 21.35 -1.78
C ASP A 284 -5.73 21.31 -3.20
N ILE A 285 -4.86 21.80 -4.05
CA ILE A 285 -5.13 21.92 -5.46
C ILE A 285 -5.09 20.60 -6.10
N MET A 286 -6.05 20.34 -6.94
CA MET A 286 -6.08 19.06 -7.54
C MET A 286 -5.83 19.09 -9.01
N GLY A 287 -6.05 20.24 -9.61
CA GLY A 287 -5.86 20.37 -11.05
C GLY A 287 -7.03 21.08 -11.73
N TRP A 288 -6.90 21.33 -13.03
CA TRP A 288 -7.94 22.01 -13.74
C TRP A 288 -9.06 21.15 -14.25
N ARG A 289 -10.27 21.66 -14.00
CA ARG A 289 -11.48 21.09 -14.53
C ARG A 289 -11.55 21.99 -15.75
N VAL A 290 -11.64 21.39 -16.95
CA VAL A 290 -11.76 22.14 -18.17
C VAL A 290 -13.10 22.14 -18.82
N THR A 291 -13.76 23.29 -18.90
CA THR A 291 -15.13 23.32 -19.46
C THR A 291 -15.29 22.91 -20.91
N ARG A 292 -16.30 22.06 -21.15
CA ARG A 292 -16.66 21.60 -22.48
C ARG A 292 -17.16 22.91 -23.03
N ASN A 293 -16.27 23.68 -23.63
CA ASN A 293 -16.64 24.97 -24.15
C ASN A 293 -15.40 25.42 -24.86
N TYR A 294 -14.73 26.37 -24.22
CA TYR A 294 -13.50 26.96 -24.66
C TYR A 294 -12.51 26.28 -23.77
N ASP A 295 -11.47 26.99 -23.42
CA ASP A 295 -10.56 26.35 -22.56
C ASP A 295 -10.47 27.04 -21.26
N VAL A 296 -11.61 27.05 -20.61
CA VAL A 296 -11.72 27.66 -19.32
C VAL A 296 -11.24 26.59 -18.36
N HIS A 297 -9.97 26.67 -18.05
CA HIS A 297 -9.39 25.69 -17.20
C HIS A 297 -9.64 25.83 -15.74
N HIS A 298 -10.75 26.39 -15.28
CA HIS A 298 -10.79 26.54 -13.81
C HIS A 298 -10.62 25.32 -12.88
N TRP A 299 -9.62 25.45 -12.00
CA TRP A 299 -9.20 24.37 -11.12
C TRP A 299 -9.76 24.07 -9.75
N ARG A 300 -9.91 22.76 -9.47
CA ARG A 300 -10.50 22.18 -8.23
C ARG A 300 -9.63 21.96 -7.03
N GLY A 301 -10.29 22.10 -5.87
CA GLY A 301 -9.65 21.91 -4.61
C GLY A 301 -10.53 20.99 -3.79
N LEU A 302 -9.93 20.44 -2.73
CA LEU A 302 -10.57 19.53 -1.79
C LEU A 302 -10.25 19.98 -0.37
N PRO A 303 -11.04 19.54 0.58
CA PRO A 303 -10.92 19.85 2.02
C PRO A 303 -9.99 18.92 2.80
N ARG A 304 -9.69 19.29 4.04
CA ARG A 304 -8.79 18.48 4.84
C ARG A 304 -9.09 18.31 6.34
N TYR A 305 -9.07 17.07 6.79
CA TYR A 305 -9.35 16.70 8.17
C TYR A 305 -8.15 16.84 9.01
N PHE A 306 -8.37 17.06 10.29
CA PHE A 306 -7.25 17.23 11.21
C PHE A 306 -7.57 16.63 12.53
N LYS A 307 -6.66 15.86 13.05
CA LYS A 307 -6.90 15.32 14.36
C LYS A 307 -5.65 15.73 15.07
N ILE A 308 -5.77 16.82 15.82
CA ILE A 308 -4.63 17.31 16.55
C ILE A 308 -4.62 16.73 17.93
N THR A 309 -3.52 16.07 18.22
CA THR A 309 -3.30 15.42 19.48
C THR A 309 -2.43 16.38 20.26
N LEU A 310 -2.87 16.87 21.40
CA LEU A 310 -2.01 17.78 22.14
C LEU A 310 -2.12 17.73 23.64
N ARG A 311 -0.97 17.93 24.29
CA ARG A 311 -0.83 17.86 25.74
C ARG A 311 -0.46 19.17 26.39
N LYS A 312 -0.28 19.07 27.71
CA LYS A 312 0.06 20.22 28.51
C LYS A 312 1.54 20.25 28.84
N ARG A 313 2.22 21.28 28.39
CA ARG A 313 3.63 21.35 28.73
C ARG A 313 3.91 22.47 29.71
N TRP A 314 4.97 22.25 30.50
CA TRP A 314 5.44 23.15 31.54
C TRP A 314 6.53 24.10 31.11
N VAL A 315 6.53 25.32 31.64
CA VAL A 315 7.56 26.28 31.28
C VAL A 315 7.92 27.27 32.38
N LYS A 316 8.86 28.16 32.07
CA LYS A 316 9.31 29.19 33.00
C LYS A 316 8.69 30.57 32.75
N ASN A 317 8.23 31.22 33.81
CA ASN A 317 7.63 32.55 33.73
C ASN A 317 8.60 33.51 33.06
N PRO A 318 8.20 34.07 31.92
CA PRO A 318 8.98 35.02 31.13
C PRO A 318 8.93 36.44 31.69
N TYR A 319 7.77 36.84 32.23
CA TYR A 319 7.57 38.17 32.82
C TYR A 319 8.58 38.64 33.86
N PRO A 320 9.27 37.71 34.55
CA PRO A 320 10.26 38.14 35.55
C PRO A 320 11.45 38.91 34.95
N MET A 321 11.45 39.10 33.63
CA MET A 321 12.49 39.88 32.96
C MET A 321 12.03 41.37 33.05
N ALA A 322 12.30 42.00 34.22
CA ALA A 322 11.93 43.41 34.60
C ALA A 322 11.72 44.53 33.58
N SER A 323 11.06 45.60 34.07
CA SER A 323 10.64 46.79 33.29
C SER A 323 11.21 47.01 31.85
N LEU A 324 12.38 47.65 31.82
CA LEU A 324 13.09 48.06 30.61
C LEU A 324 14.18 47.06 30.19
N ILE A 325 14.48 46.14 31.11
CA ILE A 325 15.49 45.10 30.91
C ILE A 325 15.10 44.15 29.75
N SER A 326 13.82 44.21 29.36
CA SER A 326 13.26 43.41 28.29
C SER A 326 12.36 44.24 27.36
N SER A 327 11.69 45.22 27.98
CA SER A 327 10.75 46.16 27.35
C SER A 327 10.98 46.26 25.89
N LEU A 328 11.83 47.16 25.65
CA LEU A 328 12.35 47.46 24.37
C LEU A 328 13.74 47.03 24.43
N PHE A 329 13.93 45.87 24.02
CA PHE A 329 15.21 45.39 24.15
C PHE A 329 15.82 44.86 22.82
N ASN A 330 15.02 44.11 22.07
CA ASN A 330 15.50 43.50 20.81
C ASN A 330 15.24 44.19 19.44
N ASN A 331 14.92 43.35 18.44
CA ASN A 331 14.60 43.79 17.09
C ASN A 331 13.18 44.29 17.28
N MET A 332 13.11 45.59 17.55
CA MET A 332 11.88 46.30 17.83
C MET A 332 12.26 47.72 17.40
N LEU A 333 13.37 48.19 17.98
CA LEU A 333 13.89 49.51 17.70
C LEU A 333 13.99 49.75 16.21
N PRO A 334 13.10 50.63 15.72
CA PRO A 334 12.86 51.11 14.35
C PRO A 334 14.09 51.87 13.86
N GLN A 335 13.93 53.15 13.56
CA GLN A 335 15.08 53.90 13.10
C GLN A 335 15.38 55.27 13.67
N VAL A 336 16.10 56.06 12.90
CA VAL A 336 16.45 57.40 13.30
C VAL A 336 15.22 58.24 12.95
N GLN A 337 15.38 58.39 11.76
CA GLN A 337 16.06 59.44 11.00
C GLN A 337 16.02 60.73 11.76
N GLY A 338 17.12 61.02 12.44
CA GLY A 338 17.14 62.22 13.22
C GLY A 338 18.49 62.86 13.33
N GLN A 339 18.44 64.17 13.57
CA GLN A 339 19.59 65.05 13.71
C GLN A 339 20.92 64.31 13.95
N PRO A 340 21.92 64.63 13.13
CA PRO A 340 23.29 64.15 13.04
C PRO A 340 24.08 63.97 14.29
N MET A 341 24.24 62.74 14.70
CA MET A 341 25.04 62.52 15.89
C MET A 341 26.31 61.75 15.54
N GLU A 342 26.54 61.67 14.25
CA GLU A 342 27.73 61.02 13.72
C GLU A 342 27.87 61.67 12.36
N GLY A 343 29.10 61.92 11.94
CA GLY A 343 29.26 62.53 10.64
C GLY A 343 30.04 63.80 10.75
N GLU A 344 30.23 64.46 9.63
CA GLU A 344 30.99 65.67 9.60
C GLU A 344 30.12 66.84 9.99
N ASN A 345 28.98 66.54 10.59
CA ASN A 345 28.08 67.60 10.99
C ASN A 345 27.40 67.33 12.32
N THR A 346 27.95 66.40 13.07
CA THR A 346 27.41 66.01 14.37
C THR A 346 27.17 67.15 15.40
N GLN A 347 26.08 67.07 16.17
CA GLN A 347 25.75 68.07 17.19
C GLN A 347 26.31 67.64 18.53
N VAL A 348 27.42 66.91 18.49
CA VAL A 348 28.12 66.42 19.67
C VAL A 348 29.34 67.32 19.84
N GLU A 349 29.25 68.29 20.75
CA GLU A 349 30.35 69.21 20.97
C GLU A 349 31.56 68.62 21.70
N GLU A 350 31.30 67.60 22.52
CA GLU A 350 32.37 66.96 23.21
C GLU A 350 31.87 65.79 23.97
N VAL A 351 32.84 65.00 24.37
CA VAL A 351 32.64 63.81 25.09
C VAL A 351 33.91 63.58 25.87
N ARG A 352 33.78 62.97 27.03
CA ARG A 352 34.93 62.65 27.83
C ARG A 352 34.62 61.46 28.70
N VAL A 353 35.67 60.81 29.15
CA VAL A 353 35.48 59.67 29.96
C VAL A 353 36.42 59.80 31.10
N TYR A 354 35.93 59.44 32.28
CA TYR A 354 36.70 59.50 33.50
C TYR A 354 36.61 58.16 34.14
N ASP A 355 37.56 57.83 35.01
CA ASP A 355 37.46 56.57 35.74
C ASP A 355 38.12 56.65 37.09
N GLY A 356 39.36 57.09 37.10
CA GLY A 356 40.06 57.17 38.37
C GLY A 356 39.77 58.35 39.26
N THR A 357 40.82 58.75 39.95
CA THR A 357 40.73 59.85 40.87
C THR A 357 42.05 60.52 41.11
N GLU A 358 42.42 61.40 40.21
CA GLU A 358 43.67 62.11 40.40
C GLU A 358 43.41 63.31 41.28
N PRO A 359 44.47 64.00 41.67
CA PRO A 359 44.11 65.14 42.49
C PRO A 359 43.99 66.35 41.61
N VAL A 360 42.99 67.14 41.94
CA VAL A 360 42.68 68.36 41.27
C VAL A 360 43.85 68.94 40.61
N PRO A 361 43.88 68.80 39.32
CA PRO A 361 45.00 69.33 38.55
C PRO A 361 44.76 70.79 38.26
N GLY A 362 45.89 71.48 38.11
CA GLY A 362 45.94 72.91 37.84
C GLY A 362 45.07 73.44 36.71
N ASP A 363 45.28 73.02 35.48
CA ASP A 363 44.41 73.52 34.45
C ASP A 363 43.26 72.57 34.45
N PRO A 364 42.06 73.11 34.29
CA PRO A 364 40.82 72.34 34.27
C PRO A 364 40.36 72.10 32.82
N ASP A 365 40.77 73.01 31.96
CA ASP A 365 40.46 72.99 30.54
C ASP A 365 41.21 71.79 29.98
N MET A 366 42.20 71.34 30.75
CA MET A 366 43.08 70.22 30.43
C MET A 366 42.49 69.20 29.50
N THR A 367 43.28 68.84 28.49
CA THR A 367 42.87 67.85 27.52
C THR A 367 43.73 66.64 27.79
N ARG A 368 43.28 65.50 27.31
CA ARG A 368 44.02 64.30 27.53
C ARG A 368 43.39 63.18 26.77
N TYR A 369 44.21 62.18 26.47
CA TYR A 369 43.78 61.04 25.68
C TYR A 369 44.86 59.94 25.69
N VAL A 370 44.65 58.97 24.81
CA VAL A 370 45.57 57.86 24.68
C VAL A 370 46.16 57.81 23.31
N ASP A 371 47.49 57.69 23.28
CA ASP A 371 48.22 57.64 22.04
C ASP A 371 48.18 56.20 21.64
N ARG A 372 48.79 55.93 20.49
CA ARG A 372 48.89 54.60 19.94
C ARG A 372 48.96 53.52 20.99
N PHE A 373 49.44 53.81 22.19
CA PHE A 373 49.56 52.81 23.22
C PHE A 373 49.45 53.24 24.70
N GLY A 374 49.34 54.52 25.06
CA GLY A 374 49.33 54.88 26.48
C GLY A 374 48.54 56.14 26.81
N LYS A 375 48.72 56.76 27.98
CA LYS A 375 47.91 57.94 28.35
C LYS A 375 48.62 59.30 28.38
N THR A 376 47.97 60.37 27.91
CA THR A 376 48.65 61.68 27.88
C THR A 376 47.94 63.02 28.18
N LYS A 377 48.59 63.91 28.93
CA LYS A 377 48.02 65.22 29.18
C LYS A 377 48.60 66.05 28.07
N THR A 378 47.73 66.62 27.26
CA THR A 378 48.16 67.44 26.15
C THR A 378 48.90 68.58 26.73
N VAL A 379 50.03 68.94 26.12
CA VAL A 379 50.78 70.12 26.58
C VAL A 379 49.76 71.21 26.31
N PHE A 380 49.60 72.17 27.18
CA PHE A 380 48.57 73.10 26.87
C PHE A 380 48.71 73.92 25.63
N PRO A 381 47.79 73.68 24.66
CA PRO A 381 47.61 74.26 23.34
C PRO A 381 48.85 74.40 22.44
N GLY A 382 49.49 73.25 22.28
CA GLY A 382 50.70 73.09 21.47
C GLY A 382 51.00 71.60 21.33
N LYS B 17 9.48 -44.63 18.62
CA LYS B 17 9.68 -44.08 19.97
C LYS B 17 9.81 -42.53 19.93
N ALA B 18 10.97 -42.02 20.39
CA ALA B 18 11.23 -40.59 20.42
C ALA B 18 11.66 -40.08 19.05
N CYS B 19 10.83 -40.36 18.03
CA CYS B 19 11.07 -39.88 16.68
C CYS B 19 10.95 -38.38 16.98
N PRO B 20 11.99 -37.57 16.68
CA PRO B 20 12.02 -36.12 16.94
C PRO B 20 10.67 -35.43 16.76
N ARG B 21 10.32 -34.53 17.69
CA ARG B 21 9.01 -33.88 17.61
C ARG B 21 8.96 -32.63 16.73
N PRO B 22 8.15 -32.68 15.65
CA PRO B 22 8.02 -31.56 14.72
C PRO B 22 7.72 -30.28 15.40
N ALA B 23 7.91 -29.21 14.65
CA ALA B 23 7.67 -27.89 15.17
C ALA B 23 6.23 -27.74 15.63
N PRO B 24 5.99 -26.82 16.55
CA PRO B 24 4.66 -26.57 17.10
C PRO B 24 4.07 -25.43 16.34
N VAL B 25 2.97 -25.76 15.73
CA VAL B 25 2.22 -24.88 14.90
C VAL B 25 0.89 -24.84 15.62
N PRO B 26 0.10 -23.82 15.38
CA PRO B 26 -1.20 -23.75 16.04
C PRO B 26 -2.07 -24.82 15.40
N LYS B 27 -2.84 -25.47 16.26
CA LYS B 27 -3.70 -26.57 15.88
C LYS B 27 -5.06 -26.15 15.41
N LEU B 28 -5.36 -26.50 14.17
CA LEU B 28 -6.64 -26.19 13.60
C LEU B 28 -7.67 -27.14 14.14
N LEU B 29 -8.74 -26.59 14.69
CA LEU B 29 -9.81 -27.42 15.22
C LEU B 29 -10.63 -27.99 14.13
N ILE B 30 -11.12 -27.07 13.32
CA ILE B 30 -11.96 -27.47 12.26
C ILE B 30 -12.03 -26.33 11.31
N LYS B 31 -12.22 -26.68 10.05
CA LYS B 31 -12.35 -25.66 9.07
C LYS B 31 -13.64 -25.98 8.40
N GLY B 32 -14.05 -25.07 7.56
CA GLY B 32 -15.29 -25.23 6.82
C GLY B 32 -15.89 -23.84 6.75
N GLY B 33 -17.18 -23.76 6.42
CA GLY B 33 -17.88 -22.48 6.33
C GLY B 33 -18.15 -21.75 7.65
N MET B 34 -19.11 -20.83 7.64
CA MET B 34 -19.40 -20.07 8.85
C MET B 34 -19.80 -20.91 10.05
N GLU B 35 -20.54 -21.97 9.81
CA GLU B 35 -20.97 -22.83 10.89
C GLU B 35 -19.84 -23.32 11.77
N VAL B 36 -18.67 -23.55 11.22
CA VAL B 36 -17.57 -24.00 12.04
C VAL B 36 -17.53 -23.12 13.29
N LEU B 37 -17.85 -21.85 13.11
CA LEU B 37 -17.89 -20.87 14.19
C LEU B 37 -18.80 -21.31 15.31
N ASP B 38 -19.96 -21.81 14.91
CA ASP B 38 -21.01 -22.30 15.81
C ASP B 38 -20.43 -23.03 16.97
N LEU B 39 -19.47 -23.87 16.66
CA LEU B 39 -18.79 -24.67 17.65
C LEU B 39 -18.14 -23.81 18.73
N VAL B 40 -18.29 -24.24 19.98
CA VAL B 40 -17.67 -23.55 21.11
C VAL B 40 -16.23 -23.49 20.72
N THR B 41 -15.59 -22.42 21.08
CA THR B 41 -14.24 -22.30 20.67
C THR B 41 -13.32 -22.45 21.85
N GLY B 42 -13.56 -21.64 22.85
CA GLY B 42 -12.65 -21.67 23.98
C GLY B 42 -12.43 -20.20 24.20
N PRO B 43 -11.19 -19.69 24.42
CA PRO B 43 -11.04 -18.24 24.62
C PRO B 43 -9.86 -17.57 23.92
N ASP B 44 -8.98 -18.37 23.33
CA ASP B 44 -7.81 -17.85 22.63
C ASP B 44 -8.03 -18.24 21.19
N SER B 45 -8.79 -19.30 21.06
CA SER B 45 -9.23 -19.82 19.79
C SER B 45 -9.59 -18.81 18.71
N VAL B 46 -8.69 -18.74 17.75
CA VAL B 46 -8.89 -17.84 16.65
C VAL B 46 -9.61 -18.40 15.47
N THR B 47 -10.16 -17.46 14.73
CA THR B 47 -10.93 -17.77 13.59
C THR B 47 -10.40 -17.05 12.41
N GLU B 48 -10.31 -17.77 11.31
CA GLU B 48 -9.84 -17.18 10.06
C GLU B 48 -10.99 -17.25 9.09
N ILE B 49 -11.36 -16.09 8.57
CA ILE B 49 -12.46 -16.02 7.64
C ILE B 49 -12.04 -15.40 6.35
N GLU B 50 -12.01 -16.24 5.34
CA GLU B 50 -11.69 -15.80 4.00
C GLU B 50 -13.07 -15.58 3.43
N ALA B 51 -13.20 -14.58 2.57
CA ALA B 51 -14.45 -14.23 1.94
C ALA B 51 -14.05 -13.21 0.96
N PHE B 52 -15.04 -12.53 0.42
CA PHE B 52 -14.69 -11.54 -0.58
C PHE B 52 -15.93 -10.85 -0.98
N LEU B 53 -15.73 -9.73 -1.64
CA LEU B 53 -16.84 -8.93 -2.11
C LEU B 53 -16.64 -8.87 -3.60
N ASN B 54 -17.74 -8.91 -4.35
CA ASN B 54 -17.65 -8.81 -5.81
C ASN B 54 -17.85 -7.30 -6.01
N PRO B 55 -17.23 -6.71 -7.03
CA PRO B 55 -17.27 -5.28 -7.38
C PRO B 55 -18.56 -4.80 -7.94
N ARG B 56 -19.45 -4.32 -7.11
CA ARG B 56 -20.68 -3.89 -7.72
C ARG B 56 -20.76 -2.40 -8.00
N MET B 57 -20.46 -2.09 -9.27
CA MET B 57 -20.45 -0.75 -9.83
C MET B 57 -21.28 -0.73 -11.11
N GLY B 58 -22.52 -0.27 -10.99
CA GLY B 58 -23.45 -0.18 -12.13
C GLY B 58 -24.40 -1.33 -12.45
N GLN B 59 -24.07 -2.06 -13.50
CA GLN B 59 -24.86 -3.20 -13.95
C GLN B 59 -24.81 -4.25 -12.88
N PRO B 60 -25.98 -4.64 -12.39
CA PRO B 60 -26.18 -5.64 -11.35
C PRO B 60 -26.07 -7.00 -11.97
N PRO B 61 -25.98 -8.00 -11.11
CA PRO B 61 -25.87 -9.44 -11.42
C PRO B 61 -27.02 -10.04 -12.22
N THR B 62 -28.23 -9.86 -11.70
CA THR B 62 -29.49 -10.38 -12.25
C THR B 62 -29.74 -10.56 -13.72
N PRO B 63 -29.34 -9.59 -14.57
CA PRO B 63 -29.63 -9.92 -15.95
C PRO B 63 -28.62 -11.01 -16.34
N GLU B 64 -28.83 -12.21 -15.82
CA GLU B 64 -27.93 -13.31 -16.03
C GLU B 64 -27.60 -13.55 -17.46
N SER B 65 -28.55 -13.35 -18.35
CA SER B 65 -28.21 -13.62 -19.72
C SER B 65 -27.32 -12.55 -20.26
N LEU B 66 -26.26 -13.04 -20.85
CA LEU B 66 -25.23 -12.20 -21.42
C LEU B 66 -25.72 -11.45 -22.64
N THR B 67 -27.02 -11.50 -22.88
CA THR B 67 -27.59 -10.82 -24.01
C THR B 67 -28.42 -9.67 -23.50
N GLU B 68 -29.31 -10.01 -22.58
CA GLU B 68 -30.24 -9.04 -21.97
C GLU B 68 -29.53 -8.04 -21.08
N GLY B 69 -28.49 -8.50 -20.40
CA GLY B 69 -27.74 -7.59 -19.59
C GLY B 69 -26.44 -7.38 -20.30
N GLY B 70 -26.34 -8.00 -21.49
CA GLY B 70 -25.15 -7.95 -22.35
C GLY B 70 -23.93 -8.38 -21.56
N GLN B 71 -24.17 -8.66 -20.28
CA GLN B 71 -23.18 -9.01 -19.33
C GLN B 71 -21.98 -8.18 -19.25
N TYR B 72 -22.47 -7.09 -18.72
CA TYR B 72 -21.73 -5.95 -18.41
C TYR B 72 -21.53 -6.17 -16.94
N TYR B 73 -21.87 -7.37 -16.48
CA TYR B 73 -21.70 -7.62 -15.07
C TYR B 73 -20.32 -7.21 -14.68
N GLY B 74 -20.27 -6.29 -13.73
CA GLY B 74 -18.99 -5.79 -13.23
C GLY B 74 -18.43 -4.81 -14.21
N TRP B 75 -19.32 -3.95 -14.65
CA TRP B 75 -18.98 -2.96 -15.60
C TRP B 75 -20.03 -1.88 -15.49
N SER B 76 -19.57 -0.65 -15.68
CA SER B 76 -20.44 0.51 -15.62
C SER B 76 -21.12 0.34 -16.93
N ARG B 77 -22.44 0.42 -16.92
CA ARG B 77 -23.20 0.25 -18.13
C ARG B 77 -22.60 1.06 -19.27
N GLY B 78 -23.12 2.23 -19.55
CA GLY B 78 -22.51 3.02 -20.60
C GLY B 78 -22.26 4.27 -19.85
N ILE B 79 -21.72 5.30 -20.47
CA ILE B 79 -21.55 6.49 -19.71
C ILE B 79 -22.50 7.57 -20.15
N ASN B 80 -23.46 7.79 -19.28
CA ASN B 80 -24.49 8.77 -19.48
C ASN B 80 -23.94 10.14 -19.20
N LEU B 81 -23.84 10.97 -20.22
CA LEU B 81 -23.30 12.31 -20.08
C LEU B 81 -24.23 13.34 -19.47
N ALA B 82 -24.11 14.57 -19.94
CA ALA B 82 -24.96 15.61 -19.44
C ALA B 82 -25.36 16.54 -20.60
N THR B 83 -26.51 17.18 -20.44
CA THR B 83 -27.07 18.11 -21.39
C THR B 83 -26.09 19.23 -21.62
N SER B 84 -25.72 19.83 -20.51
CA SER B 84 -24.78 20.91 -20.46
C SER B 84 -24.95 21.46 -19.09
N ASP B 85 -23.89 22.10 -18.59
CA ASP B 85 -23.79 22.72 -17.26
C ASP B 85 -25.08 22.71 -16.47
N THR B 86 -26.15 23.13 -17.11
CA THR B 86 -27.47 23.18 -16.51
C THR B 86 -28.02 21.82 -16.06
N GLU B 87 -27.91 20.85 -16.96
CA GLU B 87 -28.45 19.54 -16.73
C GLU B 87 -27.39 18.45 -16.79
N ASP B 88 -27.24 17.78 -15.66
CA ASP B 88 -26.35 16.64 -15.55
C ASP B 88 -27.05 15.58 -14.77
N SER B 89 -27.57 14.63 -15.49
CA SER B 89 -28.20 13.56 -14.81
C SER B 89 -27.37 12.41 -15.32
N PRO B 90 -26.87 11.59 -14.39
CA PRO B 90 -26.05 10.42 -14.72
C PRO B 90 -27.07 9.32 -14.96
N GLY B 91 -26.64 8.08 -14.78
CA GLY B 91 -27.56 6.98 -14.97
C GLY B 91 -27.35 6.06 -13.79
N ASN B 92 -28.32 5.22 -13.47
CA ASN B 92 -28.06 4.39 -12.33
C ASN B 92 -27.12 3.20 -12.57
N ASN B 93 -26.46 3.24 -13.71
CA ASN B 93 -25.51 2.20 -14.07
C ASN B 93 -24.33 2.89 -14.73
N THR B 94 -24.34 4.20 -14.58
CA THR B 94 -23.28 5.06 -15.03
C THR B 94 -22.74 5.42 -13.69
N LEU B 95 -23.08 4.59 -12.71
CA LEU B 95 -22.68 4.89 -11.39
C LEU B 95 -22.18 3.78 -10.51
N PRO B 96 -20.88 3.73 -10.38
CA PRO B 96 -20.17 2.77 -9.57
C PRO B 96 -20.45 3.18 -8.12
N THR B 97 -20.82 2.14 -7.38
CA THR B 97 -21.24 2.21 -5.99
C THR B 97 -20.45 1.42 -4.99
N TRP B 98 -20.40 1.94 -3.77
CA TRP B 98 -19.69 1.31 -2.66
C TRP B 98 -20.16 -0.11 -2.41
N SER B 99 -19.27 -1.08 -2.66
CA SER B 99 -19.53 -2.52 -2.46
C SER B 99 -19.24 -2.91 -0.98
N MET B 100 -20.10 -3.74 -0.38
CA MET B 100 -19.91 -4.15 1.03
C MET B 100 -20.75 -5.35 1.53
N ALA B 101 -20.54 -5.75 2.79
CA ALA B 101 -21.29 -6.84 3.44
C ALA B 101 -20.96 -6.97 4.92
N LYS B 102 -21.72 -7.81 5.60
CA LYS B 102 -21.49 -8.04 7.02
C LYS B 102 -21.51 -9.52 7.34
N LEU B 103 -20.50 -9.96 8.05
CA LEU B 103 -20.35 -11.34 8.43
C LEU B 103 -21.01 -11.48 9.77
N GLN B 104 -21.88 -12.48 9.92
CA GLN B 104 -22.51 -12.61 11.20
C GLN B 104 -21.87 -13.64 12.05
N LEU B 105 -21.35 -13.22 13.19
CA LEU B 105 -20.66 -14.13 14.09
C LEU B 105 -21.42 -14.56 15.32
N PRO B 106 -20.92 -15.60 16.00
CA PRO B 106 -21.53 -16.14 17.22
C PRO B 106 -21.43 -15.12 18.30
N MET B 107 -22.17 -15.35 19.37
CA MET B 107 -22.13 -14.48 20.53
C MET B 107 -21.20 -15.21 21.45
N LEU B 108 -20.50 -14.44 22.26
CA LEU B 108 -19.55 -15.06 23.13
C LEU B 108 -20.11 -14.93 24.52
N ASN B 109 -19.26 -15.10 25.51
CA ASN B 109 -19.69 -15.07 26.90
C ASN B 109 -19.73 -13.73 27.62
N GLU B 110 -20.36 -13.80 28.80
CA GLU B 110 -20.57 -12.69 29.76
C GLU B 110 -20.06 -13.05 31.13
N ASP B 111 -20.24 -12.08 32.01
CA ASP B 111 -19.83 -12.20 33.37
C ASP B 111 -20.44 -10.98 34.03
N LEU B 112 -21.76 -11.01 34.16
CA LEU B 112 -22.53 -9.92 34.78
C LEU B 112 -21.98 -9.74 36.17
N THR B 113 -21.22 -10.75 36.56
CA THR B 113 -20.49 -10.87 37.82
C THR B 113 -19.48 -9.71 37.93
N CYS B 114 -18.51 -9.67 37.02
CA CYS B 114 -17.46 -8.65 36.96
C CYS B 114 -17.82 -7.65 35.90
N ASP B 115 -19.08 -7.67 35.50
CA ASP B 115 -19.63 -6.83 34.45
C ASP B 115 -18.66 -6.68 33.31
N THR B 116 -18.27 -7.80 32.73
CA THR B 116 -17.31 -7.76 31.67
C THR B 116 -17.70 -8.74 30.62
N LEU B 117 -17.52 -8.40 29.36
CA LEU B 117 -17.88 -9.34 28.32
C LEU B 117 -16.82 -9.40 27.27
N GLN B 118 -16.83 -10.48 26.49
CA GLN B 118 -15.86 -10.64 25.42
C GLN B 118 -16.52 -10.38 24.07
N MET B 119 -15.76 -9.80 23.13
CA MET B 119 -16.29 -9.51 21.79
C MET B 119 -15.36 -10.02 20.69
N TRP B 120 -15.91 -9.99 19.47
CA TRP B 120 -15.17 -10.44 18.29
C TRP B 120 -14.32 -9.29 17.80
N GLU B 121 -13.01 -9.43 18.04
CA GLU B 121 -12.06 -8.40 17.71
C GLU B 121 -11.16 -8.81 16.59
N ALA B 122 -11.29 -8.08 15.48
CA ALA B 122 -10.47 -8.32 14.31
C ALA B 122 -9.13 -7.73 14.59
N VAL B 123 -8.16 -8.40 13.98
CA VAL B 123 -6.79 -8.06 14.18
C VAL B 123 -6.03 -7.65 12.94
N SER B 124 -5.98 -8.58 12.02
CA SER B 124 -5.28 -8.37 10.80
C SER B 124 -6.17 -8.83 9.70
N VAL B 125 -5.69 -8.66 8.50
CA VAL B 125 -6.50 -9.04 7.41
C VAL B 125 -5.65 -8.96 6.20
N LYS B 126 -5.71 -10.00 5.40
CA LYS B 126 -5.00 -9.92 4.15
C LYS B 126 -6.15 -9.67 3.24
N THR B 127 -5.87 -8.98 2.15
CA THR B 127 -6.88 -8.79 1.13
C THR B 127 -6.13 -8.75 -0.17
N GLU B 128 -6.88 -8.86 -1.27
CA GLU B 128 -6.28 -8.85 -2.58
C GLU B 128 -7.33 -8.73 -3.66
N VAL B 129 -7.04 -7.93 -4.66
CA VAL B 129 -7.99 -7.76 -5.71
C VAL B 129 -7.62 -8.68 -6.78
N VAL B 130 -8.59 -9.44 -7.23
CA VAL B 130 -8.18 -10.37 -8.19
C VAL B 130 -8.71 -10.25 -9.50
N GLY B 131 -7.83 -10.55 -10.44
CA GLY B 131 -8.23 -10.53 -11.82
C GLY B 131 -7.49 -9.56 -12.66
N SER B 132 -6.42 -9.05 -12.11
CA SER B 132 -5.62 -8.09 -12.83
C SER B 132 -5.21 -8.68 -14.14
N GLY B 133 -5.16 -10.01 -14.18
CA GLY B 133 -4.81 -10.71 -15.41
C GLY B 133 -5.82 -10.46 -16.52
N SER B 134 -7.09 -10.41 -16.13
CA SER B 134 -8.15 -10.17 -17.07
C SER B 134 -7.86 -8.98 -17.99
N LEU B 135 -7.07 -8.04 -17.53
CA LEU B 135 -6.84 -6.86 -18.35
C LEU B 135 -5.70 -7.04 -19.35
N LEU B 136 -5.58 -8.28 -19.81
CA LEU B 136 -4.58 -8.66 -20.79
C LEU B 136 -5.29 -9.20 -22.03
N ASP B 137 -6.61 -9.12 -21.96
CA ASP B 137 -7.43 -9.52 -23.09
C ASP B 137 -7.34 -8.30 -23.90
N VAL B 138 -6.91 -8.47 -25.13
CA VAL B 138 -6.77 -7.35 -26.03
C VAL B 138 -7.39 -7.51 -27.39
N HIS B 139 -8.21 -8.54 -27.55
CA HIS B 139 -8.99 -8.72 -28.77
C HIS B 139 -10.33 -8.16 -28.31
N GLY B 140 -11.44 -8.66 -28.81
CA GLY B 140 -12.74 -8.11 -28.41
C GLY B 140 -12.97 -6.74 -29.05
N PHE B 141 -14.17 -6.18 -29.05
CA PHE B 141 -14.30 -4.88 -29.70
C PHE B 141 -14.32 -3.60 -28.89
N ASN B 142 -13.12 -3.11 -28.64
CA ASN B 142 -12.91 -1.86 -27.98
C ASN B 142 -12.36 -1.05 -29.12
N LYS B 143 -12.10 0.21 -28.86
CA LYS B 143 -11.53 1.06 -29.87
C LYS B 143 -10.21 0.39 -30.18
N PRO B 144 -9.91 0.22 -31.45
CA PRO B 144 -8.64 -0.42 -31.79
C PRO B 144 -7.51 0.56 -31.56
N THR B 145 -6.30 0.04 -31.58
CA THR B 145 -5.13 0.87 -31.41
C THR B 145 -5.15 1.86 -32.55
N ASP B 146 -5.04 1.32 -33.77
CA ASP B 146 -5.06 2.11 -34.98
C ASP B 146 -6.49 2.16 -35.46
N THR B 147 -7.14 3.25 -35.13
CA THR B 147 -8.52 3.48 -35.51
C THR B 147 -8.66 3.46 -37.01
N VAL B 148 -7.74 4.20 -37.63
CA VAL B 148 -7.66 4.39 -39.07
C VAL B 148 -7.98 3.18 -39.93
N ASN B 149 -7.06 2.23 -40.01
CA ASN B 149 -7.28 1.04 -40.80
C ASN B 149 -8.05 0.07 -39.95
N THR B 150 -8.50 0.58 -38.81
CA THR B 150 -9.27 -0.16 -37.83
C THR B 150 -8.50 -1.41 -37.56
N LYS B 151 -7.38 -1.22 -36.90
CA LYS B 151 -6.52 -2.31 -36.57
C LYS B 151 -5.76 -2.10 -35.28
N GLY B 152 -4.98 -3.10 -34.90
CA GLY B 152 -4.19 -3.03 -33.70
C GLY B 152 -4.58 -4.01 -32.62
N ILE B 153 -4.96 -3.43 -31.49
CA ILE B 153 -5.34 -4.14 -30.29
C ILE B 153 -6.61 -3.53 -29.84
N SER B 154 -7.50 -4.32 -29.28
CA SER B 154 -8.69 -3.69 -28.78
C SER B 154 -8.33 -3.26 -27.39
N THR B 155 -7.95 -1.99 -27.40
CA THR B 155 -7.52 -1.19 -26.30
C THR B 155 -7.98 -1.56 -24.92
N PRO B 156 -6.99 -1.86 -24.02
CA PRO B 156 -7.15 -2.25 -22.62
C PRO B 156 -7.78 -1.20 -21.77
N VAL B 157 -8.14 -1.63 -20.58
CA VAL B 157 -8.74 -0.72 -19.67
C VAL B 157 -7.67 0.26 -19.38
N GLU B 158 -8.07 1.51 -19.24
CA GLU B 158 -7.16 2.58 -18.92
C GLU B 158 -8.03 3.55 -18.14
N GLY B 159 -7.48 4.70 -17.77
CA GLY B 159 -8.25 5.71 -17.08
C GLY B 159 -8.06 5.76 -15.58
N SER B 160 -8.84 6.62 -14.90
CA SER B 160 -8.74 6.74 -13.45
C SER B 160 -9.04 5.41 -12.73
N GLN B 161 -8.46 5.22 -11.57
CA GLN B 161 -8.75 4.00 -10.85
C GLN B 161 -8.85 4.38 -9.38
N TYR B 162 -9.44 3.49 -8.60
CA TYR B 162 -9.66 3.75 -7.19
C TYR B 162 -9.94 2.42 -6.55
N HIS B 163 -9.27 2.22 -5.43
CA HIS B 163 -9.41 1.02 -4.65
C HIS B 163 -9.40 1.56 -3.25
N VAL B 164 -10.32 1.11 -2.43
CA VAL B 164 -10.39 1.57 -1.06
C VAL B 164 -11.14 0.48 -0.40
N PHE B 165 -10.86 0.28 0.87
CA PHE B 165 -11.61 -0.69 1.59
C PHE B 165 -11.46 -0.44 3.06
N ALA B 166 -12.33 -1.09 3.78
CA ALA B 166 -12.33 -0.96 5.19
C ALA B 166 -12.79 -2.23 5.79
N VAL B 167 -12.51 -2.32 7.08
CA VAL B 167 -12.87 -3.46 7.89
C VAL B 167 -13.34 -2.93 9.23
N GLY B 168 -14.58 -3.19 9.60
CA GLY B 168 -15.06 -2.70 10.89
C GLY B 168 -16.00 -3.49 11.77
N GLY B 169 -16.06 -3.06 13.04
CA GLY B 169 -16.92 -3.66 14.04
C GLY B 169 -18.29 -3.03 14.09
N GLU B 170 -18.58 -2.26 13.05
CA GLU B 170 -19.83 -1.57 12.83
C GLU B 170 -19.67 -1.10 11.41
N PRO B 171 -20.75 -0.67 10.77
CA PRO B 171 -20.67 -0.23 9.37
C PRO B 171 -19.72 0.94 9.22
N LEU B 172 -19.42 1.24 7.96
CA LEU B 172 -18.51 2.31 7.65
C LEU B 172 -19.18 3.67 7.77
N ASP B 173 -18.56 4.58 8.51
CA ASP B 173 -19.11 5.93 8.68
C ASP B 173 -18.57 6.72 7.48
N LEU B 174 -19.47 7.33 6.73
CA LEU B 174 -19.05 8.07 5.55
C LEU B 174 -19.49 9.53 5.45
N GLN B 175 -18.96 10.19 4.41
CA GLN B 175 -19.19 11.59 4.17
C GLN B 175 -19.33 11.92 2.72
N GLY B 176 -20.31 12.71 2.43
CA GLY B 176 -20.55 13.04 1.06
C GLY B 176 -20.00 14.40 0.73
N LEU B 177 -19.36 14.46 -0.44
CA LEU B 177 -18.82 15.67 -1.13
C LEU B 177 -18.92 15.31 -2.54
N VAL B 178 -19.24 16.31 -3.32
CA VAL B 178 -19.45 16.04 -4.71
C VAL B 178 -18.84 17.15 -5.51
N THR B 179 -18.78 16.92 -6.82
CA THR B 179 -18.31 17.89 -7.77
C THR B 179 -19.43 18.95 -7.93
N ASP B 180 -20.53 18.63 -8.61
CA ASP B 180 -21.62 19.61 -8.79
C ASP B 180 -22.88 19.32 -8.06
N ALA B 181 -23.18 20.14 -7.05
CA ALA B 181 -24.37 19.94 -6.23
C ALA B 181 -25.68 19.97 -7.03
N ARG B 182 -25.54 20.14 -8.32
CA ARG B 182 -26.66 20.22 -9.22
C ARG B 182 -26.93 18.90 -9.93
N THR B 183 -26.03 17.95 -9.84
CA THR B 183 -26.24 16.69 -10.53
C THR B 183 -27.56 16.06 -10.16
N LYS B 184 -28.26 15.70 -11.21
CA LYS B 184 -29.56 15.10 -11.13
C LYS B 184 -29.48 13.62 -10.83
N TYR B 185 -29.16 13.32 -9.59
CA TYR B 185 -29.10 11.93 -9.18
C TYR B 185 -30.54 11.55 -9.05
N LYS B 186 -30.85 10.28 -9.19
CA LYS B 186 -32.21 9.85 -9.09
C LYS B 186 -32.51 9.68 -7.64
N GLU B 187 -33.75 9.94 -7.30
CA GLU B 187 -34.18 9.83 -5.93
C GLU B 187 -34.35 8.36 -5.74
N GLU B 188 -34.56 7.70 -6.87
CA GLU B 188 -34.81 6.30 -6.91
C GLU B 188 -33.64 5.37 -7.20
N GLY B 189 -33.44 4.38 -6.31
CA GLY B 189 -32.40 3.36 -6.46
C GLY B 189 -30.93 3.65 -6.19
N VAL B 190 -30.67 4.66 -5.38
CA VAL B 190 -29.30 5.03 -5.06
C VAL B 190 -29.39 6.03 -3.94
N VAL B 191 -28.43 5.96 -3.04
CA VAL B 191 -28.48 6.90 -1.94
C VAL B 191 -27.65 8.13 -2.20
N THR B 192 -28.33 9.24 -2.30
CA THR B 192 -27.65 10.47 -2.53
C THR B 192 -27.86 11.35 -1.33
N ILE B 193 -26.94 12.27 -1.17
CA ILE B 193 -26.95 13.26 -0.10
C ILE B 193 -28.35 13.69 0.27
N LYS B 194 -29.19 13.74 -0.76
CA LYS B 194 -30.58 14.11 -0.62
C LYS B 194 -31.26 12.98 0.07
N THR B 195 -31.34 11.86 -0.64
CA THR B 195 -31.97 10.65 -0.16
C THR B 195 -31.76 10.52 1.34
N ILE B 196 -30.59 10.94 1.79
CA ILE B 196 -30.29 10.92 3.21
C ILE B 196 -30.83 12.16 3.92
N THR B 197 -30.43 13.33 3.45
CA THR B 197 -30.97 14.50 4.08
C THR B 197 -31.94 14.98 3.07
N LYS B 198 -33.16 14.61 3.35
CA LYS B 198 -34.29 14.93 2.52
C LYS B 198 -34.02 16.04 1.50
N LYS B 199 -33.75 17.23 2.01
CA LYS B 199 -33.51 18.41 1.19
C LYS B 199 -32.41 18.26 0.16
N ASP B 200 -32.37 19.21 -0.78
CA ASP B 200 -31.38 19.17 -1.83
C ASP B 200 -29.95 19.53 -1.45
N MET B 201 -29.07 19.46 -2.43
CA MET B 201 -27.66 19.74 -2.24
C MET B 201 -27.43 21.21 -2.24
N VAL B 202 -26.28 21.61 -1.73
CA VAL B 202 -25.90 23.01 -1.68
C VAL B 202 -24.44 23.04 -2.05
N ASN B 203 -23.88 24.22 -2.24
CA ASN B 203 -22.46 24.32 -2.56
C ASN B 203 -21.65 23.61 -1.45
N LYS B 204 -22.11 23.68 -0.21
CA LYS B 204 -21.41 23.06 0.90
C LYS B 204 -21.15 21.58 0.69
N ASP B 205 -22.17 20.83 0.29
CA ASP B 205 -22.04 19.40 0.05
C ASP B 205 -20.84 19.26 -0.85
N GLN B 206 -20.90 20.00 -1.95
CA GLN B 206 -19.87 20.04 -2.93
C GLN B 206 -18.46 20.21 -2.38
N VAL B 207 -18.31 20.53 -1.10
CA VAL B 207 -16.96 20.63 -0.54
C VAL B 207 -16.80 19.88 0.78
N LEU B 208 -17.47 20.27 1.83
CA LEU B 208 -17.40 19.42 3.00
C LEU B 208 -18.67 19.67 3.74
N ASN B 209 -19.72 18.96 3.37
CA ASN B 209 -20.95 19.17 4.10
C ASN B 209 -21.00 18.32 5.36
N PRO B 210 -20.72 18.92 6.50
CA PRO B 210 -20.72 18.24 7.79
C PRO B 210 -22.07 17.65 8.10
N ILE B 211 -23.02 17.91 7.22
CA ILE B 211 -24.33 17.38 7.40
C ILE B 211 -24.38 16.15 6.57
N SER B 212 -23.90 16.28 5.35
CA SER B 212 -23.89 15.18 4.42
C SER B 212 -22.98 14.07 4.91
N LYS B 213 -23.48 13.34 5.90
CA LYS B 213 -22.81 12.22 6.56
C LYS B 213 -23.81 11.07 6.59
N ALA B 214 -23.42 9.89 6.17
CA ALA B 214 -24.35 8.78 6.25
C ALA B 214 -23.67 7.58 6.87
N LYS B 215 -24.28 6.42 6.72
CA LYS B 215 -23.68 5.20 7.20
C LYS B 215 -23.74 4.27 6.03
N LEU B 216 -22.90 3.25 5.99
CA LEU B 216 -22.93 2.32 4.89
C LEU B 216 -24.04 1.29 5.09
N ASP B 217 -25.25 1.74 5.43
CA ASP B 217 -26.30 0.79 5.71
C ASP B 217 -26.76 -0.01 4.55
N LYS B 218 -26.43 0.38 3.34
CA LYS B 218 -26.88 -0.43 2.24
C LYS B 218 -25.75 -0.97 1.50
N ASP B 219 -25.99 -1.35 0.28
CA ASP B 219 -24.95 -1.90 -0.51
C ASP B 219 -25.14 -1.58 -1.96
N GLY B 220 -24.04 -1.51 -2.72
CA GLY B 220 -24.08 -1.22 -4.15
C GLY B 220 -25.03 -0.06 -4.30
N MET B 221 -25.07 0.76 -3.25
CA MET B 221 -26.00 1.85 -3.24
C MET B 221 -25.46 3.22 -3.17
N TYR B 222 -24.65 3.50 -2.17
CA TYR B 222 -24.12 4.84 -2.16
C TYR B 222 -23.03 4.69 -3.18
N PRO B 223 -22.98 5.59 -4.15
CA PRO B 223 -21.96 5.55 -5.21
C PRO B 223 -20.72 6.14 -4.62
N VAL B 224 -19.60 5.81 -5.23
CA VAL B 224 -18.35 6.30 -4.69
C VAL B 224 -18.12 7.67 -5.15
N GLU B 225 -18.84 8.02 -6.21
CA GLU B 225 -18.73 9.34 -6.77
C GLU B 225 -19.12 10.42 -5.72
N ILE B 226 -19.83 9.99 -4.67
CA ILE B 226 -20.31 10.88 -3.59
C ILE B 226 -19.78 10.66 -2.18
N TRP B 227 -20.07 9.46 -1.72
CA TRP B 227 -19.74 9.04 -0.40
C TRP B 227 -18.31 8.63 -0.20
N HIS B 228 -17.75 9.16 0.87
CA HIS B 228 -16.37 8.88 1.17
C HIS B 228 -16.20 8.49 2.57
N PRO B 229 -15.16 7.71 2.80
CA PRO B 229 -14.85 7.25 4.15
C PRO B 229 -14.64 8.57 4.83
N ASP B 230 -15.48 8.82 5.82
CA ASP B 230 -15.38 10.08 6.52
C ASP B 230 -14.51 9.86 7.69
N PRO B 231 -13.47 10.69 7.86
CA PRO B 231 -12.61 10.53 9.03
C PRO B 231 -13.37 11.13 10.17
N ALA B 232 -14.45 10.46 10.56
CA ALA B 232 -15.21 10.93 11.69
C ALA B 232 -14.11 10.93 12.76
N LYS B 233 -14.28 11.86 13.67
CA LYS B 233 -13.43 12.02 14.81
C LYS B 233 -13.40 10.71 15.56
N ASN B 234 -14.36 9.85 15.21
CA ASN B 234 -14.57 8.49 15.79
C ASN B 234 -14.72 7.40 14.72
N GLU B 235 -14.16 6.20 15.02
CA GLU B 235 -14.19 5.06 14.10
C GLU B 235 -13.70 3.69 14.69
N ASN B 236 -14.38 2.60 14.31
CA ASN B 236 -14.07 1.20 14.72
C ASN B 236 -13.88 0.40 13.41
N THR B 237 -13.58 1.13 12.33
CA THR B 237 -13.33 0.55 11.02
C THR B 237 -11.92 1.01 10.67
N ARG B 238 -11.26 0.29 9.81
CA ARG B 238 -9.95 0.68 9.40
C ARG B 238 -10.18 0.68 7.95
N TYR B 239 -9.68 1.70 7.31
CA TYR B 239 -9.93 1.74 5.90
C TYR B 239 -8.83 2.48 5.32
N PHE B 240 -8.79 2.31 4.01
CA PHE B 240 -7.81 2.94 3.19
C PHE B 240 -8.01 2.58 1.78
N GLY B 241 -7.35 3.41 0.97
CA GLY B 241 -7.37 3.31 -0.46
C GLY B 241 -6.79 4.58 -1.04
N ASN B 242 -6.97 4.73 -2.34
CA ASN B 242 -6.45 5.87 -3.05
C ASN B 242 -7.02 6.18 -4.45
N TYR B 243 -6.84 7.43 -4.83
CA TYR B 243 -7.32 7.90 -6.08
C TYR B 243 -6.16 8.01 -7.01
N THR B 244 -6.44 7.87 -8.28
CA THR B 244 -5.44 7.96 -9.31
C THR B 244 -6.27 8.39 -10.47
N GLY B 245 -6.28 9.70 -10.68
CA GLY B 245 -7.05 10.29 -11.75
C GLY B 245 -6.54 10.10 -13.14
N GLY B 246 -7.16 10.79 -14.09
CA GLY B 246 -6.66 10.64 -15.43
C GLY B 246 -7.54 9.93 -16.44
N THR B 247 -7.10 10.07 -17.67
CA THR B 247 -7.83 9.56 -18.79
C THR B 247 -7.29 8.34 -19.49
N THR B 248 -5.97 8.27 -19.61
CA THR B 248 -5.21 7.17 -20.27
C THR B 248 -4.47 6.35 -19.25
N THR B 249 -4.27 7.01 -18.13
CA THR B 249 -3.64 6.50 -16.94
C THR B 249 -3.68 4.96 -16.84
N PRO B 250 -2.49 4.31 -16.78
CA PRO B 250 -2.35 2.86 -16.68
C PRO B 250 -2.72 2.24 -15.36
N PRO B 251 -3.47 1.15 -15.45
CA PRO B 251 -3.97 0.36 -14.33
C PRO B 251 -2.84 -0.40 -13.69
N VAL B 252 -2.78 -0.38 -12.38
CA VAL B 252 -1.72 -1.13 -11.74
C VAL B 252 -2.14 -1.84 -10.51
N LEU B 253 -1.66 -3.07 -10.40
CA LEU B 253 -2.07 -3.91 -9.30
C LEU B 253 -1.08 -4.87 -8.72
N GLN B 254 -1.47 -5.37 -7.54
CA GLN B 254 -0.70 -6.27 -6.65
C GLN B 254 -1.07 -7.70 -6.29
N PHE B 255 -0.53 -8.59 -7.07
CA PHE B 255 -0.78 -9.95 -6.81
C PHE B 255 -0.01 -10.56 -5.68
N THR B 256 -0.60 -10.57 -4.49
CA THR B 256 0.05 -11.31 -3.42
C THR B 256 -0.62 -11.88 -2.17
N ASN B 257 -0.28 -13.16 -1.98
CA ASN B 257 -0.75 -14.02 -0.91
C ASN B 257 0.25 -13.97 0.23
N THR B 258 1.07 -12.95 0.26
CA THR B 258 2.06 -12.91 1.29
C THR B 258 1.78 -12.02 2.48
N LEU B 259 1.11 -10.90 2.21
CA LEU B 259 0.87 -9.91 3.25
C LEU B 259 -0.39 -9.66 4.02
N THR B 260 -0.17 -9.51 5.32
CA THR B 260 -1.22 -9.26 6.26
C THR B 260 -1.10 -7.87 6.76
N THR B 261 -2.23 -7.38 7.24
CA THR B 261 -2.34 -6.04 7.75
C THR B 261 -3.05 -5.94 9.01
N VAL B 262 -2.64 -4.92 9.74
CA VAL B 262 -3.18 -4.75 11.03
C VAL B 262 -4.25 -3.78 11.36
N LEU B 263 -5.38 -4.39 11.59
CA LEU B 263 -6.59 -3.71 11.99
C LEU B 263 -6.30 -3.25 13.42
N LEU B 264 -5.22 -3.75 14.02
CA LEU B 264 -4.94 -3.32 15.37
C LEU B 264 -4.80 -1.85 15.45
N ASP B 265 -5.36 -1.34 16.54
CA ASP B 265 -5.35 0.07 16.74
C ASP B 265 -4.11 0.54 17.48
N GLU B 266 -4.12 1.77 17.97
CA GLU B 266 -2.99 2.34 18.66
C GLU B 266 -2.84 1.81 20.07
N ASN B 267 -3.86 1.13 20.58
CA ASN B 267 -3.78 0.62 21.93
C ASN B 267 -3.78 -0.87 21.89
N GLY B 268 -3.63 -1.38 20.67
CA GLY B 268 -3.60 -2.80 20.44
C GLY B 268 -5.00 -3.29 20.52
N VAL B 269 -5.84 -2.84 19.60
CA VAL B 269 -7.21 -3.22 19.65
C VAL B 269 -7.90 -3.67 18.42
N GLY B 270 -7.69 -3.00 17.31
CA GLY B 270 -8.42 -3.49 16.17
C GLY B 270 -9.91 -3.23 16.35
N PRO B 271 -10.69 -3.70 15.40
CA PRO B 271 -12.09 -3.43 15.61
C PRO B 271 -12.65 -4.51 16.48
N LEU B 272 -13.85 -4.27 16.98
CA LEU B 272 -14.59 -5.20 17.84
C LEU B 272 -15.94 -5.16 17.26
N CYS B 273 -16.46 -6.31 16.88
CA CYS B 273 -17.74 -6.35 16.26
C CYS B 273 -18.82 -6.25 17.29
N LYS B 274 -19.40 -5.05 17.39
CA LYS B 274 -20.53 -4.82 18.30
C LYS B 274 -21.69 -5.24 17.39
N GLY B 275 -22.50 -6.18 17.88
CA GLY B 275 -23.54 -6.74 17.04
C GLY B 275 -22.51 -7.71 16.53
N GLU B 276 -22.65 -8.97 16.87
CA GLU B 276 -21.64 -9.94 16.51
C GLU B 276 -21.19 -10.02 15.03
N GLY B 277 -21.33 -8.88 14.32
CA GLY B 277 -20.98 -8.76 12.91
C GLY B 277 -19.72 -8.00 12.56
N LEU B 278 -19.09 -8.51 11.53
CA LEU B 278 -17.86 -8.00 11.00
C LEU B 278 -18.29 -7.33 9.73
N TYR B 279 -17.72 -6.18 9.42
CA TYR B 279 -18.12 -5.44 8.25
C TYR B 279 -17.02 -5.18 7.21
N LEU B 280 -17.26 -5.66 6.00
CA LEU B 280 -16.28 -5.46 4.95
C LEU B 280 -16.84 -4.52 3.91
N SER B 281 -16.00 -3.58 3.48
CA SER B 281 -16.45 -2.58 2.55
C SER B 281 -15.27 -2.23 1.68
N CYS B 282 -15.51 -1.99 0.39
CA CYS B 282 -14.43 -1.68 -0.55
C CYS B 282 -14.84 -1.32 -1.98
N VAL B 283 -13.92 -0.78 -2.76
CA VAL B 283 -14.19 -0.35 -4.16
C VAL B 283 -13.00 -0.55 -5.03
N ASP B 284 -13.20 -1.05 -6.24
CA ASP B 284 -12.03 -1.29 -7.08
C ASP B 284 -12.08 -1.01 -8.55
N ILE B 285 -12.06 0.26 -8.83
CA ILE B 285 -12.12 0.71 -10.17
C ILE B 285 -10.80 0.55 -10.80
N MET B 286 -10.82 0.00 -11.99
CA MET B 286 -9.61 -0.18 -12.72
C MET B 286 -9.50 0.88 -13.78
N GLY B 287 -10.65 1.32 -14.26
CA GLY B 287 -10.69 2.33 -15.31
C GLY B 287 -11.72 2.04 -16.40
N TRP B 288 -11.80 2.92 -17.40
CA TRP B 288 -12.76 2.74 -18.46
C TRP B 288 -12.33 1.79 -19.54
N ARG B 289 -13.28 0.95 -19.93
CA ARG B 289 -13.14 0.04 -21.05
C ARG B 289 -13.76 0.96 -22.11
N VAL B 290 -13.30 0.97 -23.38
CA VAL B 290 -13.91 1.80 -24.44
C VAL B 290 -14.39 1.21 -25.71
N THR B 291 -15.68 1.35 -25.98
CA THR B 291 -16.26 0.76 -27.20
C THR B 291 -15.80 1.41 -28.50
N ARG B 292 -16.21 0.78 -29.60
CA ARG B 292 -15.87 1.28 -30.89
C ARG B 292 -17.09 2.04 -31.40
N ASN B 293 -18.29 1.55 -31.07
CA ASN B 293 -19.55 2.19 -31.49
C ASN B 293 -19.36 3.69 -31.24
N TYR B 294 -18.73 4.02 -30.12
CA TYR B 294 -18.46 5.42 -29.80
C TYR B 294 -17.61 5.35 -28.63
N ASP B 295 -17.37 6.51 -28.09
CA ASP B 295 -16.61 6.59 -26.91
C ASP B 295 -17.59 6.43 -25.78
N VAL B 296 -18.13 5.22 -25.71
CA VAL B 296 -19.06 4.87 -24.66
C VAL B 296 -18.06 4.31 -23.67
N HIS B 297 -17.40 5.25 -23.02
CA HIS B 297 -16.35 4.99 -22.09
C HIS B 297 -16.67 4.22 -20.81
N HIS B 298 -17.48 3.18 -20.86
CA HIS B 298 -17.82 2.52 -19.60
C HIS B 298 -16.80 1.72 -18.81
N TRP B 299 -16.81 1.95 -17.49
CA TRP B 299 -15.80 1.36 -16.65
C TRP B 299 -15.91 0.10 -15.85
N ARG B 300 -14.76 -0.55 -15.67
CA ARG B 300 -14.61 -1.85 -14.97
C ARG B 300 -14.00 -1.87 -13.59
N GLY B 301 -14.37 -2.93 -12.87
CA GLY B 301 -13.91 -3.16 -11.53
C GLY B 301 -13.63 -4.63 -11.31
N LEU B 302 -12.91 -4.91 -10.24
CA LEU B 302 -12.54 -6.28 -9.90
C LEU B 302 -12.96 -6.58 -8.49
N PRO B 303 -13.06 -7.88 -8.15
CA PRO B 303 -13.46 -8.38 -6.83
C PRO B 303 -12.32 -8.34 -5.84
N ARG B 304 -12.67 -8.40 -4.57
CA ARG B 304 -11.67 -8.35 -3.53
C ARG B 304 -11.77 -9.43 -2.45
N TYR B 305 -10.64 -10.08 -2.17
CA TYR B 305 -10.53 -11.14 -1.17
C TYR B 305 -10.37 -10.58 0.19
N PHE B 306 -10.65 -11.39 1.20
CA PHE B 306 -10.51 -10.91 2.55
C PHE B 306 -10.16 -12.01 3.50
N LYS B 307 -9.15 -11.81 4.33
CA LYS B 307 -8.81 -12.84 5.26
C LYS B 307 -8.68 -12.19 6.61
N ILE B 308 -9.79 -12.21 7.30
CA ILE B 308 -9.86 -11.60 8.59
C ILE B 308 -9.56 -12.58 9.68
N THR B 309 -8.65 -12.12 10.54
CA THR B 309 -8.16 -12.86 11.68
C THR B 309 -8.66 -12.10 12.92
N LEU B 310 -9.57 -12.74 13.66
CA LEU B 310 -10.11 -12.11 14.86
C LEU B 310 -10.13 -13.06 16.00
N ARG B 311 -9.88 -12.49 17.17
CA ARG B 311 -9.77 -13.21 18.44
C ARG B 311 -10.85 -12.80 19.38
N LYS B 312 -10.80 -13.44 20.53
CA LYS B 312 -11.77 -13.17 21.55
C LYS B 312 -11.25 -12.17 22.56
N ARG B 313 -11.83 -10.98 22.61
CA ARG B 313 -11.36 -10.05 23.62
C ARG B 313 -12.31 -9.66 24.70
N TRP B 314 -11.76 -9.74 25.89
CA TRP B 314 -12.43 -9.40 27.09
C TRP B 314 -12.43 -7.93 27.24
N VAL B 315 -13.62 -7.36 27.41
CA VAL B 315 -13.74 -5.94 27.52
C VAL B 315 -14.67 -5.57 28.62
N LYS B 316 -14.44 -4.38 29.15
CA LYS B 316 -15.25 -3.85 30.20
C LYS B 316 -16.58 -3.53 29.60
N ASN B 317 -17.65 -4.02 30.20
CA ASN B 317 -18.91 -3.69 29.63
C ASN B 317 -19.05 -2.19 29.76
N PRO B 318 -19.61 -1.55 28.73
CA PRO B 318 -19.80 -0.11 28.74
C PRO B 318 -20.91 0.34 29.66
N TYR B 319 -22.14 0.22 29.17
CA TYR B 319 -23.34 0.65 29.87
C TYR B 319 -23.81 -0.28 30.96
N PRO B 320 -24.02 0.26 32.18
CA PRO B 320 -24.47 -0.40 33.42
C PRO B 320 -25.74 -1.23 33.31
N MET B 321 -25.67 -2.45 33.83
CA MET B 321 -26.82 -3.36 33.80
C MET B 321 -28.14 -2.72 34.08
N ALA B 322 -28.26 -2.22 35.31
CA ALA B 322 -29.45 -1.55 35.79
C ALA B 322 -30.11 -0.80 34.68
N SER B 323 -29.35 0.17 34.16
CA SER B 323 -29.83 0.99 33.08
C SER B 323 -30.67 0.11 32.18
N LEU B 324 -30.04 -0.83 31.50
CA LEU B 324 -30.76 -1.70 30.58
C LEU B 324 -31.89 -2.47 31.24
N ILE B 325 -31.53 -3.24 32.27
CA ILE B 325 -32.50 -4.03 33.00
C ILE B 325 -33.71 -3.15 33.28
N SER B 326 -33.52 -2.25 34.24
CA SER B 326 -34.55 -1.33 34.69
C SER B 326 -34.94 -0.17 33.76
N SER B 327 -34.23 0.02 32.65
CA SER B 327 -34.58 1.10 31.70
C SER B 327 -35.77 0.49 30.99
N LEU B 328 -35.64 -0.81 30.79
CA LEU B 328 -36.67 -1.56 30.16
C LEU B 328 -37.89 -1.56 31.08
N PHE B 329 -37.79 -2.13 32.27
CA PHE B 329 -38.95 -2.19 33.21
C PHE B 329 -39.68 -0.89 33.55
N ASN B 330 -39.16 0.23 33.06
CA ASN B 330 -39.76 1.53 33.27
C ASN B 330 -40.46 1.95 31.98
N ASN B 331 -40.06 1.29 30.90
CA ASN B 331 -40.61 1.48 29.54
C ASN B 331 -41.81 0.54 29.35
N MET B 332 -41.97 -0.34 30.34
CA MET B 332 -43.04 -1.31 30.38
C MET B 332 -44.29 -0.64 30.91
N LEU B 333 -44.07 0.27 31.84
CA LEU B 333 -45.16 0.98 32.48
C LEU B 333 -46.08 1.80 31.56
N PRO B 334 -47.34 1.97 31.99
CA PRO B 334 -48.37 2.70 31.26
C PRO B 334 -47.82 4.03 30.89
N GLN B 335 -48.07 4.42 29.66
CA GLN B 335 -47.57 5.71 29.29
C GLN B 335 -48.45 6.85 29.72
N VAL B 336 -47.81 7.71 30.47
CA VAL B 336 -48.42 8.87 31.03
C VAL B 336 -47.51 10.04 30.74
N GLN B 337 -50.49 9.78 29.73
CA GLN B 337 -50.15 11.13 29.38
C GLN B 337 -50.73 12.12 30.42
N GLY B 338 -49.90 13.02 30.94
CA GLY B 338 -50.39 13.96 31.95
C GLY B 338 -49.71 15.31 32.11
N GLN B 339 -50.12 16.09 33.11
CA GLN B 339 -49.58 17.43 33.36
C GLN B 339 -48.06 17.38 33.50
N PRO B 340 -47.38 18.47 33.09
CA PRO B 340 -45.94 18.74 33.06
C PRO B 340 -45.16 18.97 34.33
N MET B 341 -44.32 18.01 34.69
CA MET B 341 -43.51 18.15 35.89
C MET B 341 -42.12 18.11 35.35
N GLU B 342 -42.04 18.76 34.22
CA GLU B 342 -40.81 18.78 33.47
C GLU B 342 -40.72 20.03 32.63
N GLY B 343 -39.90 19.88 31.59
CA GLY B 343 -39.68 20.92 30.58
C GLY B 343 -39.50 22.40 30.87
N GLU B 344 -40.28 23.21 30.16
CA GLU B 344 -40.16 24.65 30.30
C GLU B 344 -41.26 25.23 31.18
N ASN B 345 -42.27 24.42 31.51
CA ASN B 345 -43.38 24.90 32.35
C ASN B 345 -43.70 23.95 33.49
N THR B 346 -42.67 23.51 34.20
CA THR B 346 -42.94 22.60 35.28
C THR B 346 -43.86 23.21 36.28
N GLN B 347 -44.83 22.43 36.66
CA GLN B 347 -45.76 22.84 37.65
C GLN B 347 -45.07 22.56 38.97
N VAL B 348 -43.76 22.25 38.91
CA VAL B 348 -42.98 22.03 40.13
C VAL B 348 -42.30 23.33 40.43
N GLU B 349 -42.57 23.86 41.60
CA GLU B 349 -41.97 25.11 41.96
C GLU B 349 -40.70 24.86 42.73
N GLU B 350 -40.51 23.66 43.26
CA GLU B 350 -39.37 23.56 44.11
C GLU B 350 -38.93 22.28 44.72
N VAL B 351 -37.62 22.20 44.90
CA VAL B 351 -37.10 21.05 45.54
C VAL B 351 -35.82 21.25 46.32
N ARG B 352 -35.80 20.64 47.49
CA ARG B 352 -34.64 20.68 48.35
C ARG B 352 -34.37 19.25 48.71
N VAL B 353 -33.24 19.04 49.36
CA VAL B 353 -32.80 17.71 49.79
C VAL B 353 -31.91 17.91 50.96
N TYR B 354 -32.04 17.03 51.96
CA TYR B 354 -31.19 17.13 53.14
C TYR B 354 -30.84 15.74 53.54
N ASP B 355 -29.73 15.56 54.23
CA ASP B 355 -29.34 14.24 54.73
C ASP B 355 -28.74 14.49 56.07
N GLY B 356 -27.95 15.55 56.13
CA GLY B 356 -27.32 15.89 57.36
C GLY B 356 -28.20 16.62 58.37
N THR B 357 -27.54 17.15 59.41
CA THR B 357 -28.19 17.87 60.49
C THR B 357 -27.28 18.94 61.02
N GLU B 358 -27.23 20.04 60.32
CA GLU B 358 -26.39 21.10 60.79
C GLU B 358 -27.14 21.73 61.92
N PRO B 359 -26.48 22.59 62.67
CA PRO B 359 -27.24 23.21 63.73
C PRO B 359 -27.91 24.34 62.97
N VAL B 360 -29.00 24.82 63.56
CA VAL B 360 -29.78 25.90 63.02
C VAL B 360 -28.95 26.84 62.22
N PRO B 361 -29.48 27.41 61.17
CA PRO B 361 -28.65 28.34 60.43
C PRO B 361 -29.07 29.71 60.99
N GLY B 362 -28.93 30.74 60.19
CA GLY B 362 -29.36 32.07 60.56
C GLY B 362 -30.44 32.14 59.53
N ASP B 363 -30.24 32.97 58.50
CA ASP B 363 -31.19 33.10 57.38
C ASP B 363 -31.77 31.74 56.99
N PRO B 364 -33.04 31.51 57.32
CA PRO B 364 -33.69 30.26 57.01
C PRO B 364 -33.97 30.15 55.50
N ASP B 365 -34.22 31.28 54.86
CA ASP B 365 -34.48 31.26 53.43
C ASP B 365 -33.13 31.12 52.66
N MET B 366 -32.11 30.57 53.33
CA MET B 366 -30.78 30.38 52.73
C MET B 366 -30.86 29.33 51.66
N THR B 367 -29.89 29.35 50.76
CA THR B 367 -29.88 28.38 49.66
C THR B 367 -28.64 27.48 49.80
N ARG B 368 -28.43 26.55 48.86
CA ARG B 368 -27.26 25.66 48.93
C ARG B 368 -27.20 24.99 47.62
N TYR B 369 -26.01 24.82 47.13
CA TYR B 369 -25.88 24.19 45.85
C TYR B 369 -24.57 23.52 45.85
N VAL B 370 -24.31 22.78 44.79
CA VAL B 370 -23.08 22.06 44.66
C VAL B 370 -22.70 22.30 43.27
N ASP B 371 -21.44 22.58 42.94
CA ASP B 371 -21.25 22.67 41.53
C ASP B 371 -20.43 21.75 40.78
N ARG B 372 -19.48 22.23 39.98
CA ARG B 372 -18.86 21.21 39.15
C ARG B 372 -18.13 20.19 39.96
N PHE B 373 -18.20 20.37 41.28
CA PHE B 373 -17.52 19.51 42.18
C PHE B 373 -18.11 19.58 43.58
N GLY B 374 -17.96 20.77 44.17
CA GLY B 374 -18.36 20.96 45.54
C GLY B 374 -19.58 21.78 45.88
N LYS B 375 -19.98 21.59 47.14
CA LYS B 375 -21.13 22.20 47.81
C LYS B 375 -20.90 23.50 48.58
N THR B 376 -21.85 24.42 48.45
CA THR B 376 -21.74 25.76 49.04
C THR B 376 -22.91 26.42 49.80
N LYS B 377 -22.57 27.14 50.87
CA LYS B 377 -23.54 27.90 51.62
C LYS B 377 -23.75 28.91 50.51
N THR B 378 -24.80 28.76 49.73
CA THR B 378 -25.05 29.67 48.63
C THR B 378 -24.82 31.06 49.08
N VAL B 379 -24.31 31.86 48.18
CA VAL B 379 -24.03 33.26 48.49
C VAL B 379 -25.24 33.93 49.05
N PHE B 380 -25.00 34.73 50.08
CA PHE B 380 -26.05 35.50 50.68
C PHE B 380 -26.49 36.15 49.41
N PRO B 381 -27.72 35.89 49.06
CA PRO B 381 -28.41 36.37 47.87
C PRO B 381 -28.00 37.77 47.49
N GLY B 382 -27.51 38.51 48.48
CA GLY B 382 -27.10 39.90 48.34
C GLY B 382 -25.82 40.23 47.60
N ASN B 383 -25.89 40.05 46.28
CA ASN B 383 -24.78 40.30 45.36
C ASN B 383 -24.61 41.82 45.06
N LYS C 17 52.29 -23.76 18.71
CA LYS C 17 51.90 -22.72 17.75
C LYS C 17 50.48 -22.89 17.10
N ALA C 18 49.85 -21.74 16.80
CA ALA C 18 48.51 -21.67 16.20
C ALA C 18 48.46 -20.93 14.86
N CYS C 19 47.41 -21.25 14.11
CA CYS C 19 47.19 -20.72 12.79
C CYS C 19 46.08 -19.70 12.71
N PRO C 20 45.96 -19.04 11.54
CA PRO C 20 44.91 -18.05 11.32
C PRO C 20 43.66 -18.92 11.06
N ARG C 21 42.46 -18.41 11.33
CA ARG C 21 41.28 -19.23 11.13
C ARG C 21 40.25 -18.65 10.14
N PRO C 22 40.26 -19.12 8.86
CA PRO C 22 39.34 -18.64 7.84
C PRO C 22 37.97 -18.81 8.38
N ALA C 23 37.21 -17.73 8.32
CA ALA C 23 35.86 -17.75 8.80
C ALA C 23 35.11 -18.94 8.29
N PRO C 24 34.32 -19.53 9.15
CA PRO C 24 33.54 -20.70 8.77
C PRO C 24 32.41 -20.26 7.86
N VAL C 25 32.13 -21.17 6.97
CA VAL C 25 31.19 -21.03 5.92
C VAL C 25 30.59 -22.40 5.83
N PRO C 26 29.44 -22.53 5.19
CA PRO C 26 28.85 -23.85 5.06
C PRO C 26 29.74 -24.64 4.13
N LYS C 27 29.91 -25.92 4.43
CA LYS C 27 30.74 -26.78 3.62
C LYS C 27 29.95 -27.52 2.58
N LEU C 28 30.45 -27.44 1.37
CA LEU C 28 29.82 -28.09 0.26
C LEU C 28 30.01 -29.56 0.33
N LEU C 29 28.95 -30.26 -0.06
CA LEU C 29 28.94 -31.69 -0.09
C LEU C 29 29.12 -32.17 -1.46
N ILE C 30 28.36 -31.58 -2.35
CA ILE C 30 28.51 -31.93 -3.71
C ILE C 30 27.73 -30.94 -4.51
N LYS C 31 28.30 -30.67 -5.64
CA LYS C 31 27.76 -29.74 -6.58
C LYS C 31 27.55 -30.58 -7.80
N GLY C 32 26.59 -30.19 -8.62
CA GLY C 32 26.32 -30.92 -9.83
C GLY C 32 24.85 -30.79 -10.16
N GLY C 33 24.36 -31.82 -10.86
CA GLY C 33 22.97 -31.88 -11.28
C GLY C 33 21.96 -32.59 -10.38
N MET C 34 20.78 -32.85 -10.96
CA MET C 34 19.73 -33.46 -10.17
C MET C 34 20.15 -34.72 -9.41
N GLU C 35 21.13 -35.40 -9.97
CA GLU C 35 21.63 -36.60 -9.36
C GLU C 35 22.24 -36.29 -8.00
N VAL C 36 22.87 -35.16 -7.87
CA VAL C 36 23.49 -34.83 -6.61
C VAL C 36 22.52 -35.09 -5.47
N LEU C 37 21.23 -35.01 -5.78
CA LEU C 37 20.19 -35.21 -4.79
C LEU C 37 20.21 -36.56 -4.08
N ASP C 38 20.39 -37.59 -4.90
CA ASP C 38 20.42 -38.96 -4.46
C ASP C 38 21.42 -39.19 -3.37
N LEU C 39 22.30 -38.23 -3.19
CA LEU C 39 23.22 -38.43 -2.13
C LEU C 39 22.45 -38.37 -0.85
N VAL C 40 22.94 -39.17 0.08
CA VAL C 40 22.42 -39.26 1.41
C VAL C 40 22.83 -38.04 2.14
N THR C 41 21.92 -37.10 2.10
CA THR C 41 22.11 -35.81 2.66
C THR C 41 22.40 -35.79 4.16
N GLY C 42 21.53 -36.36 4.97
CA GLY C 42 21.78 -36.26 6.39
C GLY C 42 20.52 -35.61 6.94
N PRO C 43 20.55 -34.57 7.82
CA PRO C 43 19.27 -34.03 8.29
C PRO C 43 19.11 -32.53 8.16
N ASP C 44 20.18 -31.78 8.34
CA ASP C 44 20.08 -30.32 8.24
C ASP C 44 20.75 -29.97 6.94
N SER C 45 20.88 -31.00 6.15
CA SER C 45 21.49 -30.97 4.85
C SER C 45 20.68 -30.07 3.95
N VAL C 46 21.26 -28.92 3.68
CA VAL C 46 20.65 -27.95 2.81
C VAL C 46 20.91 -28.17 1.35
N THR C 47 19.86 -27.95 0.60
CA THR C 47 19.95 -28.14 -0.80
C THR C 47 19.61 -26.88 -1.51
N GLU C 48 20.44 -26.54 -2.48
CA GLU C 48 20.24 -25.34 -3.27
C GLU C 48 20.05 -25.79 -4.71
N ILE C 49 18.87 -25.50 -5.25
CA ILE C 49 18.57 -25.86 -6.62
C ILE C 49 18.28 -24.65 -7.47
N GLU C 50 18.87 -24.61 -8.64
CA GLU C 50 18.66 -23.49 -9.52
C GLU C 50 18.22 -23.94 -10.85
N ALA C 51 17.08 -23.45 -11.26
CA ALA C 51 16.54 -23.78 -12.55
C ALA C 51 15.90 -22.54 -13.05
N PHE C 52 15.28 -22.67 -14.20
CA PHE C 52 14.64 -21.54 -14.79
C PHE C 52 13.47 -22.08 -15.55
N LEU C 53 12.67 -21.15 -16.05
CA LEU C 53 11.51 -21.49 -16.84
C LEU C 53 11.52 -20.61 -18.04
N ASN C 54 11.20 -21.20 -19.18
CA ASN C 54 11.13 -20.41 -20.40
C ASN C 54 9.66 -20.02 -20.53
N PRO C 55 9.43 -18.71 -20.70
CA PRO C 55 8.12 -18.05 -20.82
C PRO C 55 7.37 -18.59 -22.01
N ARG C 56 6.19 -19.12 -21.78
CA ARG C 56 5.51 -19.67 -22.90
C ARG C 56 4.16 -19.06 -23.24
N MET C 57 4.26 -17.95 -23.96
CA MET C 57 3.10 -17.19 -24.42
C MET C 57 3.09 -17.38 -25.89
N GLY C 58 2.01 -17.99 -26.38
CA GLY C 58 1.80 -18.26 -27.80
C GLY C 58 2.52 -19.37 -28.56
N GLN C 59 3.56 -18.96 -29.27
CA GLN C 59 4.37 -19.84 -30.08
C GLN C 59 5.14 -20.78 -29.23
N PRO C 60 4.86 -22.05 -29.44
CA PRO C 60 5.50 -23.15 -28.74
C PRO C 60 6.82 -23.32 -29.44
N PRO C 61 7.75 -23.96 -28.76
CA PRO C 61 9.09 -24.21 -29.32
C PRO C 61 8.95 -24.98 -30.63
N THR C 62 8.82 -26.30 -30.49
CA THR C 62 8.67 -27.25 -31.58
C THR C 62 9.06 -26.82 -32.96
N PRO C 63 8.20 -26.05 -33.64
CA PRO C 63 8.73 -25.71 -34.95
C PRO C 63 9.99 -24.89 -34.69
N GLU C 64 11.15 -25.48 -34.99
CA GLU C 64 12.38 -24.78 -34.73
C GLU C 64 12.89 -23.93 -35.84
N SER C 65 12.39 -24.14 -37.04
CA SER C 65 12.87 -23.35 -38.14
C SER C 65 12.40 -21.94 -38.03
N LEU C 66 13.35 -21.04 -38.07
CA LEU C 66 13.08 -19.63 -37.95
C LEU C 66 12.43 -19.14 -39.22
N THR C 67 11.80 -20.05 -39.95
CA THR C 67 11.15 -19.70 -41.18
C THR C 67 9.73 -20.18 -41.09
N GLU C 68 9.60 -21.47 -40.81
CA GLU C 68 8.34 -22.17 -40.70
C GLU C 68 7.67 -21.79 -39.40
N GLY C 69 8.44 -21.87 -38.33
CA GLY C 69 7.88 -21.47 -37.06
C GLY C 69 8.08 -19.96 -36.99
N GLY C 70 8.70 -19.42 -38.06
CA GLY C 70 9.01 -18.01 -38.20
C GLY C 70 9.81 -17.50 -37.03
N GLN C 71 9.95 -18.36 -36.04
CA GLN C 71 10.61 -18.11 -34.80
C GLN C 71 10.20 -16.95 -34.00
N TYR C 72 9.01 -17.24 -33.51
CA TYR C 72 8.25 -16.37 -32.67
C TYR C 72 8.36 -16.99 -31.29
N TYR C 73 9.22 -17.99 -31.16
CA TYR C 73 9.34 -18.65 -29.87
C TYR C 73 9.50 -17.61 -28.81
N GLY C 74 8.50 -17.59 -27.93
CA GLY C 74 8.53 -16.62 -26.87
C GLY C 74 8.08 -15.31 -27.45
N TRP C 75 6.82 -15.33 -27.81
CA TRP C 75 6.16 -14.19 -28.40
C TRP C 75 4.79 -14.69 -28.73
N SER C 76 3.81 -13.83 -28.61
CA SER C 76 2.46 -14.23 -28.95
C SER C 76 2.58 -14.23 -30.43
N ARG C 77 2.09 -15.30 -31.05
CA ARG C 77 2.19 -15.44 -32.49
C ARG C 77 1.73 -14.13 -33.13
N GLY C 78 0.44 -13.97 -33.29
CA GLY C 78 -0.06 -12.75 -33.88
C GLY C 78 -1.10 -12.36 -32.89
N ILE C 79 -1.62 -11.17 -33.00
CA ILE C 79 -2.63 -10.81 -32.07
C ILE C 79 -3.91 -10.84 -32.80
N ASN C 80 -4.63 -11.90 -32.54
CA ASN C 80 -5.90 -12.05 -33.18
C ASN C 80 -6.89 -11.15 -32.55
N LEU C 81 -7.38 -10.22 -33.34
CA LEU C 81 -8.39 -9.31 -32.86
C LEU C 81 -9.72 -9.99 -33.12
N ALA C 82 -10.78 -9.59 -32.43
CA ALA C 82 -12.06 -10.23 -32.66
C ALA C 82 -12.91 -9.57 -33.76
N THR C 83 -14.07 -10.15 -34.00
CA THR C 83 -15.02 -9.70 -35.01
C THR C 83 -15.88 -8.54 -34.51
N SER C 84 -16.66 -8.79 -33.46
CA SER C 84 -17.50 -7.75 -32.88
C SER C 84 -18.32 -8.28 -31.74
N ASP C 85 -18.33 -7.50 -30.66
CA ASP C 85 -19.03 -7.75 -29.39
C ASP C 85 -19.48 -9.20 -29.19
N THR C 86 -20.33 -9.68 -30.08
CA THR C 86 -20.78 -11.05 -29.99
C THR C 86 -19.70 -12.06 -30.35
N GLU C 87 -18.90 -11.75 -31.36
CA GLU C 87 -17.88 -12.68 -31.84
C GLU C 87 -16.46 -12.37 -31.42
N ASP C 88 -16.02 -13.00 -30.35
CA ASP C 88 -14.66 -12.84 -29.92
C ASP C 88 -13.98 -14.17 -29.83
N SER C 89 -13.24 -14.46 -30.87
CA SER C 89 -12.49 -15.68 -30.85
C SER C 89 -11.07 -15.18 -30.67
N PRO C 90 -10.30 -15.89 -29.85
CA PRO C 90 -8.92 -15.50 -29.62
C PRO C 90 -8.04 -16.20 -30.60
N GLY C 91 -7.56 -17.38 -30.25
CA GLY C 91 -6.66 -18.06 -31.15
C GLY C 91 -5.61 -18.46 -30.17
N ASN C 92 -5.28 -19.73 -30.16
CA ASN C 92 -4.35 -20.18 -29.15
C ASN C 92 -2.93 -19.64 -29.07
N ASN C 93 -2.44 -19.00 -30.11
CA ASN C 93 -1.09 -18.45 -30.02
C ASN C 93 -1.24 -16.96 -29.82
N THR C 94 -2.48 -16.56 -29.65
CA THR C 94 -2.80 -15.19 -29.38
C THR C 94 -2.68 -15.18 -27.87
N LEU C 95 -2.55 -16.37 -27.29
CA LEU C 95 -2.54 -16.47 -25.87
C LEU C 95 -1.38 -16.75 -24.99
N PRO C 96 -1.06 -15.79 -24.14
CA PRO C 96 0.04 -15.99 -23.22
C PRO C 96 -0.57 -16.80 -22.07
N THR C 97 0.07 -17.93 -21.84
CA THR C 97 -0.34 -18.89 -20.85
C THR C 97 0.71 -19.11 -19.79
N TRP C 98 0.22 -19.49 -18.62
CA TRP C 98 0.99 -19.78 -17.43
C TRP C 98 2.02 -20.83 -17.68
N SER C 99 3.25 -20.53 -17.26
CA SER C 99 4.40 -21.43 -17.39
C SER C 99 4.77 -21.98 -16.00
N MET C 100 5.15 -23.26 -15.95
CA MET C 100 5.55 -23.88 -14.69
C MET C 100 6.18 -25.26 -14.85
N ALA C 101 6.61 -25.84 -13.73
CA ALA C 101 7.19 -27.16 -13.74
C ALA C 101 7.36 -27.67 -12.33
N LYS C 102 7.59 -28.97 -12.25
CA LYS C 102 7.79 -29.56 -10.96
C LYS C 102 9.13 -30.23 -10.88
N LEU C 103 9.83 -29.83 -9.82
CA LEU C 103 11.12 -30.38 -9.51
C LEU C 103 10.80 -31.59 -8.73
N GLN C 104 11.32 -32.71 -9.17
CA GLN C 104 11.05 -33.91 -8.41
C GLN C 104 12.18 -34.19 -7.45
N LEU C 105 11.90 -34.00 -6.17
CA LEU C 105 12.90 -34.26 -5.17
C LEU C 105 12.86 -35.71 -4.77
N PRO C 106 13.92 -36.19 -4.12
CA PRO C 106 13.99 -37.58 -3.68
C PRO C 106 13.17 -37.77 -2.41
N MET C 107 12.68 -38.98 -2.18
CA MET C 107 11.88 -39.29 -0.98
C MET C 107 12.75 -39.38 0.24
N LEU C 108 12.35 -38.70 1.29
CA LEU C 108 13.16 -38.69 2.47
C LEU C 108 12.89 -39.75 3.47
N ASN C 109 11.65 -40.13 3.68
CA ASN C 109 11.51 -41.12 4.71
C ASN C 109 10.63 -42.33 4.56
N GLU C 110 10.97 -43.35 5.39
CA GLU C 110 10.34 -44.72 5.50
C GLU C 110 9.77 -45.17 6.90
N ASP C 111 9.54 -44.19 7.78
CA ASP C 111 9.03 -44.33 9.16
C ASP C 111 7.47 -44.42 9.22
N LEU C 112 6.83 -44.99 8.19
CA LEU C 112 5.36 -45.14 8.23
C LEU C 112 5.20 -46.42 9.05
N THR C 113 5.71 -46.29 10.26
CA THR C 113 5.81 -47.29 11.28
C THR C 113 5.71 -46.42 12.54
N CYS C 114 6.47 -45.32 12.55
CA CYS C 114 6.40 -44.34 13.63
C CYS C 114 5.64 -43.22 12.92
N ASP C 115 5.45 -42.08 13.57
CA ASP C 115 4.70 -41.01 12.94
C ASP C 115 5.63 -40.02 12.27
N THR C 116 6.20 -39.18 13.11
CA THR C 116 7.12 -38.16 12.74
C THR C 116 7.82 -38.49 11.43
N LEU C 117 7.40 -37.81 10.38
CA LEU C 117 8.02 -38.04 9.11
C LEU C 117 8.72 -36.76 8.66
N GLN C 118 9.81 -36.92 7.92
CA GLN C 118 10.50 -35.75 7.45
C GLN C 118 10.29 -35.59 5.97
N MET C 119 10.10 -34.34 5.55
CA MET C 119 9.93 -34.00 4.14
C MET C 119 10.57 -32.65 3.69
N TRP C 120 10.73 -32.53 2.36
CA TRP C 120 11.34 -31.38 1.72
C TRP C 120 10.59 -30.12 2.02
N GLU C 121 11.35 -29.10 2.32
CA GLU C 121 10.69 -27.86 2.63
C GLU C 121 11.45 -26.67 2.12
N ALA C 122 10.80 -25.94 1.22
CA ALA C 122 11.41 -24.77 0.67
C ALA C 122 11.32 -23.60 1.61
N VAL C 123 12.41 -22.85 1.55
CA VAL C 123 12.58 -21.74 2.43
C VAL C 123 12.59 -20.38 1.78
N SER C 124 13.64 -20.18 1.00
CA SER C 124 13.81 -18.95 0.31
C SER C 124 14.15 -19.27 -1.12
N VAL C 125 14.19 -18.23 -1.90
CA VAL C 125 14.41 -18.45 -3.28
C VAL C 125 14.76 -17.13 -3.85
N LYS C 126 15.76 -17.13 -4.70
CA LYS C 126 16.07 -15.92 -5.41
C LYS C 126 15.51 -16.23 -6.78
N THR C 127 14.90 -15.24 -7.40
CA THR C 127 14.39 -15.42 -8.74
C THR C 127 14.83 -14.19 -9.52
N GLU C 128 14.87 -14.30 -10.84
CA GLU C 128 15.28 -13.18 -11.68
C GLU C 128 14.88 -13.42 -13.11
N VAL C 129 14.33 -12.38 -13.72
CA VAL C 129 13.91 -12.50 -15.09
C VAL C 129 15.02 -11.92 -15.85
N VAL C 130 15.39 -12.59 -16.90
CA VAL C 130 16.52 -12.10 -17.64
C VAL C 130 16.22 -11.90 -19.07
N GLY C 131 16.96 -10.94 -19.63
CA GLY C 131 16.78 -10.67 -21.05
C GLY C 131 16.25 -9.29 -21.30
N SER C 132 16.11 -8.57 -20.21
CA SER C 132 15.62 -7.23 -20.24
C SER C 132 16.56 -6.43 -21.14
N GLY C 133 17.76 -6.97 -21.36
CA GLY C 133 18.69 -6.31 -22.26
C GLY C 133 18.19 -6.37 -23.71
N SER C 134 17.69 -7.54 -24.07
CA SER C 134 17.19 -7.78 -25.41
C SER C 134 16.21 -6.71 -25.87
N LEU C 135 15.68 -5.94 -24.93
CA LEU C 135 14.71 -4.93 -25.30
C LEU C 135 15.31 -3.73 -25.96
N LEU C 136 16.62 -3.75 -26.09
CA LEU C 136 17.35 -2.65 -26.68
C LEU C 136 17.63 -2.78 -28.17
N ASP C 137 17.13 -3.86 -28.76
CA ASP C 137 17.28 -4.02 -30.19
C ASP C 137 16.20 -3.13 -30.69
N VAL C 138 16.62 -2.14 -31.45
CA VAL C 138 15.70 -1.17 -32.01
C VAL C 138 15.70 -1.10 -33.51
N HIS C 139 16.41 -2.04 -34.13
CA HIS C 139 16.43 -2.18 -35.58
C HIS C 139 15.43 -3.29 -35.87
N GLY C 140 15.59 -3.98 -36.99
CA GLY C 140 14.62 -5.04 -37.31
C GLY C 140 13.31 -4.40 -37.74
N PHE C 141 12.27 -5.17 -38.04
CA PHE C 141 11.07 -4.49 -38.45
C PHE C 141 9.84 -4.41 -37.59
N ASN C 142 9.76 -3.26 -36.94
CA ASN C 142 8.69 -2.93 -36.04
C ASN C 142 8.30 -1.55 -36.48
N LYS C 143 7.03 -1.21 -36.26
CA LYS C 143 6.48 0.10 -36.62
C LYS C 143 7.59 1.02 -36.22
N PRO C 144 8.04 1.83 -37.16
CA PRO C 144 9.14 2.65 -36.67
C PRO C 144 8.69 3.94 -36.13
N THR C 145 9.64 4.59 -35.48
CA THR C 145 9.42 5.87 -34.86
C THR C 145 8.67 6.77 -35.79
N ASP C 146 9.34 7.05 -36.91
CA ASP C 146 8.82 7.89 -37.98
C ASP C 146 8.12 6.99 -38.98
N THR C 147 6.80 7.06 -38.99
CA THR C 147 6.00 6.22 -39.87
C THR C 147 5.94 6.83 -41.26
N VAL C 148 6.08 8.15 -41.28
CA VAL C 148 6.04 8.94 -42.50
C VAL C 148 7.09 8.46 -43.47
N ASN C 149 8.34 8.82 -43.21
CA ASN C 149 9.43 8.43 -44.06
C ASN C 149 9.79 7.01 -43.76
N THR C 150 9.01 6.38 -42.89
CA THR C 150 9.25 4.99 -42.50
C THR C 150 10.68 4.97 -41.98
N LYS C 151 10.94 5.78 -40.96
CA LYS C 151 12.26 5.83 -40.39
C LYS C 151 12.34 5.91 -38.87
N GLY C 152 13.56 6.05 -38.39
CA GLY C 152 13.76 6.18 -36.97
C GLY C 152 14.29 4.99 -36.23
N ILE C 153 13.38 4.33 -35.53
CA ILE C 153 13.70 3.17 -34.72
C ILE C 153 12.59 2.21 -34.87
N SER C 154 12.97 0.95 -34.91
CA SER C 154 12.00 -0.09 -34.98
C SER C 154 11.53 -0.07 -33.56
N THR C 155 10.45 0.68 -33.38
CA THR C 155 9.79 0.87 -32.11
C THR C 155 9.90 -0.32 -31.21
N PRO C 156 10.44 -0.12 -30.00
CA PRO C 156 10.63 -1.15 -28.98
C PRO C 156 9.32 -1.70 -28.42
N VAL C 157 9.47 -2.56 -27.43
CA VAL C 157 8.31 -3.14 -26.81
C VAL C 157 7.78 -2.14 -25.86
N GLU C 158 6.48 -2.05 -25.85
CA GLU C 158 5.80 -1.15 -24.96
C GLU C 158 4.49 -1.85 -24.66
N GLY C 159 3.64 -1.23 -23.84
CA GLY C 159 2.34 -1.80 -23.52
C GLY C 159 2.21 -2.47 -22.16
N SER C 160 1.02 -3.01 -21.87
CA SER C 160 0.80 -3.68 -20.60
C SER C 160 1.82 -4.81 -20.38
N GLN C 161 2.35 -4.91 -19.18
CA GLN C 161 3.27 -5.99 -18.88
C GLN C 161 2.74 -6.70 -17.62
N TYR C 162 3.35 -7.82 -17.26
CA TYR C 162 2.85 -8.58 -16.14
C TYR C 162 3.81 -9.68 -15.77
N HIS C 163 4.06 -9.82 -14.48
CA HIS C 163 4.95 -10.88 -14.00
C HIS C 163 4.45 -11.37 -12.67
N VAL C 164 4.37 -12.68 -12.55
CA VAL C 164 3.95 -13.31 -11.32
C VAL C 164 4.68 -14.60 -11.27
N PHE C 165 4.89 -15.08 -10.05
CA PHE C 165 5.55 -16.34 -9.83
C PHE C 165 5.23 -16.88 -8.45
N ALA C 166 5.42 -18.18 -8.35
CA ALA C 166 5.13 -18.87 -7.16
C ALA C 166 6.00 -20.08 -7.00
N VAL C 167 6.23 -20.34 -5.74
CA VAL C 167 7.01 -21.46 -5.36
C VAL C 167 6.10 -22.19 -4.44
N GLY C 168 5.80 -23.44 -4.79
CA GLY C 168 4.91 -24.24 -3.95
C GLY C 168 5.13 -25.74 -3.77
N GLY C 169 4.48 -26.26 -2.72
CA GLY C 169 4.52 -27.66 -2.33
C GLY C 169 3.59 -28.58 -3.11
N GLU C 170 2.60 -28.00 -3.77
CA GLU C 170 1.69 -28.73 -4.64
C GLU C 170 1.43 -27.73 -5.74
N PRO C 171 0.86 -28.18 -6.86
CA PRO C 171 0.62 -27.21 -7.94
C PRO C 171 -0.10 -25.98 -7.47
N LEU C 172 0.05 -24.90 -8.22
CA LEU C 172 -0.61 -23.67 -7.84
C LEU C 172 -2.11 -23.76 -8.13
N ASP C 173 -2.89 -23.18 -7.20
CA ASP C 173 -4.35 -23.13 -7.26
C ASP C 173 -4.75 -21.86 -7.90
N LEU C 174 -5.69 -22.00 -8.81
CA LEU C 174 -6.14 -20.87 -9.58
C LEU C 174 -7.59 -20.58 -9.44
N GLN C 175 -7.95 -19.41 -10.00
CA GLN C 175 -9.29 -18.87 -10.04
C GLN C 175 -9.48 -18.13 -11.30
N GLY C 176 -10.66 -18.33 -11.88
CA GLY C 176 -10.97 -17.65 -13.11
C GLY C 176 -12.02 -16.59 -13.03
N LEU C 177 -11.58 -15.42 -13.56
CA LEU C 177 -12.44 -14.23 -13.81
C LEU C 177 -11.94 -13.97 -15.17
N VAL C 178 -12.76 -13.21 -15.90
CA VAL C 178 -12.44 -12.94 -17.23
C VAL C 178 -13.19 -11.67 -17.59
N THR C 179 -12.76 -11.12 -18.70
CA THR C 179 -13.36 -9.93 -19.25
C THR C 179 -14.66 -10.35 -19.93
N ASP C 180 -14.62 -10.94 -21.11
CA ASP C 180 -15.89 -11.29 -21.70
C ASP C 180 -16.28 -12.74 -21.58
N ALA C 181 -17.40 -13.01 -20.95
CA ALA C 181 -17.85 -14.38 -20.80
C ALA C 181 -18.31 -14.94 -22.14
N ARG C 182 -18.26 -14.11 -23.15
CA ARG C 182 -18.69 -14.51 -24.46
C ARG C 182 -17.51 -14.87 -25.33
N THR C 183 -16.34 -14.78 -24.75
CA THR C 183 -15.13 -15.10 -25.50
C THR C 183 -15.19 -16.55 -25.89
N LYS C 184 -14.72 -16.79 -27.09
CA LYS C 184 -14.77 -18.10 -27.68
C LYS C 184 -13.44 -18.82 -27.69
N TYR C 185 -12.96 -19.16 -26.51
CA TYR C 185 -11.71 -19.89 -26.40
C TYR C 185 -11.94 -21.21 -27.05
N LYS C 186 -11.00 -21.66 -27.86
CA LYS C 186 -11.18 -22.92 -28.53
C LYS C 186 -10.90 -23.91 -27.45
N GLU C 187 -11.95 -24.57 -26.97
CA GLU C 187 -11.81 -25.56 -25.91
C GLU C 187 -10.83 -26.61 -26.36
N GLU C 188 -10.56 -26.57 -27.64
CA GLU C 188 -9.62 -27.48 -28.18
C GLU C 188 -8.21 -26.89 -28.06
N GLY C 189 -7.41 -27.44 -27.15
CA GLY C 189 -6.03 -26.98 -27.00
C GLY C 189 -5.61 -25.92 -25.99
N VAL C 190 -6.41 -25.73 -24.95
CA VAL C 190 -6.11 -24.77 -23.89
C VAL C 190 -7.21 -24.75 -22.86
N VAL C 191 -6.80 -24.90 -21.61
CA VAL C 191 -7.76 -24.89 -20.53
C VAL C 191 -8.44 -23.55 -20.39
N THR C 192 -9.72 -23.63 -20.04
CA THR C 192 -10.60 -22.50 -19.85
C THR C 192 -11.63 -22.96 -18.89
N ILE C 193 -12.35 -21.98 -18.37
CA ILE C 193 -13.44 -22.22 -17.46
C ILE C 193 -14.34 -23.38 -17.92
N LYS C 194 -14.63 -23.46 -19.21
CA LYS C 194 -15.49 -24.55 -19.66
C LYS C 194 -14.75 -25.84 -19.53
N THR C 195 -13.61 -25.92 -20.20
CA THR C 195 -12.81 -27.13 -20.18
C THR C 195 -12.70 -27.70 -18.77
N ILE C 196 -12.87 -26.86 -17.77
CA ILE C 196 -12.83 -27.36 -16.41
C ILE C 196 -14.24 -27.56 -15.95
N THR C 197 -15.11 -26.63 -16.26
CA THR C 197 -16.46 -26.81 -15.85
C THR C 197 -17.40 -26.87 -16.99
N LYS C 198 -17.40 -28.05 -17.55
CA LYS C 198 -18.19 -28.37 -18.70
C LYS C 198 -18.95 -27.21 -19.35
N LYS C 199 -19.90 -26.70 -18.59
CA LYS C 199 -20.77 -25.60 -19.03
C LYS C 199 -20.04 -24.28 -19.25
N ASP C 200 -20.48 -23.56 -20.26
CA ASP C 200 -19.85 -22.31 -20.61
C ASP C 200 -19.77 -21.30 -19.50
N MET C 201 -19.16 -20.18 -19.84
CA MET C 201 -18.95 -19.10 -18.92
C MET C 201 -20.29 -18.59 -18.48
N VAL C 202 -20.27 -17.76 -17.46
CA VAL C 202 -21.48 -17.14 -16.92
C VAL C 202 -20.97 -15.77 -16.60
N ASN C 203 -21.86 -14.82 -16.48
CA ASN C 203 -21.40 -13.49 -16.12
C ASN C 203 -20.60 -13.58 -14.81
N LYS C 204 -21.08 -14.37 -13.87
CA LYS C 204 -20.38 -14.49 -12.60
C LYS C 204 -18.88 -14.78 -12.74
N ASP C 205 -18.54 -15.64 -13.69
CA ASP C 205 -17.14 -16.00 -13.93
C ASP C 205 -16.44 -14.67 -14.13
N GLN C 206 -17.04 -13.90 -15.02
CA GLN C 206 -16.61 -12.57 -15.42
C GLN C 206 -16.26 -11.69 -14.23
N VAL C 207 -16.68 -12.10 -13.04
CA VAL C 207 -16.31 -11.35 -11.84
C VAL C 207 -15.70 -12.20 -10.77
N LEU C 208 -16.37 -13.19 -10.25
CA LEU C 208 -15.70 -14.00 -9.26
C LEU C 208 -16.39 -15.29 -9.21
N ASN C 209 -15.97 -16.20 -10.06
CA ASN C 209 -16.66 -17.44 -9.96
C ASN C 209 -16.01 -18.54 -9.13
N PRO C 210 -16.45 -18.66 -7.88
CA PRO C 210 -16.01 -19.60 -6.86
C PRO C 210 -16.11 -20.99 -7.37
N ILE C 211 -16.69 -21.13 -8.53
CA ILE C 211 -16.80 -22.42 -9.13
C ILE C 211 -15.59 -22.52 -9.99
N SER C 212 -15.46 -21.52 -10.85
CA SER C 212 -14.39 -21.40 -11.79
C SER C 212 -13.02 -21.34 -11.13
N LYS C 213 -12.66 -22.43 -10.47
CA LYS C 213 -11.39 -22.51 -9.80
C LYS C 213 -10.78 -23.78 -10.36
N ALA C 214 -9.53 -23.70 -10.75
CA ALA C 214 -8.87 -24.87 -11.28
C ALA C 214 -7.46 -25.03 -10.68
N LYS C 215 -6.68 -25.98 -11.24
CA LYS C 215 -5.34 -26.21 -10.76
C LYS C 215 -4.31 -26.06 -11.84
N LEU C 216 -3.05 -26.00 -11.46
CA LEU C 216 -1.99 -25.90 -12.43
C LEU C 216 -1.61 -27.28 -12.95
N ASP C 217 -2.57 -28.19 -13.01
CA ASP C 217 -2.29 -29.54 -13.44
C ASP C 217 -1.55 -29.60 -14.73
N LYS C 218 -1.88 -28.76 -15.68
CA LYS C 218 -1.15 -28.77 -16.95
C LYS C 218 -0.14 -27.63 -16.97
N ASP C 219 0.32 -27.24 -18.14
CA ASP C 219 1.29 -26.16 -18.28
C ASP C 219 1.28 -25.49 -19.65
N GLY C 220 1.55 -24.18 -19.66
CA GLY C 220 1.59 -23.40 -20.89
C GLY C 220 0.23 -23.65 -21.50
N MET C 221 -0.73 -23.76 -20.60
CA MET C 221 -2.06 -24.07 -21.02
C MET C 221 -3.05 -23.13 -20.44
N TYR C 222 -2.87 -22.84 -19.19
CA TYR C 222 -3.83 -21.94 -18.62
C TYR C 222 -3.40 -20.59 -19.09
N PRO C 223 -4.21 -19.99 -19.93
CA PRO C 223 -3.86 -18.66 -20.41
C PRO C 223 -3.94 -17.78 -19.22
N VAL C 224 -3.01 -16.87 -19.16
CA VAL C 224 -2.98 -15.98 -18.05
C VAL C 224 -4.18 -15.11 -18.13
N GLU C 225 -4.56 -14.83 -19.36
CA GLU C 225 -5.70 -14.00 -19.63
C GLU C 225 -6.94 -14.36 -18.77
N ILE C 226 -7.02 -15.62 -18.35
CA ILE C 226 -8.14 -16.17 -17.58
C ILE C 226 -7.92 -16.55 -16.12
N TRP C 227 -6.84 -17.27 -15.95
CA TRP C 227 -6.44 -17.81 -14.70
C TRP C 227 -5.61 -16.95 -13.78
N HIS C 228 -5.94 -17.04 -12.49
CA HIS C 228 -5.25 -16.27 -11.47
C HIS C 228 -4.99 -17.03 -10.23
N PRO C 229 -3.96 -16.60 -9.53
CA PRO C 229 -3.56 -17.22 -8.28
C PRO C 229 -4.70 -16.88 -7.39
N ASP C 230 -5.46 -17.92 -7.07
CA ASP C 230 -6.62 -17.78 -6.22
C ASP C 230 -6.18 -17.81 -4.80
N PRO C 231 -6.58 -16.81 -3.97
CA PRO C 231 -6.14 -16.91 -2.58
C PRO C 231 -7.13 -17.85 -1.91
N ALA C 232 -6.90 -19.15 -2.11
CA ALA C 232 -7.73 -20.15 -1.49
C ALA C 232 -7.54 -19.82 0.00
N LYS C 233 -8.53 -20.19 0.78
CA LYS C 233 -8.46 -20.02 2.21
C LYS C 233 -7.17 -20.63 2.58
N ASN C 234 -6.87 -21.72 1.90
CA ASN C 234 -5.69 -22.55 2.08
C ASN C 234 -4.69 -22.41 0.94
N GLU C 235 -3.39 -22.42 1.31
CA GLU C 235 -2.28 -22.30 0.40
C GLU C 235 -0.93 -22.78 0.99
N ASN C 236 -0.21 -23.51 0.16
CA ASN C 236 1.12 -24.04 0.48
C ASN C 236 2.07 -23.60 -0.66
N THR C 237 1.71 -22.50 -1.32
CA THR C 237 2.52 -21.93 -2.40
C THR C 237 2.74 -20.45 -2.01
N ARG C 238 3.70 -19.79 -2.63
CA ARG C 238 3.91 -18.38 -2.34
C ARG C 238 3.93 -17.80 -3.70
N TYR C 239 3.03 -16.88 -3.95
CA TYR C 239 3.01 -16.27 -5.24
C TYR C 239 3.10 -14.80 -5.11
N PHE C 240 3.58 -14.16 -6.14
CA PHE C 240 3.69 -12.74 -6.12
C PHE C 240 3.73 -12.33 -7.55
N GLY C 241 3.19 -11.15 -7.79
CA GLY C 241 3.20 -10.64 -9.12
C GLY C 241 2.47 -9.33 -9.20
N ASN C 242 2.53 -8.73 -10.38
CA ASN C 242 1.88 -7.45 -10.61
C ASN C 242 1.45 -7.17 -12.07
N TYR C 243 0.40 -6.35 -12.18
CA TYR C 243 -0.14 -5.97 -13.47
C TYR C 243 0.13 -4.50 -13.62
N THR C 244 0.60 -4.16 -14.80
CA THR C 244 0.94 -2.80 -15.16
C THR C 244 0.28 -2.67 -16.50
N GLY C 245 -0.87 -2.01 -16.49
CA GLY C 245 -1.65 -1.83 -17.71
C GLY C 245 -1.23 -0.75 -18.66
N GLY C 246 -1.91 -0.63 -19.78
CA GLY C 246 -1.52 0.42 -20.70
C GLY C 246 -1.30 -0.03 -22.12
N THR C 247 -1.20 0.98 -22.97
CA THR C 247 -1.02 0.75 -24.38
C THR C 247 0.39 1.07 -24.89
N THR C 248 1.03 2.01 -24.22
CA THR C 248 2.35 2.51 -24.58
C THR C 248 3.30 2.38 -23.42
N THR C 249 2.74 1.90 -22.32
CA THR C 249 3.46 1.73 -21.09
C THR C 249 4.85 1.09 -21.26
N PRO C 250 5.86 1.80 -20.80
CA PRO C 250 7.28 1.44 -20.84
C PRO C 250 7.63 0.34 -19.91
N PRO C 251 8.45 -0.59 -20.39
CA PRO C 251 8.90 -1.73 -19.58
C PRO C 251 9.92 -1.34 -18.51
N VAL C 252 10.02 -2.18 -17.48
CA VAL C 252 10.95 -1.98 -16.38
C VAL C 252 11.32 -3.26 -15.70
N LEU C 253 12.60 -3.40 -15.35
CA LEU C 253 13.03 -4.62 -14.72
C LEU C 253 14.09 -4.47 -13.67
N GLN C 254 14.58 -5.59 -13.14
CA GLN C 254 15.58 -5.56 -12.09
C GLN C 254 16.69 -6.57 -12.18
N PHE C 255 17.56 -6.32 -13.13
CA PHE C 255 18.67 -7.17 -13.29
C PHE C 255 19.44 -7.26 -11.98
N THR C 256 19.15 -8.27 -11.15
CA THR C 256 19.97 -8.54 -9.94
C THR C 256 19.90 -9.79 -9.06
N ASN C 257 21.12 -10.21 -8.74
CA ASN C 257 21.46 -11.40 -7.96
C ASN C 257 21.80 -11.02 -6.55
N THR C 258 21.15 -10.02 -6.02
CA THR C 258 21.54 -9.71 -4.69
C THR C 258 20.62 -10.22 -3.61
N LEU C 259 19.34 -9.82 -3.65
CA LEU C 259 18.51 -10.32 -2.58
C LEU C 259 17.61 -11.52 -2.95
N THR C 260 17.39 -12.27 -1.87
CA THR C 260 16.65 -13.50 -1.74
C THR C 260 15.31 -13.23 -1.11
N THR C 261 14.37 -14.16 -1.34
CA THR C 261 13.05 -14.05 -0.76
C THR C 261 12.58 -15.25 0.01
N VAL C 262 11.95 -14.95 1.13
CA VAL C 262 11.49 -16.02 1.97
C VAL C 262 10.09 -16.49 1.82
N LEU C 263 10.08 -17.75 1.51
CA LEU C 263 8.90 -18.51 1.31
C LEU C 263 8.48 -18.94 2.69
N LEU C 264 9.26 -18.56 3.70
CA LEU C 264 8.88 -18.96 5.03
C LEU C 264 7.54 -18.46 5.38
N ASP C 265 6.73 -19.35 5.92
CA ASP C 265 5.36 -19.03 6.26
C ASP C 265 5.23 -18.23 7.56
N GLU C 266 3.98 -17.91 7.94
CA GLU C 266 3.67 -17.12 9.14
C GLU C 266 4.21 -17.73 10.40
N ASN C 267 4.28 -19.06 10.41
CA ASN C 267 4.75 -19.77 11.58
C ASN C 267 6.17 -20.29 11.41
N GLY C 268 6.80 -19.81 10.36
CA GLY C 268 8.17 -20.21 10.10
C GLY C 268 8.16 -21.55 9.46
N VAL C 269 7.49 -21.62 8.33
CA VAL C 269 7.38 -22.88 7.72
C VAL C 269 7.72 -22.97 6.29
N GLY C 270 7.12 -22.14 5.47
CA GLY C 270 7.49 -22.29 4.09
C GLY C 270 6.79 -23.52 3.55
N PRO C 271 6.95 -23.69 2.27
CA PRO C 271 6.32 -24.83 1.61
C PRO C 271 7.01 -26.09 1.92
N LEU C 272 6.20 -27.12 1.88
CA LEU C 272 6.64 -28.45 2.18
C LEU C 272 6.15 -29.17 0.98
N CYS C 273 7.12 -29.63 0.21
CA CYS C 273 6.84 -30.34 -1.00
C CYS C 273 6.08 -31.56 -0.65
N LYS C 274 4.75 -31.46 -0.77
CA LYS C 274 3.91 -32.62 -0.52
C LYS C 274 4.11 -33.40 -1.79
N GLY C 275 3.97 -34.71 -1.69
CA GLY C 275 4.33 -35.53 -2.84
C GLY C 275 5.82 -35.31 -2.58
N GLU C 276 6.72 -35.47 -3.52
CA GLU C 276 8.07 -35.12 -3.10
C GLU C 276 8.52 -34.05 -4.06
N GLY C 277 7.51 -33.27 -4.46
CA GLY C 277 7.68 -32.23 -5.45
C GLY C 277 7.72 -30.78 -5.06
N LEU C 278 8.42 -30.04 -5.90
CA LEU C 278 8.60 -28.65 -5.71
C LEU C 278 8.01 -28.05 -6.94
N TYR C 279 7.09 -27.12 -6.74
CA TYR C 279 6.39 -26.50 -7.84
C TYR C 279 6.65 -24.99 -8.12
N LEU C 280 7.31 -24.79 -9.25
CA LEU C 280 7.65 -23.47 -9.72
C LEU C 280 6.66 -23.07 -10.77
N SER C 281 6.15 -21.86 -10.66
CA SER C 281 5.15 -21.38 -11.61
C SER C 281 5.36 -19.89 -11.74
N CYS C 282 5.27 -19.36 -12.97
CA CYS C 282 5.46 -17.91 -13.20
C CYS C 282 5.09 -17.46 -14.60
N VAL C 283 5.07 -16.15 -14.83
CA VAL C 283 4.75 -15.53 -16.14
C VAL C 283 5.37 -14.16 -16.27
N ASP C 284 5.85 -13.86 -17.46
CA ASP C 284 6.51 -12.57 -17.63
C ASP C 284 6.24 -11.73 -18.88
N ILE C 285 5.08 -11.13 -18.95
CA ILE C 285 4.75 -10.32 -20.09
C ILE C 285 5.52 -9.06 -20.02
N MET C 286 6.12 -8.72 -21.14
CA MET C 286 6.88 -7.51 -21.19
C MET C 286 6.16 -6.41 -21.93
N GLY C 287 5.24 -6.82 -22.78
CA GLY C 287 4.48 -5.87 -23.56
C GLY C 287 4.50 -6.37 -24.99
N TRP C 288 3.89 -5.62 -25.91
CA TRP C 288 3.85 -6.06 -27.29
C TRP C 288 4.88 -5.49 -28.22
N ARG C 289 5.27 -6.34 -29.14
CA ARG C 289 6.17 -6.04 -30.21
C ARG C 289 5.11 -5.80 -31.27
N VAL C 290 5.20 -4.65 -31.96
CA VAL C 290 4.29 -4.26 -33.03
C VAL C 290 4.84 -4.35 -34.37
N THR C 291 4.28 -5.18 -35.24
CA THR C 291 4.85 -5.29 -36.59
C THR C 291 4.76 -4.02 -37.43
N ARG C 292 5.89 -3.64 -38.02
CA ARG C 292 5.92 -2.54 -38.94
C ARG C 292 5.46 -3.35 -40.13
N ASN C 293 4.15 -3.34 -40.31
CA ASN C 293 3.53 -4.06 -41.41
C ASN C 293 2.17 -3.45 -41.34
N TYR C 294 1.50 -3.77 -40.25
CA TYR C 294 0.19 -3.29 -39.98
C TYR C 294 0.24 -2.98 -38.53
N ASP C 295 -0.78 -3.37 -37.80
CA ASP C 295 -0.76 -3.12 -36.40
C ASP C 295 -1.01 -4.39 -35.70
N VAL C 296 -0.16 -5.35 -36.01
CA VAL C 296 -0.29 -6.62 -35.39
C VAL C 296 0.68 -6.61 -34.25
N HIS C 297 0.17 -6.43 -33.04
CA HIS C 297 1.06 -6.48 -31.93
C HIS C 297 1.06 -7.95 -31.64
N HIS C 298 2.14 -8.44 -31.08
CA HIS C 298 2.12 -9.79 -30.63
C HIS C 298 3.28 -9.77 -29.71
N TRP C 299 2.84 -9.83 -28.47
CA TRP C 299 3.71 -9.66 -27.36
C TRP C 299 4.72 -10.64 -26.93
N ARG C 300 5.74 -10.09 -26.25
CA ARG C 300 6.89 -10.84 -25.76
C ARG C 300 6.97 -10.95 -24.29
N GLY C 301 7.71 -11.98 -23.91
CA GLY C 301 7.94 -12.29 -22.53
C GLY C 301 9.33 -12.86 -22.42
N LEU C 302 9.84 -12.87 -21.19
CA LEU C 302 11.17 -13.37 -20.85
C LEU C 302 11.15 -14.52 -19.87
N PRO C 303 12.28 -15.22 -19.74
CA PRO C 303 12.42 -16.36 -18.84
C PRO C 303 12.83 -15.94 -17.44
N ARG C 304 12.43 -16.79 -16.52
CA ARG C 304 12.72 -16.58 -15.12
C ARG C 304 13.49 -17.72 -14.50
N TYR C 305 14.48 -17.32 -13.74
CA TYR C 305 15.35 -18.24 -13.06
C TYR C 305 14.86 -18.30 -11.66
N PHE C 306 15.20 -19.39 -10.98
CA PHE C 306 14.83 -19.60 -9.60
C PHE C 306 15.96 -20.30 -8.89
N LYS C 307 16.16 -19.92 -7.65
CA LYS C 307 17.19 -20.55 -6.85
C LYS C 307 16.55 -20.85 -5.52
N ILE C 308 16.05 -22.06 -5.41
CA ILE C 308 15.42 -22.44 -4.19
C ILE C 308 16.36 -23.08 -3.21
N THR C 309 16.09 -22.74 -1.96
CA THR C 309 16.85 -23.21 -0.84
C THR C 309 15.82 -24.01 -0.05
N LEU C 310 16.09 -25.31 0.07
CA LEU C 310 15.22 -26.25 0.78
C LEU C 310 15.98 -26.99 1.86
N ARG C 311 15.26 -27.27 2.95
CA ARG C 311 15.77 -27.99 4.12
C ARG C 311 14.87 -29.17 4.35
N LYS C 312 15.27 -29.97 5.32
CA LYS C 312 14.51 -31.16 5.61
C LYS C 312 13.73 -30.95 6.88
N ARG C 313 12.40 -31.04 6.79
CA ARG C 313 11.63 -30.88 8.00
C ARG C 313 10.77 -31.99 8.47
N TRP C 314 10.68 -32.02 9.79
CA TRP C 314 9.94 -32.98 10.53
C TRP C 314 8.51 -32.54 10.75
N VAL C 315 7.59 -33.45 10.46
CA VAL C 315 6.18 -33.19 10.60
C VAL C 315 5.55 -34.42 11.20
N LYS C 316 4.25 -34.37 11.41
CA LYS C 316 3.55 -35.50 11.96
C LYS C 316 3.17 -36.25 10.73
N ASN C 317 3.03 -37.55 10.86
CA ASN C 317 2.68 -38.34 9.71
C ASN C 317 1.28 -38.05 9.18
N PRO C 318 1.16 -37.91 7.84
CA PRO C 318 -0.08 -37.63 7.09
C PRO C 318 -0.79 -38.86 6.42
N TYR C 319 0.02 -39.83 5.98
CA TYR C 319 -0.39 -41.05 5.27
C TYR C 319 -0.92 -42.21 6.18
N PRO C 320 -2.26 -42.39 6.31
CA PRO C 320 -2.77 -43.48 7.16
C PRO C 320 -2.80 -44.80 6.40
N MET C 321 -1.91 -45.71 6.76
CA MET C 321 -1.79 -47.02 6.10
C MET C 321 -3.09 -47.75 6.12
N ALA C 322 -3.94 -47.39 7.06
CA ALA C 322 -5.26 -47.97 7.19
C ALA C 322 -6.03 -47.63 5.92
N SER C 323 -5.81 -46.43 5.40
CA SER C 323 -6.48 -46.02 4.16
C SER C 323 -6.05 -47.02 3.09
N LEU C 324 -4.74 -47.12 2.94
CA LEU C 324 -4.11 -48.00 1.97
C LEU C 324 -4.68 -49.39 2.02
N ILE C 325 -4.58 -49.97 3.21
CA ILE C 325 -5.07 -51.32 3.47
C ILE C 325 -6.63 -51.40 3.41
N SER C 326 -7.31 -50.33 3.82
CA SER C 326 -8.78 -50.28 3.79
C SER C 326 -9.31 -49.63 2.50
N SER C 327 -8.37 -49.46 1.55
CA SER C 327 -8.67 -48.99 0.21
C SER C 327 -9.20 -50.34 -0.36
N LEU C 328 -8.71 -51.43 0.25
CA LEU C 328 -9.05 -52.83 -0.06
C LEU C 328 -10.28 -53.35 0.75
N PHE C 329 -10.85 -52.47 1.58
CA PHE C 329 -12.03 -52.82 2.39
C PHE C 329 -13.27 -52.57 1.55
N ASN C 330 -13.22 -51.55 0.69
CA ASN C 330 -14.33 -51.24 -0.21
C ASN C 330 -14.24 -52.21 -1.40
N ASN C 331 -13.57 -53.33 -1.16
CA ASN C 331 -13.42 -54.38 -2.17
C ASN C 331 -13.85 -55.70 -1.55
N MET C 332 -14.40 -55.57 -0.35
CA MET C 332 -14.99 -56.66 0.42
C MET C 332 -16.50 -56.36 0.25
N LEU C 333 -16.75 -55.27 -0.48
CA LEU C 333 -18.05 -54.71 -0.83
C LEU C 333 -17.82 -53.92 -2.13
N PRO C 334 -18.83 -53.86 -3.00
CA PRO C 334 -18.66 -53.13 -4.26
C PRO C 334 -18.94 -51.63 -4.12
N GLN C 335 -19.16 -50.99 -5.26
CA GLN C 335 -19.47 -49.58 -5.28
C GLN C 335 -20.94 -49.28 -5.36
N VAL C 336 -21.33 -48.45 -4.44
CA VAL C 336 -22.70 -48.07 -4.30
C VAL C 336 -22.84 -46.58 -4.51
N GLN C 337 -25.07 -47.69 -6.02
CA GLN C 337 -25.31 -46.27 -6.23
C GLN C 337 -25.92 -45.80 -4.94
N GLY C 338 -27.25 -45.81 -4.87
CA GLY C 338 -27.97 -45.39 -3.65
C GLY C 338 -28.20 -43.90 -3.31
N GLN C 339 -29.35 -43.59 -2.70
CA GLN C 339 -29.68 -42.22 -2.33
C GLN C 339 -28.55 -41.39 -1.67
N PRO C 340 -28.64 -40.05 -1.78
CA PRO C 340 -27.77 -38.97 -1.31
C PRO C 340 -27.57 -38.75 0.17
N MET C 341 -26.35 -38.89 0.63
CA MET C 341 -26.09 -38.69 2.04
C MET C 341 -24.79 -37.89 2.08
N GLU C 342 -24.74 -36.98 1.12
CA GLU C 342 -23.61 -36.09 0.87
C GLU C 342 -24.00 -35.40 -0.46
N GLY C 343 -24.07 -34.07 -0.45
CA GLY C 343 -24.45 -33.34 -1.65
C GLY C 343 -25.27 -32.10 -1.36
N GLU C 344 -26.30 -31.86 -2.16
CA GLU C 344 -27.16 -30.71 -1.94
C GLU C 344 -28.48 -31.32 -1.61
N ASN C 345 -28.52 -32.64 -1.57
CA ASN C 345 -29.78 -33.32 -1.31
C ASN C 345 -29.65 -34.37 -0.24
N THR C 346 -28.54 -34.33 0.49
CA THR C 346 -28.26 -35.27 1.56
C THR C 346 -29.53 -35.47 2.34
N GLN C 347 -30.08 -36.68 2.31
CA GLN C 347 -31.31 -36.92 3.01
C GLN C 347 -31.00 -37.15 4.47
N VAL C 348 -29.86 -36.57 4.86
CA VAL C 348 -29.35 -36.57 6.19
C VAL C 348 -29.82 -35.25 6.70
N GLU C 349 -30.85 -35.29 7.53
CA GLU C 349 -31.35 -34.06 8.09
C GLU C 349 -30.49 -33.57 9.25
N GLU C 350 -29.81 -34.50 9.93
CA GLU C 350 -29.03 -34.11 11.09
C GLU C 350 -28.05 -34.98 11.84
N VAL C 351 -27.00 -34.30 12.29
CA VAL C 351 -25.93 -34.91 13.02
C VAL C 351 -25.48 -34.17 14.26
N ARG C 352 -25.39 -34.82 15.39
CA ARG C 352 -24.79 -34.11 16.49
C ARG C 352 -23.81 -35.03 17.04
N VAL C 353 -22.83 -34.45 17.65
CA VAL C 353 -21.81 -35.23 18.22
C VAL C 353 -21.74 -34.75 19.62
N TYR C 354 -21.62 -35.70 20.52
CA TYR C 354 -21.54 -35.42 21.93
C TYR C 354 -20.32 -36.11 22.44
N ASP C 355 -19.66 -35.55 23.44
CA ASP C 355 -18.55 -36.27 23.99
C ASP C 355 -18.60 -36.20 25.49
N GLY C 356 -18.39 -35.01 26.02
CA GLY C 356 -18.40 -34.88 27.46
C GLY C 356 -19.72 -35.01 28.23
N THR C 357 -19.88 -34.10 29.18
CA THR C 357 -21.05 -34.05 30.04
C THR C 357 -21.16 -32.70 30.69
N GLU C 358 -22.29 -32.07 30.53
CA GLU C 358 -22.50 -30.79 31.15
C GLU C 358 -23.81 -30.90 31.88
N PRO C 359 -24.02 -30.01 32.84
CA PRO C 359 -25.32 -30.18 33.47
C PRO C 359 -26.31 -29.73 32.43
N VAL C 360 -27.57 -30.06 32.63
CA VAL C 360 -28.54 -29.69 31.67
C VAL C 360 -28.69 -28.25 31.52
N PRO C 361 -28.82 -27.83 30.30
CA PRO C 361 -28.99 -26.45 29.86
C PRO C 361 -30.49 -26.26 29.66
N GLY C 362 -30.94 -25.03 29.44
CA GLY C 362 -32.35 -24.81 29.18
C GLY C 362 -32.49 -25.17 27.72
N ASP C 363 -32.80 -24.20 26.87
CA ASP C 363 -32.89 -24.47 25.43
C ASP C 363 -31.43 -24.72 25.05
N PRO C 364 -31.11 -25.95 24.65
CA PRO C 364 -29.75 -26.34 24.26
C PRO C 364 -29.39 -25.87 22.85
N ASP C 365 -30.40 -25.79 22.01
CA ASP C 365 -30.24 -25.35 20.63
C ASP C 365 -30.39 -23.83 20.65
N MET C 366 -29.52 -23.19 21.44
CA MET C 366 -29.57 -21.75 21.56
C MET C 366 -29.12 -21.08 20.28
N THR C 367 -29.91 -20.11 19.85
CA THR C 367 -29.60 -19.36 18.65
C THR C 367 -28.37 -18.51 18.96
N ARG C 368 -27.21 -19.11 18.73
CA ARG C 368 -25.93 -18.48 18.99
C ARG C 368 -25.71 -17.21 18.15
N TYR C 369 -26.65 -16.93 17.28
CA TYR C 369 -26.56 -15.77 16.47
C TYR C 369 -27.58 -14.78 17.00
N VAL C 370 -27.16 -13.53 17.12
CA VAL C 370 -27.98 -12.46 17.64
C VAL C 370 -29.31 -12.23 16.91
N ASP C 371 -29.25 -12.27 15.60
CA ASP C 371 -30.43 -12.03 14.77
C ASP C 371 -31.57 -13.05 14.83
N ARG C 372 -31.30 -14.26 15.32
CA ARG C 372 -32.35 -15.30 15.43
C ARG C 372 -33.23 -15.07 16.67
N PHE C 373 -33.22 -13.84 17.16
CA PHE C 373 -33.98 -13.41 18.33
C PHE C 373 -35.16 -12.55 17.87
N LYS D 17 46.00 13.80 27.70
CA LYS D 17 46.47 14.58 28.84
C LYS D 17 45.84 15.99 28.88
N ALA D 18 46.69 17.02 28.95
CA ALA D 18 46.25 18.42 28.99
C ALA D 18 45.54 18.74 27.67
N CYS D 19 46.16 18.29 26.58
CA CYS D 19 45.63 18.50 25.25
C CYS D 19 44.55 17.46 24.92
N PRO D 20 43.34 17.93 24.62
CA PRO D 20 42.23 17.04 24.29
C PRO D 20 42.62 16.29 23.03
N ARG D 21 42.54 14.97 23.05
CA ARG D 21 42.88 14.22 21.85
C ARG D 21 41.66 14.09 20.98
N PRO D 22 41.80 14.43 19.70
CA PRO D 22 40.71 14.37 18.74
C PRO D 22 40.33 12.93 18.62
N ALA D 23 39.31 12.75 17.81
CA ALA D 23 38.80 11.43 17.58
C ALA D 23 39.74 10.61 16.76
N PRO D 24 39.53 9.30 16.81
CA PRO D 24 40.30 8.29 16.09
C PRO D 24 39.58 8.18 14.79
N VAL D 25 40.33 7.65 13.86
CA VAL D 25 39.83 7.51 12.54
C VAL D 25 41.02 6.80 11.95
N PRO D 26 40.77 6.03 10.91
CA PRO D 26 41.84 5.30 10.24
C PRO D 26 43.01 6.15 9.81
N LYS D 27 44.19 5.58 9.97
CA LYS D 27 45.41 6.23 9.61
C LYS D 27 45.68 5.94 8.16
N LEU D 28 45.63 6.98 7.34
CA LEU D 28 45.98 6.77 5.96
C LEU D 28 47.44 6.42 6.04
N LEU D 29 47.84 5.55 5.17
CA LEU D 29 49.21 5.19 5.18
C LEU D 29 49.86 5.80 4.02
N ILE D 30 49.11 5.83 2.96
CA ILE D 30 49.71 6.28 1.78
C ILE D 30 48.61 6.43 0.78
N LYS D 31 48.71 7.52 0.06
CA LYS D 31 47.78 7.87 -0.94
C LYS D 31 48.67 7.86 -2.13
N GLY D 32 48.04 7.69 -3.27
CA GLY D 32 48.75 7.66 -4.54
C GLY D 32 47.97 6.80 -5.50
N GLY D 33 48.65 6.12 -6.41
CA GLY D 33 47.98 5.28 -7.38
C GLY D 33 48.21 3.81 -7.13
N MET D 34 48.11 3.00 -8.19
CA MET D 34 48.28 1.58 -8.07
C MET D 34 49.61 1.20 -7.42
N GLU D 35 50.63 1.96 -7.71
CA GLU D 35 51.93 1.73 -7.12
C GLU D 35 51.80 1.76 -5.59
N VAL D 36 50.93 2.62 -5.08
CA VAL D 36 50.74 2.73 -3.66
C VAL D 36 50.57 1.34 -3.04
N LEU D 37 49.88 0.45 -3.76
CA LEU D 37 49.57 -0.92 -3.32
C LEU D 37 50.70 -1.71 -2.72
N ASP D 38 51.78 -1.68 -3.49
CA ASP D 38 53.02 -2.40 -3.25
C ASP D 38 53.67 -2.41 -1.91
N LEU D 39 53.78 -1.25 -1.27
CA LEU D 39 54.40 -1.19 0.05
C LEU D 39 53.58 -2.16 0.90
N VAL D 40 54.22 -2.79 1.89
CA VAL D 40 53.44 -3.74 2.62
C VAL D 40 52.52 -3.44 3.73
N THR D 41 51.32 -3.64 3.24
CA THR D 41 50.08 -3.51 3.88
C THR D 41 50.12 -4.05 5.33
N GLY D 42 50.13 -5.35 5.50
CA GLY D 42 50.08 -5.90 6.84
C GLY D 42 48.95 -6.89 6.67
N PRO D 43 47.88 -6.85 7.46
CA PRO D 43 46.81 -7.84 7.24
C PRO D 43 45.40 -7.24 7.24
N ASP D 44 45.21 -6.14 7.94
CA ASP D 44 43.87 -5.55 7.99
C ASP D 44 43.89 -4.34 7.12
N SER D 45 45.06 -4.14 6.55
CA SER D 45 45.37 -3.08 5.65
C SER D 45 44.28 -2.89 4.63
N VAL D 46 43.42 -1.94 4.89
CA VAL D 46 42.34 -1.70 3.99
C VAL D 46 42.79 -0.88 2.83
N THR D 47 42.26 -1.24 1.68
CA THR D 47 42.63 -0.52 0.51
C THR D 47 41.45 0.04 -0.22
N GLU D 48 41.59 1.29 -0.63
CA GLU D 48 40.50 1.95 -1.33
C GLU D 48 40.99 2.25 -2.73
N ILE D 49 40.25 1.81 -3.73
CA ILE D 49 40.65 2.08 -5.07
C ILE D 49 39.55 2.75 -5.82
N GLU D 50 39.85 3.94 -6.30
CA GLU D 50 38.91 4.70 -7.09
C GLU D 50 39.23 4.52 -8.55
N ALA D 51 38.20 4.48 -9.36
CA ALA D 51 38.42 4.31 -10.76
C ALA D 51 37.13 4.51 -11.51
N PHE D 52 37.18 4.21 -12.79
CA PHE D 52 36.00 4.39 -13.57
C PHE D 52 36.12 3.72 -14.88
N LEU D 53 35.03 3.73 -15.62
CA LEU D 53 34.97 3.13 -16.93
C LEU D 53 34.33 4.16 -17.83
N ASN D 54 34.84 4.26 -19.04
CA ASN D 54 34.29 5.19 -20.02
C ASN D 54 33.36 4.33 -20.86
N PRO D 55 32.11 4.72 -20.90
CA PRO D 55 30.95 4.13 -21.59
C PRO D 55 31.14 3.70 -23.02
N ARG D 56 31.79 2.59 -23.22
CA ARG D 56 32.03 2.22 -24.60
C ARG D 56 30.86 1.50 -25.35
N MET D 57 30.00 2.33 -25.93
CA MET D 57 28.83 1.89 -26.66
C MET D 57 28.82 2.63 -27.97
N GLY D 58 29.08 1.88 -29.04
CA GLY D 58 29.12 2.48 -30.36
C GLY D 58 30.50 2.90 -30.91
N GLN D 59 30.77 4.21 -30.86
CA GLN D 59 32.02 4.75 -31.36
C GLN D 59 33.11 4.66 -30.37
N PRO D 60 34.20 4.02 -30.77
CA PRO D 60 35.42 3.81 -30.02
C PRO D 60 36.18 5.11 -29.99
N PRO D 61 37.11 5.22 -29.07
CA PRO D 61 37.99 6.37 -28.81
C PRO D 61 38.80 6.86 -30.00
N THR D 62 39.58 5.93 -30.55
CA THR D 62 40.51 6.12 -31.66
C THR D 62 40.23 7.13 -32.74
N PRO D 63 39.03 7.09 -33.33
CA PRO D 63 38.84 8.11 -34.35
C PRO D 63 38.76 9.41 -33.55
N GLU D 64 39.91 10.07 -33.49
CA GLU D 64 40.11 11.27 -32.72
C GLU D 64 39.35 12.54 -33.00
N SER D 65 39.72 13.22 -34.07
CA SER D 65 39.07 14.48 -34.37
C SER D 65 37.61 14.33 -34.69
N LEU D 66 36.85 15.23 -34.10
CA LEU D 66 35.42 15.24 -34.25
C LEU D 66 35.00 15.73 -35.60
N THR D 67 35.73 15.34 -36.63
CA THR D 67 35.41 15.75 -37.97
C THR D 67 35.37 14.45 -38.73
N GLU D 68 36.42 13.66 -38.51
CA GLU D 68 36.59 12.36 -39.13
C GLU D 68 35.84 11.28 -38.32
N GLY D 69 35.94 11.36 -36.99
CA GLY D 69 35.24 10.43 -36.14
C GLY D 69 33.92 11.09 -35.78
N GLY D 70 33.77 12.33 -36.26
CA GLY D 70 32.59 13.15 -36.03
C GLY D 70 32.28 13.26 -34.56
N GLN D 71 33.18 12.70 -33.76
CA GLN D 71 33.02 12.63 -32.35
C GLN D 71 31.70 12.46 -31.76
N TYR D 72 31.47 11.19 -32.01
CA TYR D 72 30.33 10.46 -31.62
C TYR D 72 30.84 9.67 -30.40
N TYR D 73 32.13 9.85 -30.08
CA TYR D 73 32.71 9.12 -28.99
C TYR D 73 31.76 9.06 -27.87
N GLY D 74 31.28 7.85 -27.66
CA GLY D 74 30.33 7.61 -26.59
C GLY D 74 28.97 7.98 -27.09
N TRP D 75 28.60 7.27 -28.12
CA TRP D 75 27.33 7.49 -28.75
C TRP D 75 27.26 6.43 -29.79
N SER D 76 26.11 5.76 -29.86
CA SER D 76 25.88 4.72 -30.85
C SER D 76 26.11 5.54 -32.08
N ARG D 77 26.83 5.04 -33.08
CA ARG D 77 27.06 5.89 -34.21
C ARG D 77 25.83 6.35 -34.90
N GLY D 78 24.97 5.43 -35.24
CA GLY D 78 23.79 5.87 -35.91
C GLY D 78 22.97 4.65 -35.87
N ILE D 79 21.68 4.82 -35.65
CA ILE D 79 20.91 3.64 -35.60
C ILE D 79 20.71 3.11 -36.97
N ASN D 80 21.30 1.96 -37.18
CA ASN D 80 21.26 1.27 -38.43
C ASN D 80 20.04 0.37 -38.43
N LEU D 81 19.09 0.60 -39.33
CA LEU D 81 17.89 -0.23 -39.39
C LEU D 81 17.96 -1.56 -40.14
N ALA D 82 16.81 -2.10 -40.53
CA ALA D 82 16.84 -3.35 -41.22
C ALA D 82 16.03 -3.29 -42.48
N THR D 83 16.22 -4.31 -43.29
CA THR D 83 15.51 -4.47 -44.56
C THR D 83 14.08 -4.79 -44.21
N SER D 84 13.90 -5.91 -43.53
CA SER D 84 12.61 -6.41 -43.08
C SER D 84 12.77 -7.87 -42.77
N ASP D 85 12.03 -8.30 -41.74
CA ASP D 85 12.01 -9.66 -41.22
C ASP D 85 13.15 -10.53 -41.66
N THR D 86 13.21 -10.83 -42.94
CA THR D 86 14.28 -11.63 -43.50
C THR D 86 15.67 -11.04 -43.28
N GLU D 87 15.77 -9.73 -43.34
CA GLU D 87 17.08 -9.09 -43.21
C GLU D 87 17.18 -8.03 -42.13
N ASP D 88 18.03 -8.33 -41.15
CA ASP D 88 18.35 -7.42 -40.07
C ASP D 88 19.83 -7.48 -39.90
N SER D 89 20.48 -6.47 -40.37
CA SER D 89 21.88 -6.43 -40.15
C SER D 89 22.01 -5.23 -39.27
N PRO D 90 22.65 -5.42 -38.14
CA PRO D 90 22.93 -4.45 -37.09
C PRO D 90 23.79 -3.28 -37.45
N GLY D 91 25.10 -3.52 -37.54
CA GLY D 91 26.03 -2.43 -37.82
C GLY D 91 26.86 -2.40 -36.55
N ASN D 92 28.12 -2.79 -36.66
CA ASN D 92 28.92 -2.89 -35.47
C ASN D 92 29.06 -1.74 -34.48
N ASN D 93 28.73 -0.54 -34.89
CA ASN D 93 28.85 0.61 -34.00
C ASN D 93 27.44 1.13 -33.74
N THR D 94 26.49 0.27 -34.04
CA THR D 94 25.11 0.57 -33.81
C THR D 94 24.84 -0.15 -32.54
N LEU D 95 25.89 -0.74 -31.97
CA LEU D 95 25.67 -1.52 -30.81
C LEU D 95 26.42 -1.25 -29.57
N PRO D 96 25.69 -0.79 -28.58
CA PRO D 96 26.28 -0.51 -27.29
C PRO D 96 26.69 -1.88 -26.75
N THR D 97 27.86 -1.89 -26.16
CA THR D 97 28.48 -3.10 -25.67
C THR D 97 28.96 -3.01 -24.25
N TRP D 98 28.97 -4.15 -23.59
CA TRP D 98 29.42 -4.25 -22.21
C TRP D 98 30.76 -3.58 -22.01
N SER D 99 30.86 -2.70 -21.03
CA SER D 99 32.12 -1.99 -20.73
C SER D 99 32.71 -2.63 -19.50
N MET D 100 34.03 -2.83 -19.50
CA MET D 100 34.67 -3.47 -18.34
C MET D 100 36.19 -3.35 -18.29
N ALA D 101 36.78 -3.74 -17.15
CA ALA D 101 38.22 -3.71 -16.93
C ALA D 101 38.62 -4.58 -15.74
N LYS D 102 39.92 -4.83 -15.58
CA LYS D 102 40.38 -5.62 -14.46
C LYS D 102 41.50 -4.95 -13.74
N LEU D 103 41.28 -4.69 -12.47
CA LEU D 103 42.29 -4.06 -11.66
C LEU D 103 43.20 -5.15 -11.26
N GLN D 104 44.47 -4.84 -11.26
CA GLN D 104 45.43 -5.85 -10.86
C GLN D 104 46.06 -5.61 -9.50
N LEU D 105 45.61 -6.40 -8.55
CA LEU D 105 46.14 -6.29 -7.21
C LEU D 105 47.49 -6.97 -7.10
N PRO D 106 48.17 -6.78 -5.98
CA PRO D 106 49.48 -7.38 -5.77
C PRO D 106 49.22 -8.73 -5.18
N MET D 107 50.26 -9.55 -5.00
CA MET D 107 50.10 -10.88 -4.40
C MET D 107 50.24 -10.78 -2.89
N LEU D 108 49.56 -11.66 -2.16
CA LEU D 108 49.62 -11.58 -0.70
C LEU D 108 50.49 -12.64 -0.02
N ASN D 109 50.30 -12.87 1.27
CA ASN D 109 51.13 -13.84 2.00
C ASN D 109 50.41 -15.17 2.16
N GLU D 110 51.13 -16.15 2.70
CA GLU D 110 50.57 -17.47 2.90
C GLU D 110 51.18 -18.09 4.15
N ASP D 111 50.82 -19.35 4.39
CA ASP D 111 51.29 -20.12 5.53
C ASP D 111 50.97 -21.57 5.17
N LEU D 112 51.87 -22.16 4.38
CA LEU D 112 51.75 -23.53 3.89
C LEU D 112 51.59 -24.50 5.03
N THR D 113 51.97 -24.03 6.21
CA THR D 113 51.89 -24.80 7.42
C THR D 113 50.43 -25.01 7.75
N CYS D 114 49.63 -23.95 7.60
CA CYS D 114 48.23 -24.04 7.92
C CYS D 114 47.37 -24.06 6.68
N ASP D 115 47.99 -24.34 5.53
CA ASP D 115 47.31 -24.39 4.24
C ASP D 115 46.38 -23.18 4.16
N THR D 116 46.87 -22.12 4.75
CA THR D 116 46.10 -20.93 4.79
C THR D 116 46.72 -19.97 3.78
N LEU D 117 45.84 -19.47 2.96
CA LEU D 117 46.23 -18.60 1.90
C LEU D 117 45.53 -17.32 2.19
N GLN D 118 46.12 -16.23 1.76
CA GLN D 118 45.50 -14.95 2.01
C GLN D 118 45.13 -14.34 0.69
N MET D 119 43.87 -13.96 0.47
CA MET D 119 43.53 -13.33 -0.79
C MET D 119 42.72 -12.05 -0.71
N TRP D 120 42.70 -11.33 -1.83
CA TRP D 120 42.02 -10.03 -1.91
C TRP D 120 40.51 -10.16 -1.91
N GLU D 121 39.87 -9.46 -0.97
CA GLU D 121 38.42 -9.52 -0.83
C GLU D 121 37.75 -8.16 -0.95
N ALA D 122 36.83 -8.06 -1.90
CA ALA D 122 36.12 -6.81 -2.11
C ALA D 122 34.97 -6.81 -1.16
N VAL D 123 34.73 -5.63 -0.62
CA VAL D 123 33.70 -5.48 0.37
C VAL D 123 32.50 -4.67 -0.03
N SER D 124 32.71 -3.37 -0.10
CA SER D 124 31.66 -2.49 -0.45
C SER D 124 32.19 -1.80 -1.65
N VAL D 125 31.44 -0.86 -2.12
CA VAL D 125 31.86 -0.13 -3.27
C VAL D 125 30.82 0.92 -3.44
N LYS D 126 31.28 2.11 -3.77
CA LYS D 126 30.35 3.17 -4.09
C LYS D 126 30.56 3.31 -5.59
N THR D 127 29.52 3.68 -6.30
CA THR D 127 29.70 3.90 -7.72
C THR D 127 28.84 5.10 -8.02
N GLU D 128 29.02 5.67 -9.21
CA GLU D 128 28.22 6.84 -9.58
C GLU D 128 28.36 7.12 -11.04
N VAL D 129 27.26 7.48 -11.65
CA VAL D 129 27.37 7.75 -13.06
C VAL D 129 27.30 9.22 -13.14
N VAL D 130 28.33 9.79 -13.73
CA VAL D 130 28.39 11.21 -13.83
C VAL D 130 28.11 11.64 -15.18
N GLY D 131 27.58 12.86 -15.26
CA GLY D 131 27.33 13.42 -16.57
C GLY D 131 25.88 13.68 -16.80
N SER D 132 25.13 13.40 -15.77
CA SER D 132 23.71 13.62 -15.87
C SER D 132 23.49 15.03 -16.37
N GLY D 133 24.22 16.00 -15.80
CA GLY D 133 24.08 17.40 -16.24
C GLY D 133 24.24 17.63 -17.76
N SER D 134 25.05 16.78 -18.38
CA SER D 134 25.30 16.87 -19.81
C SER D 134 23.99 16.81 -20.58
N LEU D 135 22.96 16.25 -19.98
CA LEU D 135 21.72 16.13 -20.70
C LEU D 135 20.90 17.39 -20.77
N LEU D 136 21.45 18.46 -20.21
CA LEU D 136 20.77 19.74 -20.16
C LEU D 136 21.00 20.70 -21.36
N ASP D 137 21.98 20.34 -22.19
CA ASP D 137 22.32 21.10 -23.39
C ASP D 137 21.22 20.82 -24.42
N VAL D 138 20.38 21.82 -24.64
CA VAL D 138 19.28 21.66 -25.57
C VAL D 138 19.34 22.37 -26.90
N HIS D 139 20.55 22.83 -27.26
CA HIS D 139 20.82 23.47 -28.56
C HIS D 139 21.30 22.33 -29.45
N GLY D 140 22.23 22.58 -30.37
CA GLY D 140 22.72 21.52 -31.24
C GLY D 140 21.70 20.98 -32.24
N PHE D 141 22.08 20.12 -33.19
CA PHE D 141 21.03 19.68 -34.06
C PHE D 141 20.31 18.38 -33.94
N ASN D 142 19.44 18.38 -32.94
CA ASN D 142 18.57 17.28 -32.63
C ASN D 142 17.25 17.78 -33.17
N LYS D 143 16.31 16.88 -33.41
CA LYS D 143 15.01 17.33 -33.89
C LYS D 143 14.60 18.34 -32.88
N PRO D 144 13.93 19.38 -33.32
CA PRO D 144 13.61 20.26 -32.21
C PRO D 144 12.19 20.07 -31.85
N THR D 145 11.88 20.64 -30.69
CA THR D 145 10.57 20.64 -30.10
C THR D 145 9.56 20.80 -31.21
N ASP D 146 9.56 22.01 -31.80
CA ASP D 146 8.68 22.36 -32.89
C ASP D 146 9.52 22.10 -34.11
N THR D 147 9.08 21.13 -34.88
CA THR D 147 9.80 20.74 -36.07
C THR D 147 9.38 21.61 -37.24
N VAL D 148 8.08 21.88 -37.23
CA VAL D 148 7.38 22.67 -38.24
C VAL D 148 8.19 23.88 -38.68
N ASN D 149 8.26 24.84 -37.78
CA ASN D 149 8.94 26.08 -38.00
C ASN D 149 10.35 25.94 -37.45
N THR D 150 10.83 24.70 -37.48
CA THR D 150 12.16 24.35 -37.04
C THR D 150 12.56 25.11 -35.80
N LYS D 151 11.70 25.10 -34.78
CA LYS D 151 11.98 25.84 -33.57
C LYS D 151 11.88 25.10 -32.22
N GLY D 152 12.19 25.82 -31.15
CA GLY D 152 12.10 25.24 -29.82
C GLY D 152 13.39 24.86 -29.15
N ILE D 153 13.53 23.57 -28.93
CA ILE D 153 14.68 23.00 -28.27
C ILE D 153 15.10 21.82 -29.08
N SER D 154 16.41 21.63 -29.18
CA SER D 154 16.92 20.48 -29.89
C SER D 154 16.80 19.37 -28.89
N THR D 155 15.63 18.75 -29.00
CA THR D 155 15.18 17.64 -28.20
C THR D 155 16.29 16.88 -27.55
N PRO D 156 16.29 16.82 -26.21
CA PRO D 156 17.29 16.14 -25.38
C PRO D 156 17.25 14.64 -25.56
N VAL D 157 17.97 13.95 -24.70
CA VAL D 157 17.97 12.52 -24.81
C VAL D 157 16.69 12.04 -24.18
N GLU D 158 16.17 10.97 -24.75
CA GLU D 158 14.93 10.37 -24.31
C GLU D 158 15.05 8.89 -24.70
N GLY D 159 14.08 8.08 -24.27
CA GLY D 159 14.06 6.67 -24.61
C GLY D 159 14.56 5.67 -23.58
N SER D 160 14.60 4.41 -24.00
CA SER D 160 15.07 3.35 -23.12
C SER D 160 16.43 3.62 -22.51
N GLN D 161 16.51 3.47 -21.20
CA GLN D 161 17.77 3.62 -20.54
C GLN D 161 18.07 2.26 -19.88
N TYR D 162 19.32 2.04 -19.56
CA TYR D 162 19.72 0.78 -18.98
C TYR D 162 21.03 1.02 -18.31
N HIS D 163 21.14 0.53 -17.10
CA HIS D 163 22.39 0.67 -16.38
C HIS D 163 22.49 -0.59 -15.56
N VAL D 164 23.63 -1.23 -15.61
CA VAL D 164 23.86 -2.43 -14.86
C VAL D 164 25.33 -2.32 -14.59
N PHE D 165 25.79 -2.98 -13.54
CA PHE D 165 27.21 -3.00 -13.24
C PHE D 165 27.48 -4.12 -12.25
N ALA D 166 28.75 -4.42 -12.09
CA ALA D 166 29.13 -5.50 -11.23
C ALA D 166 30.54 -5.43 -10.77
N VAL D 167 30.74 -6.05 -9.66
CA VAL D 167 32.05 -6.07 -9.10
C VAL D 167 32.35 -7.51 -8.82
N GLY D 168 33.43 -8.02 -9.42
CA GLY D 168 33.81 -9.42 -9.22
C GLY D 168 35.28 -9.81 -9.04
N GLY D 169 35.51 -11.03 -8.59
CA GLY D 169 36.86 -11.52 -8.39
C GLY D 169 37.25 -12.47 -9.51
N GLU D 170 36.52 -12.40 -10.60
CA GLU D 170 36.75 -13.19 -11.78
C GLU D 170 35.81 -12.47 -12.70
N PRO D 171 35.99 -12.65 -14.01
CA PRO D 171 35.10 -11.97 -14.95
C PRO D 171 33.65 -12.31 -14.71
N LEU D 172 32.79 -11.46 -15.21
CA LEU D 172 31.38 -11.65 -15.07
C LEU D 172 30.88 -12.74 -16.03
N ASP D 173 30.13 -13.70 -15.50
CA ASP D 173 29.56 -14.79 -16.32
C ASP D 173 28.24 -14.29 -16.82
N LEU D 174 27.93 -14.69 -18.03
CA LEU D 174 26.72 -14.19 -18.62
C LEU D 174 26.08 -15.07 -19.61
N GLN D 175 24.76 -14.92 -19.67
CA GLN D 175 23.99 -15.65 -20.62
C GLN D 175 23.43 -14.77 -21.67
N GLY D 176 23.31 -15.33 -22.88
CA GLY D 176 22.82 -14.57 -23.99
C GLY D 176 21.45 -14.99 -24.40
N LEU D 177 20.58 -13.95 -24.54
CA LEU D 177 19.19 -14.04 -25.10
C LEU D 177 19.12 -12.87 -25.98
N VAL D 178 18.30 -13.01 -27.00
CA VAL D 178 18.18 -11.98 -27.97
C VAL D 178 16.71 -11.97 -28.29
N THR D 179 16.39 -11.13 -29.26
CA THR D 179 15.07 -11.01 -29.78
C THR D 179 15.06 -11.90 -31.04
N ASP D 180 15.38 -11.35 -32.19
CA ASP D 180 15.34 -12.19 -33.36
C ASP D 180 16.57 -13.01 -33.50
N ALA D 181 16.41 -14.30 -33.47
CA ALA D 181 17.56 -15.19 -33.59
C ALA D 181 18.17 -15.14 -34.97
N ARG D 182 17.55 -14.37 -35.86
CA ARG D 182 18.06 -14.30 -37.22
C ARG D 182 19.06 -13.19 -37.41
N THR D 183 18.94 -12.16 -36.57
CA THR D 183 19.81 -11.00 -36.60
C THR D 183 21.18 -11.29 -37.16
N LYS D 184 21.48 -10.58 -38.22
CA LYS D 184 22.73 -10.74 -38.90
C LYS D 184 23.87 -9.98 -38.25
N TYR D 185 24.28 -10.41 -37.08
CA TYR D 185 25.38 -9.75 -36.42
C TYR D 185 26.60 -9.96 -37.27
N LYS D 186 27.49 -9.01 -37.23
CA LYS D 186 28.69 -9.12 -38.02
C LYS D 186 29.52 -9.99 -37.15
N GLU D 187 29.72 -11.23 -37.55
CA GLU D 187 30.48 -12.15 -36.73
C GLU D 187 31.89 -11.70 -36.47
N GLU D 188 32.25 -10.57 -37.07
CA GLU D 188 33.58 -10.02 -36.91
C GLU D 188 33.55 -8.71 -36.12
N GLY D 189 34.33 -8.63 -35.04
CA GLY D 189 34.36 -7.40 -34.24
C GLY D 189 33.22 -7.26 -33.24
N VAL D 190 32.83 -8.38 -32.67
CA VAL D 190 31.76 -8.39 -31.71
C VAL D 190 31.78 -9.81 -31.21
N VAL D 191 31.02 -10.09 -30.16
CA VAL D 191 30.96 -11.45 -29.67
C VAL D 191 29.52 -11.76 -29.69
N THR D 192 29.16 -12.56 -30.65
CA THR D 192 27.81 -12.95 -30.72
C THR D 192 27.81 -14.33 -30.19
N ILE D 193 26.62 -14.86 -30.03
CA ILE D 193 26.45 -16.20 -29.58
C ILE D 193 27.19 -17.03 -30.59
N LYS D 194 27.09 -16.71 -31.88
CA LYS D 194 27.78 -17.51 -32.90
C LYS D 194 29.24 -17.39 -32.68
N THR D 195 29.62 -16.18 -32.37
CA THR D 195 31.00 -15.89 -32.11
C THR D 195 31.50 -16.79 -31.00
N ILE D 196 30.59 -17.49 -30.33
CA ILE D 196 30.98 -18.38 -29.27
C ILE D 196 30.48 -19.82 -29.46
N THR D 197 29.17 -20.05 -29.55
CA THR D 197 28.73 -21.41 -29.84
C THR D 197 29.13 -21.37 -31.27
N LYS D 198 29.82 -22.37 -31.75
CA LYS D 198 30.23 -22.24 -33.13
C LYS D 198 29.19 -22.39 -34.22
N LYS D 199 27.94 -22.16 -33.88
CA LYS D 199 26.89 -22.32 -34.85
C LYS D 199 25.98 -21.13 -34.80
N ASP D 200 24.92 -21.19 -35.58
CA ASP D 200 23.95 -20.11 -35.62
C ASP D 200 22.87 -20.29 -34.58
N MET D 201 22.32 -19.15 -34.16
CA MET D 201 21.30 -19.10 -33.14
C MET D 201 20.14 -19.93 -33.49
N VAL D 202 19.33 -20.22 -32.47
CA VAL D 202 18.14 -21.02 -32.62
C VAL D 202 17.04 -20.36 -31.82
N ASN D 203 15.80 -20.74 -32.09
CA ASN D 203 14.69 -20.17 -31.34
C ASN D 203 15.04 -20.19 -29.87
N LYS D 204 15.65 -21.26 -29.42
CA LYS D 204 16.03 -21.35 -28.02
C LYS D 204 16.78 -20.11 -27.51
N ASP D 205 17.81 -19.67 -28.22
CA ASP D 205 18.60 -18.51 -27.80
C ASP D 205 17.66 -17.34 -27.56
N GLN D 206 16.65 -17.26 -28.42
CA GLN D 206 15.62 -16.23 -28.41
C GLN D 206 14.90 -16.17 -27.06
N VAL D 207 15.10 -17.19 -26.23
CA VAL D 207 14.47 -17.18 -24.93
C VAL D 207 15.42 -17.61 -23.85
N LEU D 208 16.00 -18.78 -23.89
CA LEU D 208 16.96 -19.06 -22.86
C LEU D 208 17.87 -20.15 -23.29
N ASN D 209 18.82 -19.85 -24.16
CA ASN D 209 19.70 -20.96 -24.52
C ASN D 209 20.83 -21.08 -23.49
N PRO D 210 20.76 -22.11 -22.67
CA PRO D 210 21.69 -22.43 -21.60
C PRO D 210 23.06 -22.66 -22.14
N ILE D 211 23.13 -22.88 -23.44
CA ILE D 211 24.40 -23.11 -24.06
C ILE D 211 24.98 -21.78 -24.40
N SER D 212 24.09 -20.87 -24.72
CA SER D 212 24.45 -19.55 -25.08
C SER D 212 24.84 -18.73 -23.87
N LYS D 213 25.91 -19.19 -23.25
CA LYS D 213 26.45 -18.53 -22.08
C LYS D 213 27.89 -18.30 -22.43
N ALA D 214 28.48 -17.22 -21.92
CA ALA D 214 29.88 -16.95 -22.17
C ALA D 214 30.54 -16.33 -20.93
N LYS D 215 31.66 -15.64 -21.14
CA LYS D 215 32.37 -14.96 -20.09
C LYS D 215 32.64 -13.54 -20.56
N LEU D 216 33.12 -12.66 -19.69
CA LEU D 216 33.42 -11.29 -20.11
C LEU D 216 34.83 -11.02 -20.56
N ASP D 217 35.52 -12.01 -21.09
CA ASP D 217 36.92 -11.82 -21.44
C ASP D 217 37.35 -10.58 -22.14
N LYS D 218 36.59 -10.15 -23.12
CA LYS D 218 37.00 -8.96 -23.79
C LYS D 218 36.38 -7.78 -23.13
N ASP D 219 35.92 -6.88 -23.98
CA ASP D 219 35.27 -5.70 -23.48
C ASP D 219 34.68 -5.04 -24.67
N GLY D 220 33.81 -4.06 -24.44
CA GLY D 220 33.18 -3.32 -25.51
C GLY D 220 33.09 -4.16 -26.77
N MET D 221 32.69 -5.43 -26.63
CA MET D 221 32.62 -6.40 -27.74
C MET D 221 31.35 -7.18 -27.50
N TYR D 222 31.06 -7.31 -26.23
CA TYR D 222 29.89 -8.02 -25.92
C TYR D 222 28.82 -6.97 -25.90
N PRO D 223 27.93 -7.03 -26.90
CA PRO D 223 26.84 -6.08 -27.01
C PRO D 223 25.84 -6.40 -25.94
N VAL D 224 25.26 -5.37 -25.39
CA VAL D 224 24.31 -5.56 -24.33
C VAL D 224 22.97 -6.09 -24.81
N GLU D 225 22.75 -5.87 -26.09
CA GLU D 225 21.57 -6.31 -26.76
C GLU D 225 21.43 -7.84 -26.67
N ILE D 226 22.59 -8.48 -26.46
CA ILE D 226 22.71 -9.93 -26.41
C ILE D 226 22.98 -10.56 -25.05
N TRP D 227 24.06 -10.11 -24.45
CA TRP D 227 24.50 -10.66 -23.17
C TRP D 227 23.94 -10.06 -21.89
N HIS D 228 23.68 -10.94 -20.94
CA HIS D 228 23.15 -10.46 -19.69
C HIS D 228 23.80 -11.23 -18.64
N PRO D 229 23.90 -10.60 -17.47
CA PRO D 229 24.49 -11.21 -16.30
C PRO D 229 23.61 -12.41 -16.09
N ASP D 230 24.23 -13.59 -16.21
CA ASP D 230 23.53 -14.84 -16.05
C ASP D 230 23.60 -15.26 -14.62
N PRO D 231 22.45 -15.57 -13.98
CA PRO D 231 22.55 -16.02 -12.59
C PRO D 231 23.01 -17.50 -12.59
N ALA D 232 24.34 -17.61 -12.68
CA ALA D 232 24.98 -18.89 -12.68
C ALA D 232 24.68 -19.39 -11.30
N LYS D 233 24.68 -20.69 -11.29
CA LYS D 233 24.53 -21.52 -10.14
C LYS D 233 25.26 -20.96 -8.94
N ASN D 234 26.51 -20.66 -9.25
CA ASN D 234 27.57 -20.15 -8.38
C ASN D 234 28.14 -18.85 -9.09
N GLU D 235 28.53 -17.88 -8.25
CA GLU D 235 29.01 -16.54 -8.67
C GLU D 235 29.91 -15.82 -7.64
N ASN D 236 30.98 -15.17 -8.13
CA ASN D 236 31.89 -14.37 -7.26
C ASN D 236 31.80 -12.90 -7.73
N THR D 237 30.64 -12.52 -8.26
CA THR D 237 30.40 -11.15 -8.72
C THR D 237 29.06 -10.67 -8.16
N ARG D 238 28.94 -9.38 -7.92
CA ARG D 238 27.69 -8.81 -7.46
C ARG D 238 27.35 -8.03 -8.68
N TYR D 239 26.08 -7.92 -9.01
CA TYR D 239 25.75 -7.14 -10.16
C TYR D 239 24.40 -6.69 -9.92
N PHE D 240 24.05 -5.62 -10.60
CA PHE D 240 22.75 -5.05 -10.42
C PHE D 240 22.55 -4.16 -11.57
N GLY D 241 21.28 -3.84 -11.78
CA GLY D 241 20.93 -2.94 -12.85
C GLY D 241 19.48 -3.07 -13.19
N ASN D 242 19.01 -2.17 -14.05
CA ASN D 242 17.64 -2.21 -14.48
C ASN D 242 17.37 -1.66 -15.88
N TYR D 243 16.31 -2.19 -16.47
CA TYR D 243 15.89 -1.81 -17.79
C TYR D 243 14.71 -0.87 -17.61
N THR D 244 14.61 0.10 -18.50
CA THR D 244 13.54 1.07 -18.44
C THR D 244 13.28 1.37 -19.89
N GLY D 245 12.37 0.58 -20.44
CA GLY D 245 12.03 0.67 -21.86
C GLY D 245 11.37 1.91 -22.34
N GLY D 246 10.90 1.89 -23.59
CA GLY D 246 10.24 3.07 -24.08
C GLY D 246 10.94 3.91 -25.14
N THR D 247 10.09 4.68 -25.80
CA THR D 247 10.48 5.55 -26.89
C THR D 247 10.86 6.98 -26.51
N THR D 248 10.05 7.57 -25.63
CA THR D 248 10.20 8.94 -25.14
C THR D 248 10.69 8.99 -23.70
N THR D 249 10.47 7.87 -23.03
CA THR D 249 10.86 7.64 -21.67
C THR D 249 12.03 8.51 -21.19
N PRO D 250 11.77 9.42 -20.28
CA PRO D 250 12.74 10.34 -19.70
C PRO D 250 13.76 9.72 -18.83
N PRO D 251 14.94 10.29 -18.87
CA PRO D 251 16.12 9.90 -18.13
C PRO D 251 15.97 10.35 -16.71
N VAL D 252 16.71 9.69 -15.85
CA VAL D 252 16.69 9.98 -14.42
C VAL D 252 17.95 9.44 -13.85
N LEU D 253 18.45 10.07 -12.81
CA LEU D 253 19.71 9.59 -12.33
C LEU D 253 20.14 10.20 -11.04
N GLN D 254 20.99 9.48 -10.32
CA GLN D 254 21.46 9.91 -9.00
C GLN D 254 22.82 10.39 -8.73
N PHE D 255 22.82 11.59 -8.23
CA PHE D 255 24.07 12.14 -7.93
C PHE D 255 24.51 11.91 -6.52
N THR D 256 25.20 10.81 -6.24
CA THR D 256 25.76 10.77 -4.90
C THR D 256 27.09 10.28 -4.41
N ASN D 257 27.50 11.23 -3.62
CA ASN D 257 28.69 11.33 -2.86
C ASN D 257 28.57 10.36 -1.72
N THR D 258 27.51 10.54 -0.97
CA THR D 258 27.23 9.80 0.23
C THR D 258 27.11 8.28 0.34
N LEU D 259 26.54 7.63 -0.67
CA LEU D 259 26.27 6.19 -0.56
C LEU D 259 27.02 5.00 -1.11
N THR D 260 27.28 4.08 -0.16
CA THR D 260 28.02 2.84 -0.36
C THR D 260 27.22 1.61 -0.44
N THR D 261 27.75 0.69 -1.24
CA THR D 261 27.10 -0.56 -1.44
C THR D 261 28.00 -1.70 -1.13
N VAL D 262 27.39 -2.69 -0.50
CA VAL D 262 28.12 -3.86 -0.10
C VAL D 262 28.13 -5.13 -0.93
N LEU D 263 29.33 -5.38 -1.39
CA LEU D 263 29.60 -6.52 -2.19
C LEU D 263 29.60 -7.70 -1.26
N LEU D 264 29.42 -7.47 0.04
CA LEU D 264 29.45 -8.60 0.96
C LEU D 264 28.48 -9.71 0.72
N ASP D 265 29.07 -10.88 0.58
CA ASP D 265 28.31 -12.07 0.31
C ASP D 265 27.49 -12.38 1.54
N GLU D 266 26.65 -13.40 1.47
CA GLU D 266 25.77 -13.80 2.57
C GLU D 266 26.41 -14.27 3.87
N ASN D 267 27.72 -14.45 3.86
CA ASN D 267 28.41 -14.90 5.05
C ASN D 267 29.50 -13.91 5.37
N GLY D 268 29.56 -12.87 4.55
CA GLY D 268 30.54 -11.82 4.76
C GLY D 268 31.77 -12.18 4.01
N VAL D 269 31.71 -12.03 2.71
CA VAL D 269 32.85 -12.40 1.93
C VAL D 269 32.98 -11.54 0.71
N GLY D 270 31.85 -11.18 0.18
CA GLY D 270 31.92 -10.36 -0.99
C GLY D 270 32.72 -11.14 -1.99
N PRO D 271 33.34 -10.42 -2.90
CA PRO D 271 34.10 -11.21 -3.86
C PRO D 271 35.48 -11.31 -3.35
N LEU D 272 36.19 -12.20 -4.00
CA LEU D 272 37.57 -12.45 -3.70
C LEU D 272 38.19 -12.55 -5.05
N CYS D 273 39.25 -11.81 -5.23
CA CYS D 273 39.90 -11.80 -6.49
C CYS D 273 40.63 -13.08 -6.73
N LYS D 274 40.08 -13.86 -7.66
CA LYS D 274 40.69 -15.10 -8.13
C LYS D 274 41.78 -14.45 -8.98
N GLY D 275 43.01 -14.97 -8.93
CA GLY D 275 44.07 -14.28 -9.65
C GLY D 275 44.12 -13.04 -8.78
N GLU D 276 44.93 -12.06 -9.06
CA GLU D 276 44.82 -10.94 -8.12
C GLU D 276 43.88 -9.93 -8.75
N GLY D 277 42.95 -10.50 -9.52
CA GLY D 277 41.98 -9.74 -10.29
C GLY D 277 40.72 -9.15 -9.71
N LEU D 278 40.57 -7.86 -9.92
CA LEU D 278 39.40 -7.20 -9.47
C LEU D 278 38.71 -6.74 -10.74
N TYR D 279 37.62 -7.41 -11.05
CA TYR D 279 36.86 -7.13 -12.25
C TYR D 279 35.67 -6.15 -12.14
N LEU D 280 35.77 -5.08 -12.89
CA LEU D 280 34.71 -4.09 -12.90
C LEU D 280 33.95 -4.19 -14.23
N SER D 281 32.63 -4.07 -14.18
CA SER D 281 31.85 -4.23 -15.40
C SER D 281 30.58 -3.42 -15.28
N CYS D 282 30.07 -2.91 -16.39
CA CYS D 282 28.83 -2.13 -16.37
C CYS D 282 28.45 -1.62 -17.75
N VAL D 283 27.40 -0.78 -17.81
CA VAL D 283 26.84 -0.16 -19.04
C VAL D 283 25.87 0.92 -18.63
N ASP D 284 25.78 1.99 -19.39
CA ASP D 284 24.84 3.01 -18.94
C ASP D 284 24.13 3.79 -20.02
N ILE D 285 23.06 3.22 -20.52
CA ILE D 285 22.39 3.94 -21.55
C ILE D 285 21.48 4.93 -20.97
N MET D 286 21.55 6.10 -21.56
CA MET D 286 20.69 7.15 -21.14
C MET D 286 19.53 7.19 -22.08
N GLY D 287 19.76 6.70 -23.29
CA GLY D 287 18.71 6.69 -24.28
C GLY D 287 19.25 7.34 -25.53
N TRP D 288 18.38 7.70 -26.45
CA TRP D 288 18.84 8.29 -27.68
C TRP D 288 18.79 9.75 -27.84
N ARG D 289 19.71 10.17 -28.68
CA ARG D 289 19.86 11.52 -29.17
C ARG D 289 19.24 11.30 -30.56
N VAL D 290 18.50 12.29 -31.07
CA VAL D 290 17.91 12.23 -32.40
C VAL D 290 18.28 13.35 -33.25
N THR D 291 18.82 13.12 -34.43
CA THR D 291 19.23 14.28 -35.22
C THR D 291 18.15 14.93 -36.05
N ARG D 292 18.17 16.27 -35.99
CA ARG D 292 17.30 17.13 -36.76
C ARG D 292 17.88 16.86 -38.12
N ASN D 293 17.22 15.96 -38.82
CA ASN D 293 17.66 15.52 -40.10
C ASN D 293 16.57 14.53 -40.38
N TYR D 294 16.89 13.27 -40.18
CA TYR D 294 15.96 12.20 -40.35
C TYR D 294 15.87 11.65 -38.98
N ASP D 295 15.43 10.42 -38.88
CA ASP D 295 15.36 9.86 -37.58
C ASP D 295 16.57 9.02 -37.35
N VAL D 296 17.68 9.73 -37.45
CA VAL D 296 18.99 9.17 -37.24
C VAL D 296 18.92 9.13 -35.74
N HIS D 297 18.63 7.96 -35.23
CA HIS D 297 18.41 7.85 -33.82
C HIS D 297 19.51 7.51 -32.88
N HIS D 298 20.76 7.50 -33.30
CA HIS D 298 21.84 7.08 -32.37
C HIS D 298 21.91 7.50 -30.85
N TRP D 299 22.00 6.50 -29.97
CA TRP D 299 21.96 6.73 -28.55
C TRP D 299 23.16 6.97 -27.71
N ARG D 300 22.96 7.60 -26.53
CA ARG D 300 24.04 7.97 -25.58
C ARG D 300 24.16 7.24 -24.28
N GLY D 301 25.40 7.26 -23.78
CA GLY D 301 25.73 6.64 -22.51
C GLY D 301 26.67 7.52 -21.72
N LEU D 302 26.76 7.27 -20.43
CA LEU D 302 27.63 8.02 -19.54
C LEU D 302 28.62 7.11 -18.84
N PRO D 303 29.63 7.70 -18.24
CA PRO D 303 30.66 6.92 -17.55
C PRO D 303 30.39 6.70 -16.06
N ARG D 304 31.08 5.72 -15.49
CA ARG D 304 30.88 5.40 -14.08
C ARG D 304 32.12 5.32 -13.13
N TYR D 305 31.95 5.86 -11.93
CA TYR D 305 33.00 5.87 -10.91
C TYR D 305 32.89 4.63 -10.11
N PHE D 306 33.95 4.31 -9.40
CA PHE D 306 34.00 3.15 -8.52
C PHE D 306 34.94 3.41 -7.38
N LYS D 307 34.50 3.10 -6.19
CA LYS D 307 35.38 3.23 -5.04
C LYS D 307 35.26 1.86 -4.35
N ILE D 308 36.13 0.96 -4.78
CA ILE D 308 36.12 -0.36 -4.22
C ILE D 308 36.95 -0.33 -2.97
N THR D 309 36.40 -0.98 -1.96
CA THR D 309 37.03 -1.05 -0.67
C THR D 309 37.28 -2.50 -0.48
N LEU D 310 38.55 -2.87 -0.39
CA LEU D 310 38.93 -4.27 -0.25
C LEU D 310 39.91 -4.54 0.88
N ARG D 311 39.79 -5.75 1.47
CA ARG D 311 40.63 -6.18 2.60
C ARG D 311 41.42 -7.45 2.33
N LYS D 312 42.33 -7.70 3.23
CA LYS D 312 43.17 -8.83 3.10
C LYS D 312 42.50 -10.01 3.80
N ARG D 313 42.05 -11.00 3.04
CA ARG D 313 41.43 -12.11 3.71
C ARG D 313 41.99 -13.49 3.61
N TRP D 314 41.88 -14.16 4.74
CA TRP D 314 42.34 -15.50 4.96
C TRP D 314 41.39 -16.57 4.52
N VAL D 315 41.95 -17.54 3.82
CA VAL D 315 41.17 -18.63 3.30
C VAL D 315 41.92 -19.94 3.48
N LYS D 316 41.29 -21.01 3.05
CA LYS D 316 41.92 -22.28 3.16
C LYS D 316 42.35 -22.61 1.78
N ASN D 317 43.56 -23.10 1.64
CA ASN D 317 43.94 -23.51 0.33
C ASN D 317 43.07 -24.73 0.13
N PRO D 318 42.21 -24.65 -0.83
CA PRO D 318 41.31 -25.72 -1.14
C PRO D 318 41.99 -26.71 -2.05
N TYR D 319 43.28 -26.64 -2.16
CA TYR D 319 43.85 -27.59 -3.04
C TYR D 319 45.01 -28.38 -2.55
N PRO D 320 45.25 -29.45 -3.25
CA PRO D 320 46.36 -30.34 -2.94
C PRO D 320 47.61 -29.89 -3.69
N MET D 321 48.57 -29.41 -2.90
CA MET D 321 49.87 -28.92 -3.39
C MET D 321 50.24 -29.66 -4.65
N ALA D 322 50.80 -30.84 -4.40
CA ALA D 322 51.24 -31.76 -5.40
C ALA D 322 50.63 -31.44 -6.75
N SER D 323 49.41 -31.91 -6.91
CA SER D 323 48.68 -31.75 -8.12
C SER D 323 48.67 -30.33 -8.64
N LEU D 324 48.46 -29.36 -7.77
CA LEU D 324 48.46 -28.02 -8.32
C LEU D 324 49.85 -27.61 -8.82
N ILE D 325 50.88 -28.23 -8.25
CA ILE D 325 52.23 -27.95 -8.68
C ILE D 325 52.26 -28.51 -10.06
N SER D 326 51.84 -29.76 -10.11
CA SER D 326 51.79 -30.48 -11.34
C SER D 326 51.07 -29.70 -12.41
N SER D 327 49.94 -29.12 -12.06
CA SER D 327 49.21 -28.38 -13.06
C SER D 327 50.15 -27.32 -13.57
N LEU D 328 50.63 -26.46 -12.65
CA LEU D 328 51.54 -25.38 -13.03
C LEU D 328 52.51 -25.91 -14.03
N PHE D 329 53.23 -26.93 -13.62
CA PHE D 329 54.21 -27.52 -14.47
C PHE D 329 53.56 -27.77 -15.82
N ASN D 330 52.43 -28.44 -15.81
CA ASN D 330 51.77 -28.76 -17.04
C ASN D 330 51.40 -27.59 -17.92
N ASN D 331 51.02 -26.50 -17.27
CA ASN D 331 50.61 -25.32 -17.99
C ASN D 331 51.84 -24.58 -18.51
N MET D 332 52.92 -24.67 -17.76
CA MET D 332 54.19 -24.03 -18.13
C MET D 332 54.75 -24.75 -19.40
N LEU D 333 54.54 -26.06 -19.52
CA LEU D 333 55.04 -26.81 -20.65
C LEU D 333 54.11 -26.97 -21.81
N PRO D 334 54.65 -26.85 -23.03
CA PRO D 334 53.89 -26.98 -24.26
C PRO D 334 53.29 -28.32 -24.39
N GLN D 335 52.27 -28.32 -25.20
CA GLN D 335 51.60 -29.54 -25.48
C GLN D 335 52.31 -29.92 -26.73
N VAL D 336 52.74 -31.17 -26.73
CA VAL D 336 53.44 -31.78 -27.85
C VAL D 336 52.96 -33.20 -27.78
N GLN D 337 55.08 -33.33 -32.04
CA GLN D 337 53.84 -33.44 -31.31
C GLN D 337 53.85 -34.67 -30.46
N GLY D 338 54.75 -35.57 -30.81
CA GLY D 338 54.89 -36.78 -30.02
C GLY D 338 54.63 -38.09 -30.70
N GLN D 339 55.70 -38.75 -31.16
CA GLN D 339 55.53 -40.04 -31.76
C GLN D 339 54.86 -40.86 -30.64
N PRO D 340 54.05 -41.84 -31.00
CA PRO D 340 53.31 -42.70 -30.08
C PRO D 340 54.03 -43.43 -28.97
N MET D 341 53.89 -42.95 -27.76
CA MET D 341 54.49 -43.64 -26.63
C MET D 341 53.34 -43.99 -25.72
N GLU D 342 52.26 -44.42 -26.36
CA GLU D 342 51.04 -44.81 -25.68
C GLU D 342 50.17 -45.33 -26.82
N GLY D 343 49.00 -45.77 -26.44
CA GLY D 343 48.02 -46.10 -27.45
C GLY D 343 48.08 -47.45 -28.09
N GLU D 344 48.22 -47.44 -29.40
CA GLU D 344 48.21 -48.67 -30.17
C GLU D 344 49.50 -49.02 -30.79
N ASN D 345 50.31 -48.00 -31.03
CA ASN D 345 51.57 -48.26 -31.69
C ASN D 345 52.73 -47.75 -30.86
N THR D 346 52.58 -47.92 -29.55
CA THR D 346 53.59 -47.49 -28.62
C THR D 346 54.91 -47.95 -29.15
N GLN D 347 55.81 -47.01 -29.29
CA GLN D 347 57.11 -47.34 -29.76
C GLN D 347 57.93 -47.60 -28.50
N VAL D 348 57.17 -48.00 -27.47
CA VAL D 348 57.69 -48.36 -26.18
C VAL D 348 57.78 -49.83 -26.38
N GLU D 349 59.00 -50.35 -26.44
CA GLU D 349 59.09 -51.78 -26.63
C GLU D 349 58.64 -52.35 -25.30
N GLU D 350 59.37 -52.12 -24.19
CA GLU D 350 58.95 -52.67 -22.90
C GLU D 350 59.23 -51.90 -21.68
N VAL D 351 58.80 -52.49 -20.59
CA VAL D 351 59.02 -51.88 -19.30
C VAL D 351 59.16 -52.92 -18.22
N ARG D 352 60.01 -52.63 -17.26
CA ARG D 352 60.24 -53.57 -16.19
C ARG D 352 60.38 -52.81 -14.93
N VAL D 353 59.95 -53.44 -13.87
CA VAL D 353 60.04 -52.83 -12.58
C VAL D 353 60.67 -53.78 -11.63
N TYR D 354 61.79 -53.32 -11.11
CA TYR D 354 62.58 -54.05 -10.18
C TYR D 354 62.52 -53.30 -8.88
N ASP D 355 62.60 -54.04 -7.79
CA ASP D 355 62.57 -53.44 -6.49
C ASP D 355 63.95 -53.37 -5.87
N GLY D 356 64.45 -54.54 -5.46
CA GLY D 356 65.77 -54.63 -4.84
C GLY D 356 65.97 -55.89 -3.99
N LYS E 17 4.38 23.07 47.04
CA LYS E 17 4.09 22.28 45.84
C LYS E 17 5.32 22.18 44.90
N ALA E 18 6.22 23.17 45.00
CA ALA E 18 7.45 23.26 44.18
C ALA E 18 7.17 23.00 42.69
N CYS E 19 6.39 23.92 42.11
CA CYS E 19 5.97 23.89 40.71
C CYS E 19 6.90 23.05 39.85
N PRO E 20 6.43 21.86 39.42
CA PRO E 20 7.15 20.88 38.60
C PRO E 20 8.26 21.47 37.76
N ARG E 21 9.40 20.77 37.72
CA ARG E 21 10.53 21.23 36.94
C ARG E 21 10.17 21.13 35.47
N PRO E 22 10.06 22.31 34.81
CA PRO E 22 9.72 22.49 33.41
C PRO E 22 10.45 21.60 32.43
N ALA E 23 9.99 21.68 31.19
CA ALA E 23 10.56 20.94 30.09
C ALA E 23 11.97 21.46 29.77
N PRO E 24 12.97 20.54 29.76
CA PRO E 24 14.42 20.70 29.51
C PRO E 24 14.73 20.95 28.03
N VAL E 25 14.75 22.22 27.68
CA VAL E 25 15.03 22.63 26.32
C VAL E 25 16.48 23.10 26.21
N PRO E 26 17.02 23.11 24.98
CA PRO E 26 18.39 23.54 24.67
C PRO E 26 18.57 25.07 24.80
N LYS E 27 19.57 25.44 25.58
CA LYS E 27 19.89 26.83 25.88
C LYS E 27 20.33 27.72 24.71
N LEU E 28 19.53 28.73 24.40
CA LEU E 28 19.92 29.62 23.34
C LEU E 28 20.79 30.70 23.92
N LEU E 29 21.93 30.87 23.32
CA LEU E 29 22.81 31.87 23.82
C LEU E 29 22.46 33.15 23.23
N ILE E 30 22.20 33.10 21.94
CA ILE E 30 21.86 34.29 21.23
C ILE E 30 21.60 34.03 19.79
N LYS E 31 20.71 34.83 19.24
CA LYS E 31 20.40 34.68 17.86
C LYS E 31 20.68 36.03 17.22
N GLY E 32 20.99 36.00 15.94
CA GLY E 32 21.29 37.21 15.18
C GLY E 32 22.03 36.82 13.91
N GLY E 33 22.84 37.73 13.38
CA GLY E 33 23.61 37.49 12.16
C GLY E 33 25.02 36.99 12.41
N MET E 34 25.88 37.01 11.38
CA MET E 34 27.24 36.49 11.55
C MET E 34 27.95 36.91 12.83
N GLU E 35 27.90 38.20 13.05
CA GLU E 35 28.47 38.86 14.22
C GLU E 35 28.48 38.02 15.49
N VAL E 36 27.34 37.41 15.71
CA VAL E 36 27.17 36.62 16.88
C VAL E 36 28.38 35.68 17.07
N LEU E 37 28.75 34.97 16.02
CA LEU E 37 29.84 34.03 16.07
C LEU E 37 31.05 34.55 16.79
N ASP E 38 31.42 35.76 16.37
CA ASP E 38 32.58 36.49 16.87
C ASP E 38 32.68 36.46 18.35
N LEU E 39 31.70 37.08 18.98
CA LEU E 39 31.73 37.10 20.41
C LEU E 39 31.80 35.67 20.92
N VAL E 40 32.73 35.48 21.86
CA VAL E 40 33.01 34.22 22.51
C VAL E 40 31.84 33.31 22.39
N THR E 41 32.08 32.19 21.75
CA THR E 41 31.02 31.25 21.60
C THR E 41 31.15 30.35 22.85
N GLY E 42 32.24 29.62 22.91
CA GLY E 42 32.43 28.71 24.02
C GLY E 42 33.35 27.62 23.52
N PRO E 43 33.12 26.34 23.92
CA PRO E 43 33.94 25.17 23.53
C PRO E 43 33.19 24.21 22.62
N ASP E 44 32.24 23.51 23.20
CA ASP E 44 31.39 22.58 22.48
C ASP E 44 30.05 23.29 22.38
N SER E 45 30.13 24.54 21.98
CA SER E 45 28.96 25.35 21.77
C SER E 45 28.57 25.05 20.33
N VAL E 46 27.39 25.51 19.94
CA VAL E 46 26.94 25.22 18.59
C VAL E 46 26.40 26.36 17.80
N THR E 47 26.43 26.17 16.50
CA THR E 47 25.96 27.22 15.68
C THR E 47 25.08 26.79 14.57
N GLU E 48 24.03 27.58 14.39
CA GLU E 48 23.03 27.36 13.37
C GLU E 48 23.07 28.52 12.42
N ILE E 49 23.17 28.22 11.14
CA ILE E 49 23.20 29.25 10.16
C ILE E 49 22.26 28.93 9.06
N GLU E 50 21.19 29.69 9.03
CA GLU E 50 20.19 29.57 7.99
C GLU E 50 20.74 30.58 7.00
N ALA E 51 20.67 30.24 5.73
CA ALA E 51 21.12 31.12 4.68
C ALA E 51 20.47 30.58 3.44
N PHE E 52 20.83 31.13 2.31
CA PHE E 52 20.22 30.66 1.08
C PHE E 52 20.93 31.18 -0.11
N LEU E 53 20.58 30.60 -1.24
CA LEU E 53 21.20 30.99 -2.46
C LEU E 53 20.10 31.27 -3.40
N ASN E 54 20.23 32.34 -4.13
CA ASN E 54 19.25 32.59 -5.16
C ASN E 54 19.93 31.82 -6.29
N PRO E 55 19.13 31.26 -7.16
CA PRO E 55 19.58 30.46 -8.31
C PRO E 55 20.11 31.32 -9.43
N ARG E 56 21.23 30.95 -10.04
CA ARG E 56 21.72 31.81 -11.10
C ARG E 56 22.09 31.12 -12.40
N MET E 57 21.09 31.06 -13.27
CA MET E 57 21.14 30.41 -14.57
C MET E 57 20.52 31.42 -15.50
N GLY E 58 21.07 31.52 -16.72
CA GLY E 58 20.54 32.50 -17.67
C GLY E 58 20.95 33.96 -17.37
N GLN E 59 19.97 34.78 -16.96
CA GLN E 59 20.21 36.20 -16.66
C GLN E 59 20.43 36.53 -15.21
N PRO E 60 21.35 37.46 -14.97
CA PRO E 60 21.81 38.02 -13.70
C PRO E 60 20.85 39.09 -13.18
N PRO E 61 21.02 39.43 -11.91
CA PRO E 61 20.26 40.41 -11.13
C PRO E 61 20.27 41.83 -11.65
N THR E 62 21.49 42.31 -11.91
CA THR E 62 21.79 43.66 -12.36
C THR E 62 20.84 44.45 -13.22
N PRO E 63 20.31 43.85 -14.29
CA PRO E 63 19.39 44.71 -15.03
C PRO E 63 18.11 44.87 -14.17
N GLU E 64 18.28 45.57 -13.05
CA GLU E 64 17.26 45.80 -12.04
C GLU E 64 15.86 45.96 -12.58
N SER E 65 15.72 46.59 -13.73
CA SER E 65 14.39 46.77 -14.24
C SER E 65 13.90 45.77 -15.21
N LEU E 66 12.68 45.38 -14.92
CA LEU E 66 11.94 44.40 -15.66
C LEU E 66 11.40 45.01 -16.91
N THR E 67 12.14 45.95 -17.46
CA THR E 67 11.74 46.65 -18.66
C THR E 67 12.79 46.36 -19.72
N GLU E 68 14.04 46.50 -19.31
CA GLU E 68 15.19 46.28 -20.16
C GLU E 68 15.75 44.89 -19.88
N GLY E 69 15.82 44.55 -18.59
CA GLY E 69 16.29 43.24 -18.20
C GLY E 69 15.09 42.31 -18.33
N GLY E 70 13.92 42.93 -18.54
CA GLY E 70 12.67 42.22 -18.70
C GLY E 70 12.44 41.27 -17.55
N GLN E 71 13.33 41.31 -16.58
CA GLN E 71 13.29 40.45 -15.46
C GLN E 71 12.84 39.09 -15.66
N TYR E 72 13.89 38.59 -16.25
CA TYR E 72 14.09 37.26 -16.67
C TYR E 72 14.85 36.69 -15.47
N TYR E 73 15.32 37.59 -14.59
CA TYR E 73 16.07 37.21 -13.41
C TYR E 73 15.42 35.99 -12.86
N GLY E 74 16.13 34.88 -13.02
CA GLY E 74 15.60 33.61 -12.57
C GLY E 74 14.91 32.96 -13.74
N TRP E 75 15.67 32.88 -14.82
CA TRP E 75 15.24 32.26 -16.05
C TRP E 75 16.39 32.30 -16.99
N SER E 76 16.51 31.23 -17.76
CA SER E 76 17.55 31.12 -18.76
C SER E 76 17.02 32.23 -19.66
N ARG E 77 17.91 33.05 -20.18
CA ARG E 77 17.46 34.17 -21.00
C ARG E 77 16.57 33.67 -22.10
N GLY E 78 17.12 33.37 -23.25
CA GLY E 78 16.26 32.89 -24.29
C GLY E 78 16.86 31.54 -24.43
N ILE E 79 16.70 31.01 -25.60
CA ILE E 79 17.26 29.72 -25.86
C ILE E 79 17.93 29.78 -27.19
N ASN E 80 19.24 29.94 -27.16
CA ASN E 80 20.04 30.04 -28.36
C ASN E 80 20.14 28.70 -29.06
N LEU E 81 19.53 28.58 -30.22
CA LEU E 81 19.62 27.34 -30.93
C LEU E 81 20.98 27.30 -31.60
N ALA E 82 21.25 26.26 -32.36
CA ALA E 82 22.53 26.19 -33.04
C ALA E 82 22.30 26.21 -34.53
N THR E 83 23.38 26.44 -35.26
CA THR E 83 23.37 26.47 -36.70
C THR E 83 23.03 25.10 -37.22
N SER E 84 23.92 24.16 -36.90
CA SER E 84 23.78 22.78 -37.27
C SER E 84 25.13 22.19 -37.08
N ASP E 85 25.10 20.94 -36.62
CA ASP E 85 26.25 20.09 -36.30
C ASP E 85 27.53 20.81 -36.10
N THR E 86 28.00 21.51 -37.13
CA THR E 86 29.25 22.26 -37.04
C THR E 86 29.16 23.47 -36.13
N GLU E 87 28.02 24.11 -36.12
CA GLU E 87 27.92 25.31 -35.33
C GLU E 87 26.88 25.27 -34.24
N ASP E 88 27.38 25.39 -33.04
CA ASP E 88 26.53 25.44 -31.89
C ASP E 88 27.06 26.49 -30.98
N SER E 89 26.46 27.62 -31.06
CA SER E 89 26.88 28.64 -30.15
C SER E 89 25.83 28.58 -29.09
N PRO E 90 26.25 28.74 -27.85
CA PRO E 90 25.46 28.72 -26.63
C PRO E 90 24.92 30.09 -26.35
N GLY E 91 25.72 30.95 -25.77
CA GLY E 91 25.21 32.27 -25.46
C GLY E 91 24.97 32.23 -23.98
N ASN E 92 25.96 32.71 -23.27
CA ASN E 92 25.97 32.72 -21.83
C ASN E 92 24.68 32.98 -21.04
N ASN E 93 23.66 33.44 -21.70
CA ASN E 93 22.42 33.72 -21.01
C ASN E 93 21.49 32.58 -21.34
N THR E 94 22.05 31.58 -21.98
CA THR E 94 21.28 30.43 -22.34
C THR E 94 21.77 29.39 -21.40
N LEU E 95 22.76 29.71 -20.60
CA LEU E 95 23.28 28.65 -19.77
C LEU E 95 23.13 28.64 -18.28
N PRO E 96 22.27 27.74 -17.81
CA PRO E 96 22.11 27.68 -16.38
C PRO E 96 23.49 27.24 -15.83
N THR E 97 23.86 27.90 -14.75
CA THR E 97 25.15 27.75 -14.13
C THR E 97 25.17 27.48 -12.65
N TRP E 98 26.18 26.72 -12.25
CA TRP E 98 26.40 26.36 -10.85
C TRP E 98 26.41 27.57 -9.92
N SER E 99 25.58 27.54 -8.88
CA SER E 99 25.47 28.62 -7.91
C SER E 99 26.14 28.23 -6.58
N MET E 100 26.89 29.16 -5.97
CA MET E 100 27.59 28.90 -4.70
C MET E 100 27.94 30.12 -3.84
N ALA E 101 28.57 29.89 -2.68
CA ALA E 101 28.96 30.98 -1.78
C ALA E 101 29.80 30.47 -0.64
N LYS E 102 30.47 31.39 0.03
CA LYS E 102 31.31 30.97 1.14
C LYS E 102 30.99 31.73 2.39
N LEU E 103 30.61 31.00 3.42
CA LEU E 103 30.29 31.62 4.68
C LEU E 103 31.59 31.72 5.37
N GLN E 104 31.82 32.87 5.97
CA GLN E 104 33.07 33.03 6.66
C GLN E 104 32.95 33.00 8.15
N LEU E 105 33.29 31.86 8.68
CA LEU E 105 33.22 31.67 10.10
C LEU E 105 34.49 32.25 10.67
N PRO E 106 34.49 32.51 11.96
CA PRO E 106 35.62 33.08 12.69
C PRO E 106 36.74 32.09 12.80
N MET E 107 37.94 32.58 13.03
CA MET E 107 39.11 31.73 13.25
C MET E 107 38.94 31.48 14.72
N LEU E 108 39.63 30.50 15.28
CA LEU E 108 39.36 30.27 16.68
C LEU E 108 40.40 29.56 17.47
N ASN E 109 40.96 28.52 16.90
CA ASN E 109 41.93 27.79 17.67
C ASN E 109 43.14 28.68 17.82
N GLU E 110 43.76 28.54 18.99
CA GLU E 110 45.04 29.18 19.35
C GLU E 110 45.96 27.97 19.22
N ASP E 111 47.21 28.00 19.66
CA ASP E 111 48.01 26.81 19.35
C ASP E 111 47.69 25.42 19.92
N LEU E 112 47.40 25.38 21.22
CA LEU E 112 47.15 24.13 21.91
C LEU E 112 48.13 23.12 21.34
N THR E 113 49.33 23.66 21.29
CA THR E 113 50.58 23.06 20.85
C THR E 113 50.63 21.61 20.38
N CYS E 114 49.87 20.73 21.04
CA CYS E 114 49.85 19.32 20.70
C CYS E 114 49.13 19.15 19.37
N ASP E 115 49.25 20.15 18.51
CA ASP E 115 48.61 20.14 17.21
C ASP E 115 47.15 19.90 17.44
N THR E 116 46.73 20.03 18.67
CA THR E 116 45.34 19.82 18.89
C THR E 116 44.82 21.11 18.31
N LEU E 117 44.25 20.92 17.14
CA LEU E 117 43.68 21.98 16.38
C LEU E 117 42.20 21.95 16.48
N GLN E 118 41.59 23.10 16.43
CA GLN E 118 40.16 23.15 16.55
C GLN E 118 39.67 23.83 15.30
N MET E 119 38.74 23.22 14.59
CA MET E 119 38.17 23.90 13.43
C MET E 119 36.66 23.69 13.28
N TRP E 120 36.07 24.50 12.40
CA TRP E 120 34.63 24.39 12.22
C TRP E 120 34.26 23.15 11.45
N GLU E 121 33.22 22.52 11.97
CA GLU E 121 32.74 21.30 11.43
C GLU E 121 31.25 21.25 11.32
N ALA E 122 30.82 21.13 10.07
CA ALA E 122 29.42 21.02 9.67
C ALA E 122 28.95 19.61 9.87
N VAL E 123 27.79 19.53 10.49
CA VAL E 123 27.26 18.25 10.84
C VAL E 123 26.02 17.86 10.09
N SER E 124 25.02 18.71 10.17
CA SER E 124 23.79 18.43 9.51
C SER E 124 23.37 19.66 8.76
N VAL E 125 22.26 19.52 8.08
CA VAL E 125 21.83 20.61 7.27
C VAL E 125 20.49 20.34 6.70
N LYS E 126 19.58 21.26 6.96
CA LYS E 126 18.30 21.10 6.33
C LYS E 126 18.45 22.04 5.15
N THR E 127 17.80 21.71 4.06
CA THR E 127 17.85 22.58 2.92
C THR E 127 16.46 22.50 2.29
N GLU E 128 16.07 23.53 1.52
CA GLU E 128 14.74 23.51 0.89
C GLU E 128 14.59 24.39 -0.33
N VAL E 129 14.10 23.79 -1.38
CA VAL E 129 13.91 24.56 -2.57
C VAL E 129 12.54 25.08 -2.39
N VAL E 130 12.46 26.39 -2.34
CA VAL E 130 11.18 27.02 -2.12
C VAL E 130 10.64 27.60 -3.38
N GLY E 131 9.33 27.80 -3.39
CA GLY E 131 8.76 28.45 -4.55
C GLY E 131 8.12 27.50 -5.52
N SER E 132 8.02 26.28 -5.06
CA SER E 132 7.43 25.27 -5.88
C SER E 132 6.03 25.78 -6.25
N GLY E 133 5.45 26.61 -5.36
CA GLY E 133 4.12 27.15 -5.58
C GLY E 133 3.99 28.19 -6.69
N SER E 134 5.14 28.67 -7.12
CA SER E 134 5.20 29.68 -8.14
C SER E 134 4.75 29.07 -9.46
N LEU E 135 5.03 27.79 -9.63
CA LEU E 135 4.70 27.18 -10.90
C LEU E 135 3.23 26.94 -11.07
N LEU E 136 2.47 27.60 -10.21
CA LEU E 136 1.01 27.54 -10.21
C LEU E 136 0.37 28.66 -11.03
N ASP E 137 1.21 29.60 -11.46
CA ASP E 137 0.72 30.67 -12.29
C ASP E 137 0.48 30.01 -13.59
N VAL E 138 -0.73 30.17 -14.07
CA VAL E 138 -1.09 29.53 -15.30
C VAL E 138 -1.52 30.48 -16.39
N HIS E 139 -1.59 31.77 -16.02
CA HIS E 139 -1.93 32.84 -16.96
C HIS E 139 -0.59 33.32 -17.52
N GLY E 140 -0.45 34.61 -17.79
CA GLY E 140 0.82 35.09 -18.34
C GLY E 140 1.03 34.69 -19.80
N PHE E 141 2.08 35.20 -20.44
CA PHE E 141 2.21 34.78 -21.82
C PHE E 141 3.13 33.71 -22.24
N ASN E 142 2.63 32.52 -21.99
CA ASN E 142 3.32 31.31 -22.33
C ASN E 142 2.39 30.71 -23.33
N LYS E 143 2.94 29.83 -24.16
CA LYS E 143 2.20 29.13 -25.20
C LYS E 143 0.97 28.66 -24.47
N PRO E 144 -0.17 28.65 -25.13
CA PRO E 144 -1.18 28.18 -24.21
C PRO E 144 -1.55 26.78 -24.48
N THR E 145 -2.38 26.30 -23.59
CA THR E 145 -2.90 24.97 -23.64
C THR E 145 -3.40 24.73 -25.04
N ASP E 146 -4.45 25.47 -25.39
CA ASP E 146 -5.04 25.40 -26.72
C ASP E 146 -4.34 26.52 -27.45
N THR E 147 -3.91 26.22 -28.67
CA THR E 147 -3.21 27.20 -29.45
C THR E 147 -4.16 27.73 -30.49
N VAL E 148 -4.87 26.78 -31.06
CA VAL E 148 -5.85 27.02 -32.10
C VAL E 148 -6.61 28.30 -31.83
N ASN E 149 -7.51 28.23 -30.87
CA ASN E 149 -8.30 29.38 -30.53
C ASN E 149 -7.47 30.23 -29.60
N THR E 150 -6.23 29.81 -29.40
CA THR E 150 -5.31 30.50 -28.52
C THR E 150 -6.02 30.57 -27.19
N LYS E 151 -6.22 29.40 -26.58
CA LYS E 151 -6.90 29.37 -25.31
C LYS E 151 -6.34 28.43 -24.26
N GLY E 152 -7.05 28.37 -23.16
CA GLY E 152 -6.65 27.48 -22.09
C GLY E 152 -5.86 28.13 -21.01
N ILE E 153 -4.68 27.58 -20.85
CA ILE E 153 -3.78 28.01 -19.82
C ILE E 153 -2.48 28.31 -20.47
N SER E 154 -1.80 29.32 -19.95
CA SER E 154 -0.48 29.62 -20.46
C SER E 154 0.42 28.58 -19.81
N THR E 155 0.44 27.47 -20.53
CA THR E 155 1.19 26.25 -20.28
C THR E 155 2.37 26.46 -19.38
N PRO E 156 2.32 25.91 -18.16
CA PRO E 156 3.37 26.01 -17.11
C PRO E 156 4.77 25.54 -17.46
N VAL E 157 5.60 25.62 -16.43
CA VAL E 157 6.98 25.21 -16.55
C VAL E 157 6.84 23.75 -16.70
N GLU E 158 7.81 23.17 -17.39
CA GLU E 158 7.83 21.75 -17.64
C GLU E 158 9.20 21.46 -18.23
N GLY E 159 9.59 20.19 -18.34
CA GLY E 159 10.86 19.80 -18.92
C GLY E 159 11.87 19.15 -17.99
N SER E 160 13.05 18.86 -18.52
CA SER E 160 14.10 18.27 -17.71
C SER E 160 14.33 19.15 -16.47
N GLN E 161 14.62 18.51 -15.36
CA GLN E 161 14.86 19.24 -14.13
C GLN E 161 16.12 18.71 -13.53
N TYR E 162 16.69 19.50 -12.61
CA TYR E 162 17.94 19.10 -11.98
C TYR E 162 18.20 19.90 -10.75
N HIS E 163 18.53 19.20 -9.69
CA HIS E 163 18.86 19.84 -8.44
C HIS E 163 19.96 19.04 -7.89
N VAL E 164 20.92 19.73 -7.31
CA VAL E 164 22.04 19.08 -6.73
C VAL E 164 22.47 20.14 -5.84
N PHE E 165 23.23 19.76 -4.84
CA PHE E 165 23.81 20.72 -3.95
C PHE E 165 24.83 19.99 -3.11
N ALA E 166 25.52 20.78 -2.31
CA ALA E 166 26.56 20.23 -1.53
C ALA E 166 26.97 21.17 -0.50
N VAL E 167 27.68 20.63 0.46
CA VAL E 167 28.12 21.43 1.56
C VAL E 167 29.46 20.93 1.98
N GLY E 168 30.46 21.82 1.96
CA GLY E 168 31.81 21.43 2.36
C GLY E 168 32.76 22.47 2.97
N GLY E 169 33.95 21.97 3.33
CA GLY E 169 35.02 22.78 3.93
C GLY E 169 36.04 23.33 2.95
N GLU E 170 35.89 23.02 1.68
CA GLU E 170 36.71 23.53 0.60
C GLU E 170 35.66 23.62 -0.47
N PRO E 171 35.96 24.25 -1.60
CA PRO E 171 34.96 24.38 -2.67
C PRO E 171 34.61 23.06 -3.31
N LEU E 172 33.55 23.04 -4.12
CA LEU E 172 33.11 21.82 -4.80
C LEU E 172 34.06 21.41 -5.94
N ASP E 173 34.63 20.22 -5.85
CA ASP E 173 35.58 19.75 -6.88
C ASP E 173 34.81 19.13 -8.01
N LEU E 174 34.81 19.80 -9.14
CA LEU E 174 34.06 19.28 -10.24
C LEU E 174 34.91 18.80 -11.33
N GLN E 175 34.30 17.91 -12.11
CA GLN E 175 34.91 17.37 -13.28
C GLN E 175 33.84 17.56 -14.29
N GLY E 176 34.21 18.09 -15.43
CA GLY E 176 33.17 18.30 -16.40
C GLY E 176 33.35 17.28 -17.46
N LEU E 177 32.19 17.04 -18.13
CA LEU E 177 31.99 16.20 -19.36
C LEU E 177 30.84 16.83 -20.02
N VAL E 178 30.94 16.93 -21.33
CA VAL E 178 29.89 17.55 -22.08
C VAL E 178 29.41 16.62 -23.15
N THR E 179 28.34 17.05 -23.82
CA THR E 179 27.78 16.35 -24.94
C THR E 179 28.73 16.67 -26.07
N ASP E 180 28.55 17.79 -26.78
CA ASP E 180 29.47 18.04 -27.87
C ASP E 180 30.71 18.83 -27.61
N ALA E 181 31.83 18.16 -27.74
CA ALA E 181 33.11 18.79 -27.49
C ALA E 181 33.38 19.89 -28.51
N ARG E 182 32.52 19.93 -29.51
CA ARG E 182 32.64 20.92 -30.56
C ARG E 182 31.94 22.23 -30.17
N THR E 183 31.21 22.23 -29.07
CA THR E 183 30.47 23.42 -28.68
C THR E 183 31.24 24.71 -28.56
N LYS E 184 30.61 25.72 -29.13
CA LYS E 184 31.14 27.05 -29.20
C LYS E 184 30.93 27.85 -27.96
N TYR E 185 31.36 27.32 -26.82
CA TYR E 185 31.19 28.04 -25.57
C TYR E 185 31.96 29.31 -25.73
N LYS E 186 31.43 30.40 -25.20
CA LYS E 186 32.14 31.64 -25.33
C LYS E 186 33.30 31.44 -24.42
N GLU E 187 34.44 31.97 -24.82
CA GLU E 187 35.64 31.81 -24.04
C GLU E 187 35.66 32.73 -22.83
N GLU E 188 34.90 33.81 -22.92
CA GLU E 188 34.88 34.74 -21.82
C GLU E 188 33.48 34.91 -21.31
N GLY E 189 33.38 35.09 -19.99
CA GLY E 189 32.10 35.26 -19.32
C GLY E 189 31.45 33.94 -18.91
N VAL E 190 32.27 32.91 -18.82
CA VAL E 190 31.79 31.58 -18.47
C VAL E 190 33.03 30.72 -18.31
N VAL E 191 33.03 29.81 -17.38
CA VAL E 191 34.18 28.97 -17.29
C VAL E 191 33.81 27.79 -18.14
N THR E 192 34.77 27.24 -18.85
CA THR E 192 34.52 26.10 -19.69
C THR E 192 35.79 25.34 -19.68
N ILE E 193 35.68 24.09 -20.06
CA ILE E 193 36.82 23.19 -20.13
C ILE E 193 38.06 23.88 -20.71
N LYS E 194 37.91 24.74 -21.70
CA LYS E 194 39.09 25.41 -22.26
C LYS E 194 39.48 26.52 -21.32
N THR E 195 38.49 27.23 -20.85
CA THR E 195 38.70 28.34 -19.94
C THR E 195 39.63 27.84 -18.86
N ILE E 196 39.59 26.54 -18.64
CA ILE E 196 40.45 25.93 -17.65
C ILE E 196 41.64 25.26 -18.32
N THR E 197 41.43 24.29 -19.17
CA THR E 197 42.59 23.75 -19.83
C THR E 197 42.71 24.58 -21.06
N LYS E 198 43.85 25.24 -21.19
CA LYS E 198 44.04 26.10 -22.33
C LYS E 198 43.61 25.42 -23.60
N LYS E 199 44.03 24.18 -23.74
CA LYS E 199 43.69 23.43 -24.91
C LYS E 199 42.20 23.24 -25.05
N ASP E 200 41.81 22.96 -26.28
CA ASP E 200 40.43 22.76 -26.60
C ASP E 200 39.82 21.53 -26.01
N MET E 201 38.56 21.31 -26.38
CA MET E 201 37.80 20.17 -25.95
C MET E 201 38.31 19.03 -26.78
N VAL E 202 38.08 17.81 -26.31
CA VAL E 202 38.49 16.64 -27.05
C VAL E 202 37.39 15.64 -26.87
N ASN E 203 37.31 14.66 -27.77
CA ASN E 203 36.25 13.67 -27.65
C ASN E 203 36.18 13.06 -26.25
N LYS E 204 37.29 12.99 -25.56
CA LYS E 204 37.26 12.44 -24.23
C LYS E 204 36.45 13.24 -23.21
N ASP E 205 36.48 14.55 -23.30
CA ASP E 205 35.71 15.36 -22.37
C ASP E 205 34.27 15.06 -22.68
N GLN E 206 34.04 14.56 -23.88
CA GLN E 206 32.70 14.21 -24.30
C GLN E 206 32.21 13.08 -23.40
N VAL E 207 33.17 12.37 -22.81
CA VAL E 207 32.81 11.27 -21.95
C VAL E 207 33.44 11.32 -20.59
N LEU E 208 34.74 11.33 -20.44
CA LEU E 208 35.28 11.46 -19.10
C LEU E 208 36.66 11.95 -19.17
N ASN E 209 36.82 13.28 -19.20
CA ASN E 209 38.17 13.76 -19.25
C ASN E 209 38.70 14.07 -17.87
N PRO E 210 39.51 13.15 -17.36
CA PRO E 210 40.17 13.16 -16.07
C PRO E 210 41.02 14.38 -15.90
N ILE E 211 41.23 15.07 -17.01
CA ILE E 211 42.03 16.29 -17.02
C ILE E 211 41.07 17.38 -16.67
N SER E 212 39.99 17.37 -17.42
CA SER E 212 38.94 18.34 -17.29
C SER E 212 38.24 18.40 -15.94
N LYS E 213 38.97 18.83 -14.94
CA LYS E 213 38.44 18.94 -13.60
C LYS E 213 38.83 20.29 -13.12
N ALA E 214 37.91 20.96 -12.44
CA ALA E 214 38.19 22.29 -11.91
C ALA E 214 37.66 22.36 -10.50
N LYS E 215 37.40 23.58 -10.05
CA LYS E 215 36.84 23.80 -8.73
C LYS E 215 35.69 24.78 -8.83
N LEU E 216 34.97 25.01 -7.74
CA LEU E 216 33.89 25.97 -7.84
C LEU E 216 34.42 27.28 -7.35
N ASP E 217 35.48 27.78 -7.98
CA ASP E 217 36.07 29.03 -7.53
C ASP E 217 35.16 30.14 -7.86
N LYS E 218 34.56 30.08 -9.02
CA LYS E 218 33.66 31.16 -9.32
C LYS E 218 32.26 30.77 -9.00
N ASP E 219 31.34 31.65 -9.34
CA ASP E 219 29.97 31.42 -9.04
C ASP E 219 29.10 32.04 -10.10
N GLY E 220 27.95 31.42 -10.34
CA GLY E 220 27.02 31.84 -11.36
C GLY E 220 27.86 31.68 -12.61
N MET E 221 28.86 30.80 -12.51
CA MET E 221 29.79 30.67 -13.59
C MET E 221 30.05 29.37 -14.30
N TYR E 222 30.22 28.29 -13.57
CA TYR E 222 30.47 27.09 -14.34
C TYR E 222 29.08 26.65 -14.72
N PRO E 223 28.82 26.53 -16.02
CA PRO E 223 27.49 26.12 -16.49
C PRO E 223 27.28 24.70 -16.06
N VAL E 224 26.08 24.40 -15.63
CA VAL E 224 25.87 23.06 -15.19
C VAL E 224 25.86 22.14 -16.35
N GLU E 225 25.71 22.75 -17.50
CA GLU E 225 25.71 22.02 -18.74
C GLU E 225 27.00 21.22 -18.97
N ILE E 226 28.04 21.59 -18.20
CA ILE E 226 29.39 21.02 -18.31
C ILE E 226 29.99 20.34 -17.07
N TRP E 227 30.03 21.14 -16.01
CA TRP E 227 30.60 20.73 -14.75
C TRP E 227 29.77 19.84 -13.81
N HIS E 228 30.39 18.74 -13.40
CA HIS E 228 29.74 17.84 -12.49
C HIS E 228 30.53 17.66 -11.26
N PRO E 229 29.84 17.34 -10.17
CA PRO E 229 30.43 17.10 -8.87
C PRO E 229 31.19 15.85 -9.14
N ASP E 230 32.48 16.02 -9.26
CA ASP E 230 33.34 14.93 -9.58
C ASP E 230 33.64 14.17 -8.32
N PRO E 231 33.48 12.81 -8.38
CA PRO E 231 33.78 11.99 -7.21
C PRO E 231 35.31 11.87 -7.17
N ALA E 232 35.88 12.96 -6.65
CA ALA E 232 37.31 13.01 -6.47
C ALA E 232 37.36 11.95 -5.39
N LYS E 233 38.32 11.10 -5.59
CA LYS E 233 38.65 10.06 -4.69
C LYS E 233 38.77 10.55 -3.27
N ASN E 234 38.84 11.86 -3.13
CA ASN E 234 38.96 12.57 -1.86
C ASN E 234 37.92 13.69 -1.87
N GLU E 235 37.21 13.88 -0.75
CA GLU E 235 36.21 14.93 -0.67
C GLU E 235 35.84 15.38 0.74
N ASN E 236 35.66 16.69 0.89
CA ASN E 236 35.32 17.30 2.18
C ASN E 236 33.94 17.99 2.06
N THR E 237 33.26 17.73 0.95
CA THR E 237 31.94 18.27 0.68
C THR E 237 30.96 17.10 0.61
N ARG E 238 29.69 17.39 0.75
CA ARG E 238 28.68 16.35 0.69
C ARG E 238 27.86 16.82 -0.43
N TYR E 239 27.49 15.96 -1.35
CA TYR E 239 26.64 16.51 -2.37
C TYR E 239 25.73 15.47 -2.82
N PHE E 240 24.67 15.96 -3.42
CA PHE E 240 23.62 15.11 -3.92
C PHE E 240 22.86 15.90 -4.85
N GLY E 241 22.19 15.15 -5.71
CA GLY E 241 21.35 15.73 -6.69
C GLY E 241 20.85 14.63 -7.56
N ASN E 242 20.02 14.99 -8.52
CA ASN E 242 19.46 14.03 -9.44
C ASN E 242 19.02 14.74 -10.71
N TYR E 243 19.04 13.96 -11.80
CA TYR E 243 18.65 14.48 -13.09
C TYR E 243 17.35 13.88 -13.42
N THR E 244 16.55 14.68 -14.11
CA THR E 244 15.26 14.23 -14.53
C THR E 244 15.10 14.74 -15.93
N GLY E 245 15.42 13.87 -16.88
CA GLY E 245 15.34 14.22 -18.28
C GLY E 245 13.98 14.46 -18.83
N GLY E 246 13.91 14.91 -20.09
CA GLY E 246 12.62 15.11 -20.70
C GLY E 246 12.21 16.46 -21.24
N THR E 247 11.26 16.38 -22.17
CA THR E 247 10.68 17.53 -22.86
C THR E 247 9.54 18.18 -22.09
N THR E 248 8.55 17.34 -21.75
CA THR E 248 7.34 17.71 -20.99
C THR E 248 7.71 17.49 -19.53
N THR E 249 7.89 16.21 -19.18
CA THR E 249 8.39 15.84 -17.87
C THR E 249 7.97 16.77 -16.71
N PRO E 250 6.82 16.51 -16.13
CA PRO E 250 6.30 17.31 -15.03
C PRO E 250 7.16 17.44 -13.84
N PRO E 251 7.23 18.65 -13.30
CA PRO E 251 7.97 19.11 -12.14
C PRO E 251 7.37 18.55 -10.88
N VAL E 252 8.21 18.45 -9.85
CA VAL E 252 7.77 17.92 -8.58
C VAL E 252 8.68 18.45 -7.54
N LEU E 253 8.23 18.54 -6.31
CA LEU E 253 9.12 19.10 -5.32
C LEU E 253 8.62 18.93 -3.92
N GLN E 254 9.52 19.11 -2.95
CA GLN E 254 9.23 18.95 -1.53
C GLN E 254 9.36 20.05 -0.52
N PHE E 255 8.20 20.41 -0.03
CA PHE E 255 8.12 21.43 0.96
C PHE E 255 8.27 20.89 2.33
N THR E 256 9.39 21.15 2.97
CA THR E 256 9.46 20.81 4.37
C THR E 256 10.49 21.22 5.37
N ASN E 257 9.84 21.49 6.49
CA ASN E 257 10.39 21.94 7.71
C ASN E 257 11.25 20.84 8.21
N THR E 258 10.59 19.95 8.93
CA THR E 258 11.07 18.74 9.57
C THR E 258 12.42 18.04 9.30
N LEU E 259 12.80 17.97 8.03
CA LEU E 259 14.02 17.24 7.61
C LEU E 259 15.46 17.69 7.57
N THR E 260 16.24 17.03 8.43
CA THR E 260 17.65 17.32 8.55
C THR E 260 18.45 16.23 7.94
N THR E 261 19.58 16.66 7.40
CA THR E 261 20.47 15.76 6.74
C THR E 261 21.82 15.91 7.27
N VAL E 262 22.46 14.76 7.36
CA VAL E 262 23.79 14.72 7.92
C VAL E 262 24.96 14.62 7.03
N LEU E 263 25.75 15.65 7.25
CA LEU E 263 26.98 15.87 6.59
C LEU E 263 27.91 14.94 7.28
N LEU E 264 27.52 14.45 8.45
CA LEU E 264 28.44 13.58 9.12
C LEU E 264 28.92 12.48 8.22
N ASP E 265 30.24 12.45 8.15
CA ASP E 265 30.93 11.51 7.29
C ASP E 265 30.94 10.10 7.85
N GLU E 266 31.53 9.17 7.11
CA GLU E 266 31.57 7.78 7.53
C GLU E 266 32.17 7.54 8.91
N ASN E 267 32.99 8.44 9.44
CA ASN E 267 33.59 8.20 10.75
C ASN E 267 33.11 9.17 11.75
N GLY E 268 31.97 9.74 11.43
CA GLY E 268 31.33 10.72 12.31
C GLY E 268 32.17 11.96 12.33
N VAL E 269 32.56 12.34 11.16
CA VAL E 269 33.43 13.43 11.10
C VAL E 269 32.82 14.60 10.48
N GLY E 270 32.07 14.38 9.42
CA GLY E 270 31.43 15.49 8.75
C GLY E 270 32.44 16.37 8.05
N PRO E 271 32.03 17.55 7.56
CA PRO E 271 33.04 18.36 6.91
C PRO E 271 33.64 19.30 7.89
N LEU E 272 34.83 19.71 7.52
CA LEU E 272 35.59 20.62 8.32
C LEU E 272 35.93 21.73 7.40
N CYS E 273 35.75 22.93 7.88
CA CYS E 273 36.06 24.04 7.05
C CYS E 273 37.56 24.20 6.96
N LYS E 274 38.11 23.85 5.79
CA LYS E 274 39.55 24.06 5.53
C LYS E 274 39.44 25.58 5.37
N GLY E 275 40.35 26.30 5.99
CA GLY E 275 40.19 27.74 5.88
C GLY E 275 39.09 27.90 6.87
N GLU E 276 38.66 29.11 7.12
CA GLU E 276 37.61 29.12 8.11
C GLU E 276 36.31 29.16 7.31
N GLY E 277 36.40 28.55 6.11
CA GLY E 277 35.29 28.52 5.16
C GLY E 277 34.21 27.44 5.10
N LEU E 278 33.00 27.91 4.87
CA LEU E 278 31.88 27.00 4.74
C LEU E 278 31.38 27.21 3.31
N TYR E 279 31.26 26.12 2.56
CA TYR E 279 30.86 26.16 1.16
C TYR E 279 29.54 25.49 0.78
N LEU E 280 28.59 26.32 0.39
CA LEU E 280 27.31 25.79 -0.03
C LEU E 280 27.37 25.91 -1.52
N SER E 281 26.82 24.92 -2.22
CA SER E 281 26.84 24.89 -3.66
C SER E 281 25.56 24.15 -4.11
N CYS E 282 24.91 24.55 -5.22
CA CYS E 282 23.66 23.89 -5.69
C CYS E 282 23.06 24.41 -7.00
N VAL E 283 21.99 23.77 -7.48
CA VAL E 283 21.34 24.18 -8.73
C VAL E 283 19.93 23.73 -8.73
N ASP E 284 19.02 24.53 -9.23
CA ASP E 284 17.66 24.04 -9.18
C ASP E 284 16.76 24.34 -10.35
N ILE E 285 16.93 23.52 -11.35
CA ILE E 285 16.20 23.68 -12.56
C ILE E 285 14.86 22.96 -12.51
N MET E 286 13.79 23.71 -12.72
CA MET E 286 12.47 23.12 -12.72
C MET E 286 12.03 22.82 -14.11
N GLY E 287 12.78 23.32 -15.07
CA GLY E 287 12.40 23.10 -16.45
C GLY E 287 12.10 24.41 -17.17
N TRP E 288 11.63 24.33 -18.41
CA TRP E 288 11.36 25.51 -19.19
C TRP E 288 9.98 26.06 -19.30
N ARG E 289 9.98 27.40 -19.32
CA ARG E 289 8.80 28.21 -19.54
C ARG E 289 8.93 28.40 -21.04
N VAL E 290 7.81 28.25 -21.80
CA VAL E 290 7.76 28.45 -23.25
C VAL E 290 6.99 29.64 -23.67
N THR E 291 7.52 30.52 -24.51
CA THR E 291 6.74 31.73 -24.83
C THR E 291 5.57 31.58 -25.80
N ARG E 292 4.44 32.18 -25.39
CA ARG E 292 3.22 32.24 -26.17
C ARG E 292 3.68 33.28 -27.14
N ASN E 293 4.46 32.85 -28.11
CA ASN E 293 5.01 33.76 -29.08
C ASN E 293 5.51 32.81 -30.12
N TYR E 294 6.53 32.11 -29.72
CA TYR E 294 7.17 31.17 -30.58
C TYR E 294 7.65 30.09 -29.68
N ASP E 295 8.66 29.39 -30.13
CA ASP E 295 9.15 28.36 -29.30
C ASP E 295 10.41 28.73 -28.62
N VAL E 296 10.32 29.86 -27.97
CA VAL E 296 11.41 30.38 -27.20
C VAL E 296 11.22 29.60 -25.93
N HIS E 297 12.17 28.74 -25.66
CA HIS E 297 12.07 27.87 -24.53
C HIS E 297 12.81 28.24 -23.28
N HIS E 298 13.03 29.49 -22.92
CA HIS E 298 13.85 29.68 -21.70
C HIS E 298 13.41 29.15 -20.32
N TRP E 299 14.33 28.42 -19.67
CA TRP E 299 14.01 27.75 -18.43
C TRP E 299 14.16 28.37 -17.09
N ARG E 300 13.25 28.02 -16.17
CA ARG E 300 13.22 28.56 -14.79
C ARG E 300 13.83 27.78 -13.66
N GLY E 301 14.29 28.55 -12.66
CA GLY E 301 14.90 27.98 -11.49
C GLY E 301 14.40 28.62 -10.21
N LEU E 302 14.54 27.87 -9.13
CA LEU E 302 14.12 28.29 -7.81
C LEU E 302 15.33 28.37 -6.93
N PRO E 303 15.19 29.12 -5.86
CA PRO E 303 16.26 29.31 -4.90
C PRO E 303 16.27 28.23 -3.82
N ARG E 304 17.32 28.29 -2.99
CA ARG E 304 17.49 27.32 -1.93
C ARG E 304 17.97 27.80 -0.56
N TYR E 305 17.35 27.21 0.45
CA TYR E 305 17.59 27.51 1.85
C TYR E 305 18.61 26.56 2.37
N PHE E 306 19.34 26.98 3.38
CA PHE E 306 20.31 26.10 3.98
C PHE E 306 20.38 26.33 5.44
N LYS E 307 20.25 25.28 6.22
CA LYS E 307 20.40 25.48 7.64
C LYS E 307 21.52 24.56 8.07
N ILE E 308 22.70 25.17 8.15
CA ILE E 308 23.86 24.43 8.54
C ILE E 308 24.06 24.56 10.00
N THR E 309 24.20 23.40 10.59
CA THR E 309 24.37 23.21 12.01
C THR E 309 25.80 22.77 12.14
N LEU E 310 26.60 23.53 12.88
CA LEU E 310 27.98 23.12 13.02
C LEU E 310 28.65 23.44 14.34
N ARG E 311 29.69 22.65 14.62
CA ARG E 311 30.46 22.68 15.86
C ARG E 311 31.97 22.88 15.79
N LYS E 312 32.54 22.95 16.98
CA LYS E 312 33.97 23.15 17.18
C LYS E 312 34.64 21.80 17.34
N ARG E 313 35.33 21.35 16.30
CA ARG E 313 35.97 20.04 16.38
C ARG E 313 37.45 20.02 16.66
N TRP E 314 37.87 19.09 17.49
CA TRP E 314 39.26 18.94 17.77
C TRP E 314 39.83 18.08 16.69
N VAL E 315 40.96 18.53 16.18
CA VAL E 315 41.66 17.90 15.09
C VAL E 315 43.09 17.81 15.50
N LYS E 316 43.92 17.37 14.59
CA LYS E 316 45.33 17.24 14.85
C LYS E 316 46.01 17.80 13.63
N ASN E 317 47.02 18.64 13.81
CA ASN E 317 47.70 19.15 12.66
C ASN E 317 48.53 18.04 12.10
N PRO E 318 48.27 17.74 10.84
CA PRO E 318 48.96 16.68 10.11
C PRO E 318 50.35 17.10 9.73
N TYR E 319 50.46 18.33 9.28
CA TYR E 319 51.69 18.90 8.78
C TYR E 319 52.79 19.27 9.76
N PRO E 320 53.98 19.61 9.24
CA PRO E 320 55.09 19.99 10.10
C PRO E 320 55.49 21.47 9.96
N MET E 321 55.75 22.07 11.13
CA MET E 321 56.16 23.46 11.31
C MET E 321 56.98 23.87 10.10
N ALA E 322 58.05 23.13 9.92
CA ALA E 322 58.95 23.34 8.82
C ALA E 322 58.17 23.69 7.56
N SER E 323 57.50 22.67 7.02
CA SER E 323 56.73 22.80 5.81
C SER E 323 55.91 24.06 5.90
N LEU E 324 55.10 24.11 6.92
CA LEU E 324 54.22 25.24 7.14
C LEU E 324 54.85 26.58 6.90
N ILE E 325 55.95 26.81 7.60
CA ILE E 325 56.66 28.06 7.48
C ILE E 325 57.00 28.18 6.02
N SER E 326 57.81 27.24 5.58
CA SER E 326 58.27 27.24 4.23
C SER E 326 57.17 27.63 3.28
N SER E 327 56.07 26.90 3.37
CA SER E 327 54.93 27.15 2.53
C SER E 327 54.66 28.62 2.63
N LEU E 328 54.33 29.04 3.84
CA LEU E 328 54.06 30.43 4.12
C LEU E 328 55.06 31.34 3.41
N PHE E 329 56.33 31.11 3.67
CA PHE E 329 57.34 31.93 3.05
C PHE E 329 57.27 31.84 1.55
N ASN E 330 57.41 30.64 1.03
CA ASN E 330 57.39 30.43 -0.40
C ASN E 330 56.24 31.12 -1.08
N ASN E 331 55.20 31.43 -0.32
CA ASN E 331 54.06 32.12 -0.87
C ASN E 331 54.34 33.60 -0.93
N MET E 332 55.15 34.05 0.00
CA MET E 332 55.58 35.46 0.09
C MET E 332 56.42 35.81 -1.11
N LEU E 333 57.53 35.10 -1.20
CA LEU E 333 58.49 35.32 -2.25
C LEU E 333 57.88 35.11 -3.61
N PRO E 334 58.00 36.12 -4.45
CA PRO E 334 57.47 36.10 -5.80
C PRO E 334 58.16 35.03 -6.59
N GLN E 335 57.63 34.79 -7.78
CA GLN E 335 58.26 33.79 -8.58
C GLN E 335 59.37 34.19 -9.48
N VAL E 336 60.39 33.38 -9.37
CA VAL E 336 61.62 33.56 -10.08
C VAL E 336 61.90 32.43 -11.05
N GLN E 337 62.54 33.67 -11.90
CA GLN E 337 63.05 33.17 -13.17
C GLN E 337 64.50 32.73 -13.04
N GLY E 338 65.40 33.61 -13.48
CA GLY E 338 66.82 33.34 -13.38
C GLY E 338 67.45 32.12 -14.05
N GLN E 339 68.76 32.04 -13.89
CA GLN E 339 69.51 30.96 -14.45
C GLN E 339 69.13 29.66 -13.78
N PRO E 340 69.51 28.57 -14.42
CA PRO E 340 69.28 27.19 -14.05
C PRO E 340 70.19 26.61 -13.00
N MET E 341 69.78 26.68 -11.75
CA MET E 341 70.60 26.08 -10.72
C MET E 341 70.14 24.66 -10.48
N GLU E 342 69.35 24.21 -11.43
CA GLU E 342 68.81 22.87 -11.44
C GLU E 342 68.55 22.64 -12.92
N GLY E 343 68.33 21.39 -13.30
CA GLY E 343 68.00 21.15 -14.69
C GLY E 343 69.05 20.42 -15.47
N GLU E 344 69.16 20.79 -16.73
CA GLU E 344 70.11 20.14 -17.59
C GLU E 344 71.38 20.96 -17.64
N ASN E 345 71.17 22.25 -17.82
CA ASN E 345 72.30 23.16 -17.93
C ASN E 345 72.58 23.83 -16.58
N THR E 346 72.48 23.05 -15.52
CA THR E 346 72.69 23.55 -14.17
C THR E 346 74.05 24.20 -14.10
N GLN E 347 74.05 25.47 -13.76
CA GLN E 347 75.26 26.26 -13.68
C GLN E 347 75.92 26.05 -12.34
N VAL E 348 75.58 24.92 -11.74
CA VAL E 348 76.13 24.47 -10.50
C VAL E 348 77.22 23.61 -11.05
N GLU E 349 78.42 23.71 -10.51
CA GLU E 349 79.47 22.88 -11.04
C GLU E 349 79.81 21.75 -10.08
N GLU E 350 79.47 21.96 -8.82
CA GLU E 350 79.74 20.95 -7.84
C GLU E 350 79.30 21.30 -6.45
N VAL E 351 79.15 20.25 -5.66
CA VAL E 351 78.74 20.35 -4.29
C VAL E 351 79.34 19.20 -3.53
N ARG E 352 79.69 19.50 -2.30
CA ARG E 352 80.26 18.51 -1.43
C ARG E 352 79.71 18.83 -0.09
N VAL E 353 79.75 17.84 0.78
CA VAL E 353 79.24 18.08 2.08
C VAL E 353 80.12 17.33 2.98
N TYR E 354 80.58 17.99 4.03
CA TYR E 354 81.43 17.36 5.03
C TYR E 354 80.75 17.51 6.34
N ASP E 355 81.23 16.72 7.30
CA ASP E 355 80.75 16.82 8.65
C ASP E 355 81.84 16.29 9.55
N GLY E 356 82.58 15.32 9.06
CA GLY E 356 83.63 14.78 9.89
C GLY E 356 84.99 15.49 9.97
N THR E 357 86.01 14.67 10.24
CA THR E 357 87.37 15.10 10.37
C THR E 357 88.34 13.95 10.20
N GLU E 358 88.74 13.72 8.97
CA GLU E 358 89.67 12.66 8.75
C GLU E 358 91.07 13.19 8.67
N PRO E 359 92.01 12.27 8.66
CA PRO E 359 93.37 12.76 8.56
C PRO E 359 93.56 12.96 7.08
N VAL E 360 94.20 14.06 6.80
CA VAL E 360 94.47 14.45 5.46
C VAL E 360 94.66 13.37 4.46
N PRO E 361 93.69 13.24 3.61
CA PRO E 361 93.63 12.30 2.53
C PRO E 361 94.63 12.68 1.46
N GLY E 362 95.30 11.64 0.98
CA GLY E 362 96.30 11.75 -0.06
C GLY E 362 95.81 12.41 -1.33
N ASP E 363 94.71 11.96 -1.89
CA ASP E 363 94.20 12.62 -3.09
C ASP E 363 93.12 13.53 -2.68
N PRO E 364 93.32 14.78 -2.94
CA PRO E 364 92.41 15.87 -2.62
C PRO E 364 91.32 15.83 -3.68
N ASP E 365 91.73 15.79 -4.93
CA ASP E 365 90.75 15.70 -5.99
C ASP E 365 90.38 14.22 -5.95
N MET E 366 89.73 13.85 -4.87
CA MET E 366 89.32 12.49 -4.64
C MET E 366 87.83 12.65 -4.46
N THR E 367 87.08 11.58 -4.68
CA THR E 367 85.63 11.62 -4.55
C THR E 367 85.09 10.70 -3.49
N ARG E 368 83.87 10.97 -3.10
CA ARG E 368 83.21 10.17 -2.13
C ARG E 368 81.74 10.33 -2.34
N TYR E 369 81.10 9.20 -2.55
CA TYR E 369 79.69 9.21 -2.72
C TYR E 369 79.28 8.04 -1.87
N VAL E 370 78.38 8.30 -0.93
CA VAL E 370 77.86 7.24 -0.08
C VAL E 370 76.65 6.84 -0.89
N ASP E 371 76.98 6.16 -1.99
CA ASP E 371 76.05 5.67 -3.00
C ASP E 371 74.65 5.37 -2.47
N ARG E 372 74.52 4.16 -1.91
CA ARG E 372 73.25 3.70 -1.36
C ARG E 372 73.56 2.75 -0.21
N PHE E 373 74.84 2.68 0.15
CA PHE E 373 75.28 1.79 1.21
C PHE E 373 76.20 2.47 2.22
N GLY E 374 77.50 2.36 1.95
CA GLY E 374 78.49 2.98 2.81
C GLY E 374 79.15 4.05 1.96
N LYS E 375 80.03 4.84 2.57
CA LYS E 375 80.71 5.90 1.85
C LYS E 375 81.84 5.29 1.05
N THR E 376 81.90 5.62 -0.23
CA THR E 376 82.95 5.09 -1.10
C THR E 376 83.95 6.18 -1.48
N LYS E 377 85.24 5.86 -1.37
CA LYS E 377 86.28 6.80 -1.76
C LYS E 377 86.75 6.23 -3.09
N THR E 378 86.56 6.98 -4.18
CA THR E 378 86.91 6.51 -5.52
C THR E 378 87.95 7.28 -6.32
N VAL E 379 88.77 6.52 -7.06
CA VAL E 379 89.79 7.09 -7.91
C VAL E 379 88.95 7.65 -9.06
N PHE E 380 89.62 7.88 -10.16
CA PHE E 380 88.94 8.38 -11.33
C PHE E 380 89.47 7.49 -12.45
N PRO E 381 88.60 7.18 -13.45
CA PRO E 381 88.87 6.33 -14.63
C PRO E 381 90.30 5.80 -14.91
N GLY E 382 90.42 4.54 -14.52
CA GLY E 382 91.62 3.74 -14.61
C GLY E 382 91.22 2.46 -13.89
N ASN E 383 89.98 2.44 -13.36
CA ASN E 383 89.40 1.30 -12.64
C ASN E 383 88.18 0.75 -13.41
N ALA F 18 -47.83 -42.49 70.04
CA ALA F 18 -49.24 -42.21 69.72
C ALA F 18 -50.09 -43.49 69.45
N CYS F 19 -51.19 -43.31 68.73
CA CYS F 19 -52.10 -44.41 68.41
C CYS F 19 -51.80 -44.84 66.95
N PRO F 20 -52.84 -45.10 66.10
CA PRO F 20 -52.35 -45.48 64.78
C PRO F 20 -51.72 -44.30 64.04
N ARG F 21 -51.10 -44.59 62.89
CA ARG F 21 -50.43 -43.58 62.06
C ARG F 21 -50.67 -43.94 60.59
N PRO F 22 -51.71 -43.35 59.96
CA PRO F 22 -52.01 -43.63 58.57
C PRO F 22 -50.81 -43.59 57.72
N ALA F 23 -50.99 -44.10 56.53
CA ALA F 23 -49.90 -44.13 55.61
C ALA F 23 -49.61 -42.72 55.09
N PRO F 24 -48.35 -42.45 54.84
CA PRO F 24 -47.92 -41.17 54.34
C PRO F 24 -48.17 -41.16 52.89
N VAL F 25 -48.69 -40.04 52.49
CA VAL F 25 -49.10 -39.77 51.15
C VAL F 25 -48.62 -38.35 50.88
N PRO F 26 -48.38 -38.03 49.63
CA PRO F 26 -47.95 -36.67 49.32
C PRO F 26 -49.09 -35.76 49.72
N LYS F 27 -48.75 -34.76 50.53
CA LYS F 27 -49.72 -33.78 51.01
C LYS F 27 -50.13 -32.80 49.91
N LEU F 28 -51.43 -32.73 49.66
CA LEU F 28 -51.91 -31.81 48.65
C LEU F 28 -51.90 -30.46 49.29
N LEU F 29 -51.41 -29.48 48.54
CA LEU F 29 -51.36 -28.13 49.03
C LEU F 29 -52.60 -27.39 48.76
N ILE F 30 -53.04 -27.48 47.52
CA ILE F 30 -54.25 -26.81 47.19
C ILE F 30 -54.62 -27.25 45.83
N LYS F 31 -55.90 -27.24 45.57
CA LYS F 31 -56.31 -27.63 44.26
C LYS F 31 -57.17 -26.49 43.87
N GLY F 32 -57.52 -26.47 42.59
CA GLY F 32 -58.36 -25.42 42.02
C GLY F 32 -57.79 -25.16 40.63
N GLY F 33 -58.33 -24.16 39.94
CA GLY F 33 -57.84 -23.83 38.60
C GLY F 33 -56.37 -23.40 38.47
N MET F 34 -56.04 -22.98 37.25
CA MET F 34 -54.69 -22.58 36.94
C MET F 34 -54.06 -21.66 37.96
N GLU F 35 -54.85 -20.81 38.56
CA GLU F 35 -54.34 -19.87 39.54
C GLU F 35 -53.75 -20.54 40.76
N VAL F 36 -54.23 -21.71 41.06
CA VAL F 36 -53.71 -22.41 42.19
C VAL F 36 -52.17 -22.38 42.08
N LEU F 37 -51.69 -22.55 40.85
CA LEU F 37 -50.25 -22.59 40.48
C LEU F 37 -49.45 -21.54 41.13
N ASP F 38 -50.06 -20.37 41.14
CA ASP F 38 -49.51 -19.14 41.66
C ASP F 38 -49.00 -19.25 43.06
N LEU F 39 -49.66 -20.07 43.85
CA LEU F 39 -49.14 -20.20 45.19
C LEU F 39 -47.74 -20.69 45.03
N VAL F 40 -46.84 -20.00 45.70
CA VAL F 40 -45.40 -20.23 45.76
C VAL F 40 -44.86 -21.65 45.97
N THR F 41 -45.37 -22.57 45.19
CA THR F 41 -45.00 -23.98 45.21
C THR F 41 -43.86 -24.44 46.15
N GLY F 42 -42.64 -24.01 45.90
CA GLY F 42 -41.54 -24.47 46.72
C GLY F 42 -40.59 -24.99 45.68
N PRO F 43 -39.93 -26.15 45.87
CA PRO F 43 -39.02 -26.62 44.83
C PRO F 43 -39.34 -28.05 44.36
N ASP F 44 -39.79 -28.88 45.28
CA ASP F 44 -40.12 -30.26 45.00
C ASP F 44 -41.60 -30.40 44.82
N SER F 45 -42.24 -29.24 44.86
CA SER F 45 -43.67 -29.15 44.70
C SER F 45 -44.03 -29.73 43.37
N VAL F 46 -45.20 -30.35 43.35
CA VAL F 46 -45.64 -30.92 42.11
C VAL F 46 -47.02 -30.51 41.73
N THR F 47 -47.17 -30.44 40.45
CA THR F 47 -48.41 -30.00 40.00
C THR F 47 -48.98 -30.93 39.00
N GLU F 48 -50.27 -31.10 39.18
CA GLU F 48 -51.05 -31.96 38.33
C GLU F 48 -52.02 -31.04 37.63
N ILE F 49 -51.95 -31.06 36.32
CA ILE F 49 -52.85 -30.24 35.54
C ILE F 49 -53.55 -31.13 34.56
N GLU F 50 -54.87 -31.00 34.52
CA GLU F 50 -55.66 -31.78 33.62
C GLU F 50 -56.48 -30.87 32.80
N ALA F 51 -56.49 -31.13 31.52
CA ALA F 51 -57.29 -30.32 30.66
C ALA F 51 -57.73 -31.25 29.63
N PHE F 52 -58.04 -30.68 28.50
CA PHE F 52 -58.47 -31.48 27.43
C PHE F 52 -58.57 -30.58 26.27
N LEU F 53 -58.70 -31.19 25.11
CA LEU F 53 -58.83 -30.46 23.89
C LEU F 53 -60.06 -31.09 23.31
N ASN F 54 -60.92 -30.25 22.76
CA ASN F 54 -62.08 -30.78 22.10
C ASN F 54 -61.52 -30.97 20.68
N PRO F 55 -61.97 -32.01 19.99
CA PRO F 55 -61.51 -32.34 18.63
C PRO F 55 -61.93 -31.37 17.54
N ARG F 56 -61.01 -30.57 17.02
CA ARG F 56 -61.40 -29.63 15.98
C ARG F 56 -61.13 -30.05 14.51
N MET F 57 -61.98 -30.96 14.03
CA MET F 57 -61.93 -31.50 12.68
C MET F 57 -63.25 -31.19 12.03
N GLY F 58 -63.18 -30.35 11.01
CA GLY F 58 -64.36 -29.92 10.27
C GLY F 58 -65.08 -28.67 10.78
N GLN F 59 -66.30 -28.89 11.28
CA GLN F 59 -67.13 -27.82 11.77
C GLN F 59 -66.61 -27.25 13.06
N PRO F 60 -66.40 -25.95 13.07
CA PRO F 60 -65.92 -25.15 14.19
C PRO F 60 -67.11 -24.90 15.06
N PRO F 61 -66.86 -24.44 16.28
CA PRO F 61 -67.92 -24.15 17.25
C PRO F 61 -68.96 -23.14 16.73
N THR F 62 -68.68 -21.86 16.96
CA THR F 62 -69.48 -20.70 16.58
C THR F 62 -70.89 -20.87 16.01
N PRO F 63 -71.01 -21.42 14.79
CA PRO F 63 -72.41 -21.53 14.39
C PRO F 63 -73.02 -22.55 15.37
N GLU F 64 -73.50 -22.04 16.51
CA GLU F 64 -74.02 -22.85 17.59
C GLU F 64 -75.35 -23.53 17.46
N SER F 65 -76.33 -22.87 16.89
CA SER F 65 -77.57 -23.58 16.81
C SER F 65 -77.43 -24.67 15.82
N LEU F 66 -77.94 -25.80 16.22
CA LEU F 66 -77.93 -27.01 15.44
C LEU F 66 -78.83 -26.92 14.22
N THR F 67 -79.10 -25.70 13.80
CA THR F 67 -79.92 -25.46 12.63
C THR F 67 -79.01 -24.62 11.75
N GLU F 68 -78.23 -23.78 12.42
CA GLU F 68 -77.27 -22.86 11.80
C GLU F 68 -76.12 -23.64 11.21
N GLY F 69 -75.33 -24.21 12.09
CA GLY F 69 -74.21 -24.99 11.63
C GLY F 69 -74.62 -26.45 11.63
N GLY F 70 -75.94 -26.66 11.72
CA GLY F 70 -76.51 -28.01 11.75
C GLY F 70 -75.94 -28.85 12.89
N GLN F 71 -74.90 -28.31 13.50
CA GLN F 71 -74.14 -28.90 14.57
C GLN F 71 -73.59 -30.25 14.30
N TYR F 72 -72.67 -30.02 13.40
CA TYR F 72 -71.80 -30.96 12.81
C TYR F 72 -70.53 -30.70 13.65
N TYR F 73 -70.68 -29.93 14.73
CA TYR F 73 -69.55 -29.63 15.57
C TYR F 73 -68.88 -30.94 15.88
N GLY F 74 -67.57 -30.97 15.74
CA GLY F 74 -66.86 -32.19 16.01
C GLY F 74 -67.33 -33.22 15.00
N TRP F 75 -67.30 -32.77 13.76
CA TRP F 75 -67.69 -33.62 12.68
C TRP F 75 -67.25 -32.91 11.45
N SER F 76 -66.57 -33.65 10.58
CA SER F 76 -66.12 -33.16 9.27
C SER F 76 -67.46 -32.80 8.69
N ARG F 77 -67.61 -31.53 8.34
CA ARG F 77 -68.87 -31.03 7.84
C ARG F 77 -69.40 -31.91 6.77
N GLY F 78 -68.91 -31.70 5.58
CA GLY F 78 -69.40 -32.52 4.53
C GLY F 78 -68.22 -33.27 4.06
N ILE F 79 -68.45 -34.02 3.03
CA ILE F 79 -67.40 -34.76 2.45
C ILE F 79 -67.31 -34.28 1.02
N ASN F 80 -66.52 -33.22 0.88
CA ASN F 80 -66.30 -32.58 -0.40
C ASN F 80 -65.41 -33.43 -1.28
N LEU F 81 -65.99 -34.04 -2.30
CA LEU F 81 -65.20 -34.87 -3.20
C LEU F 81 -64.42 -34.03 -4.21
N ALA F 82 -63.74 -34.69 -5.13
CA ALA F 82 -63.00 -33.98 -6.14
C ALA F 82 -63.68 -34.13 -7.51
N THR F 83 -63.18 -33.36 -8.48
CA THR F 83 -63.65 -33.33 -9.85
C THR F 83 -63.07 -34.42 -10.74
N SER F 84 -61.74 -34.47 -10.76
CA SER F 84 -61.02 -35.46 -11.53
C SER F 84 -59.57 -35.33 -11.18
N ASP F 85 -58.76 -36.27 -11.66
CA ASP F 85 -57.31 -36.31 -11.42
C ASP F 85 -56.75 -34.89 -11.48
N THR F 86 -57.42 -34.06 -12.28
CA THR F 86 -57.05 -32.66 -12.45
C THR F 86 -57.55 -31.72 -11.37
N GLU F 87 -58.75 -31.96 -10.89
CA GLU F 87 -59.31 -31.03 -9.93
C GLU F 87 -59.65 -31.65 -8.60
N ASP F 88 -58.87 -31.30 -7.58
CA ASP F 88 -59.15 -31.75 -6.23
C ASP F 88 -59.16 -30.60 -5.26
N SER F 89 -60.36 -30.15 -4.98
CA SER F 89 -60.47 -29.10 -4.02
C SER F 89 -61.09 -29.78 -2.84
N PRO F 90 -60.49 -29.60 -1.69
CA PRO F 90 -61.00 -30.20 -0.48
C PRO F 90 -62.16 -29.49 0.19
N GLY F 91 -61.97 -28.29 0.70
CA GLY F 91 -63.06 -27.61 1.37
C GLY F 91 -62.73 -27.63 2.86
N ASN F 92 -62.24 -26.50 3.33
CA ASN F 92 -61.81 -26.31 4.70
C ASN F 92 -62.59 -26.89 5.89
N ASN F 93 -63.70 -27.54 5.64
CA ASN F 93 -64.52 -28.11 6.70
C ASN F 93 -64.75 -29.53 6.29
N THR F 94 -63.87 -29.97 5.41
CA THR F 94 -63.87 -31.31 4.93
C THR F 94 -62.49 -31.71 5.33
N LEU F 95 -61.85 -30.83 6.07
CA LEU F 95 -60.51 -31.11 6.49
C LEU F 95 -60.20 -31.01 7.96
N PRO F 96 -60.12 -32.16 8.61
CA PRO F 96 -59.82 -32.23 10.03
C PRO F 96 -58.40 -31.69 10.17
N THR F 97 -58.23 -30.94 11.25
CA THR F 97 -57.01 -30.24 11.54
C THR F 97 -56.46 -30.51 12.93
N TRP F 98 -55.17 -30.31 13.09
CA TRP F 98 -54.46 -30.53 14.36
C TRP F 98 -55.00 -29.69 15.51
N SER F 99 -55.50 -30.35 16.57
CA SER F 99 -56.03 -29.65 17.76
C SER F 99 -54.89 -29.47 18.74
N MET F 100 -54.75 -28.27 19.31
CA MET F 100 -53.67 -28.04 20.27
C MET F 100 -53.95 -26.86 21.19
N ALA F 101 -53.07 -26.61 22.16
CA ALA F 101 -53.20 -25.49 23.09
C ALA F 101 -51.96 -25.31 23.93
N LYS F 102 -51.84 -24.17 24.60
CA LYS F 102 -50.68 -23.94 25.45
C LYS F 102 -51.08 -23.70 26.87
N LEU F 103 -50.44 -24.39 27.76
CA LEU F 103 -50.75 -24.21 29.14
C LEU F 103 -49.82 -23.20 29.61
N GLN F 104 -50.35 -22.06 30.01
CA GLN F 104 -49.43 -21.07 30.47
C GLN F 104 -49.07 -21.21 31.93
N LEU F 105 -47.83 -21.61 32.18
CA LEU F 105 -47.39 -21.80 33.54
C LEU F 105 -46.86 -20.55 34.17
N PRO F 106 -46.50 -20.60 35.45
CA PRO F 106 -45.99 -19.43 36.15
C PRO F 106 -44.57 -19.23 35.76
N MET F 107 -43.87 -18.48 36.61
CA MET F 107 -42.47 -18.16 36.45
C MET F 107 -41.83 -18.75 37.67
N LEU F 108 -40.69 -19.39 37.48
CA LEU F 108 -40.01 -20.00 38.60
C LEU F 108 -38.76 -19.19 38.95
N ASN F 109 -37.91 -19.73 39.82
CA ASN F 109 -36.69 -19.05 40.28
C ASN F 109 -35.48 -19.04 39.35
N GLU F 110 -34.66 -17.98 39.47
CA GLU F 110 -33.43 -17.81 38.69
C GLU F 110 -32.29 -17.57 39.67
N ASP F 111 -31.07 -17.70 39.16
CA ASP F 111 -29.91 -17.51 39.99
C ASP F 111 -28.84 -17.19 38.99
N LEU F 112 -29.15 -16.26 38.10
CA LEU F 112 -28.21 -15.82 37.06
C LEU F 112 -26.82 -15.62 37.64
N THR F 113 -26.79 -15.50 38.97
CA THR F 113 -25.58 -15.36 39.76
C THR F 113 -24.80 -16.65 39.59
N CYS F 114 -25.10 -17.62 40.45
CA CYS F 114 -24.49 -18.94 40.37
C CYS F 114 -25.32 -19.47 39.23
N ASP F 115 -25.00 -19.01 38.04
CA ASP F 115 -25.78 -19.34 36.86
C ASP F 115 -26.57 -20.60 36.82
N THR F 116 -27.86 -20.39 36.68
CA THR F 116 -28.78 -21.46 36.66
C THR F 116 -30.19 -20.89 36.57
N LEU F 117 -31.10 -21.76 36.22
CA LEU F 117 -32.46 -21.38 36.06
C LEU F 117 -33.26 -22.63 36.32
N GLN F 118 -34.31 -22.46 37.08
CA GLN F 118 -35.21 -23.53 37.46
C GLN F 118 -36.42 -23.46 36.51
N MET F 119 -36.76 -24.58 35.88
CA MET F 119 -37.91 -24.55 35.01
C MET F 119 -38.94 -25.67 35.07
N TRP F 120 -40.04 -25.42 34.37
CA TRP F 120 -41.14 -26.34 34.33
C TRP F 120 -40.81 -27.58 33.58
N GLU F 121 -40.97 -28.73 34.20
CA GLU F 121 -40.65 -29.99 33.55
C GLU F 121 -41.74 -31.02 33.52
N ALA F 122 -42.18 -31.34 32.31
CA ALA F 122 -43.22 -32.32 32.10
C ALA F 122 -42.61 -33.66 32.39
N VAL F 123 -43.39 -34.46 33.07
CA VAL F 123 -42.90 -35.73 33.48
C VAL F 123 -43.63 -36.91 32.95
N SER F 124 -44.87 -37.00 33.35
CA SER F 124 -45.69 -38.10 32.94
C SER F 124 -46.97 -37.48 32.58
N VAL F 125 -47.86 -38.31 32.13
CA VAL F 125 -49.05 -37.75 31.67
C VAL F 125 -50.02 -38.83 31.37
N LYS F 126 -51.19 -38.78 31.98
CA LYS F 126 -52.20 -39.76 31.62
C LYS F 126 -53.02 -39.03 30.57
N THR F 127 -53.52 -39.78 29.61
CA THR F 127 -54.39 -39.15 28.63
C THR F 127 -55.46 -40.17 28.40
N GLU F 128 -56.54 -39.73 27.77
CA GLU F 128 -57.65 -40.60 27.47
C GLU F 128 -58.61 -39.90 26.53
N VAL F 129 -59.13 -40.66 25.58
CA VAL F 129 -60.06 -40.10 24.61
C VAL F 129 -61.40 -40.55 25.07
N VAL F 130 -62.32 -39.62 25.14
CA VAL F 130 -63.60 -39.98 25.66
C VAL F 130 -64.75 -39.98 24.79
N GLY F 131 -65.69 -40.83 25.15
CA GLY F 131 -66.93 -40.84 24.41
C GLY F 131 -67.00 -41.93 23.41
N SER F 132 -66.24 -42.95 23.69
CA SER F 132 -66.25 -44.07 22.80
C SER F 132 -67.67 -44.60 22.87
N GLY F 133 -68.37 -44.28 23.97
CA GLY F 133 -69.75 -44.70 24.15
C GLY F 133 -70.70 -44.09 23.12
N SER F 134 -70.29 -42.92 22.67
CA SER F 134 -71.03 -42.19 21.70
C SER F 134 -71.25 -43.04 20.48
N LEU F 135 -70.30 -43.90 20.17
CA LEU F 135 -70.46 -44.67 18.96
C LEU F 135 -71.47 -45.80 19.05
N LEU F 136 -72.35 -45.66 20.04
CA LEU F 136 -73.41 -46.62 20.29
C LEU F 136 -74.84 -46.16 19.87
N ASP F 137 -74.98 -44.87 19.56
CA ASP F 137 -76.25 -44.34 19.08
C ASP F 137 -76.30 -44.91 17.70
N VAL F 138 -77.33 -45.68 17.41
CA VAL F 138 -77.40 -46.26 16.09
C VAL F 138 -78.66 -45.94 15.31
N HIS F 139 -79.33 -44.85 15.73
CA HIS F 139 -80.53 -44.34 15.08
C HIS F 139 -80.07 -43.09 14.31
N GLY F 140 -80.83 -42.01 14.32
CA GLY F 140 -80.44 -40.81 13.59
C GLY F 140 -80.44 -41.09 12.10
N PHE F 141 -80.06 -40.14 11.26
CA PHE F 141 -80.05 -40.53 9.87
C PHE F 141 -78.76 -40.80 9.18
N ASN F 142 -78.43 -42.09 9.23
CA ASN F 142 -77.24 -42.65 8.66
C ASN F 142 -77.76 -43.76 7.78
N LYS F 143 -77.01 -44.08 6.72
CA LYS F 143 -77.40 -45.15 5.79
C LYS F 143 -77.82 -46.28 6.67
N PRO F 144 -78.96 -46.88 6.40
CA PRO F 144 -79.22 -47.95 7.36
C PRO F 144 -78.52 -49.21 6.97
N THR F 145 -78.55 -50.17 7.89
CA THR F 145 -77.92 -51.46 7.67
C THR F 145 -78.44 -51.96 6.34
N ASP F 146 -79.76 -52.05 6.25
CA ASP F 146 -80.47 -52.47 5.04
C ASP F 146 -80.98 -51.19 4.39
N THR F 147 -80.69 -51.06 3.10
CA THR F 147 -81.07 -49.89 2.35
C THR F 147 -82.43 -50.05 1.70
N VAL F 148 -82.60 -51.24 1.11
CA VAL F 148 -83.80 -51.63 0.41
C VAL F 148 -85.01 -51.22 1.22
N ASN F 149 -85.30 -51.99 2.25
CA ASN F 149 -86.44 -51.71 3.07
C ASN F 149 -86.12 -50.50 3.93
N THR F 150 -84.92 -49.96 3.78
CA THR F 150 -84.50 -48.80 4.54
C THR F 150 -84.59 -49.21 5.99
N LYS F 151 -83.99 -50.33 6.33
CA LYS F 151 -84.05 -50.79 7.70
C LYS F 151 -82.74 -51.14 8.40
N GLY F 152 -82.85 -51.59 9.63
CA GLY F 152 -81.67 -51.99 10.36
C GLY F 152 -81.23 -51.15 11.52
N ILE F 153 -80.15 -50.41 11.28
CA ILE F 153 -79.51 -49.56 12.25
C ILE F 153 -79.01 -48.46 11.39
N SER F 154 -78.94 -47.25 11.91
CA SER F 154 -78.37 -46.18 11.11
C SER F 154 -76.89 -46.35 11.37
N THR F 155 -76.32 -47.19 10.50
CA THR F 155 -74.91 -47.58 10.43
C THR F 155 -73.96 -46.67 11.17
N PRO F 156 -73.33 -47.21 12.23
CA PRO F 156 -72.36 -46.53 13.10
C PRO F 156 -71.16 -46.04 12.36
N VAL F 157 -70.29 -45.37 13.11
CA VAL F 157 -69.09 -44.85 12.51
C VAL F 157 -68.28 -46.06 12.18
N GLU F 158 -67.53 -45.91 11.10
CA GLU F 158 -66.64 -46.94 10.62
C GLU F 158 -65.67 -46.15 9.74
N GLY F 159 -64.56 -46.76 9.32
CA GLY F 159 -63.60 -46.08 8.45
C GLY F 159 -62.24 -45.86 9.05
N SER F 160 -61.34 -45.26 8.26
CA SER F 160 -59.99 -44.98 8.76
C SER F 160 -60.04 -44.19 10.08
N GLN F 161 -59.12 -44.52 10.96
CA GLN F 161 -59.03 -43.82 12.22
C GLN F 161 -57.60 -43.33 12.48
N TYR F 162 -57.51 -42.26 13.29
CA TYR F 162 -56.24 -41.65 13.62
C TYR F 162 -56.32 -40.83 14.90
N HIS F 163 -55.39 -41.13 15.79
CA HIS F 163 -55.24 -40.45 17.07
C HIS F 163 -53.77 -40.28 17.21
N VAL F 164 -53.36 -39.13 17.69
CA VAL F 164 -51.96 -38.88 17.88
C VAL F 164 -52.03 -37.74 18.78
N PHE F 165 -50.98 -37.57 19.54
CA PHE F 165 -50.93 -36.46 20.45
C PHE F 165 -49.50 -36.32 20.90
N ALA F 166 -49.30 -35.30 21.72
CA ALA F 166 -47.98 -35.05 22.21
C ALA F 166 -47.99 -34.06 23.27
N VAL F 167 -47.02 -34.18 24.13
CA VAL F 167 -46.87 -33.22 25.18
C VAL F 167 -45.53 -32.60 24.97
N GLY F 168 -45.52 -31.33 24.59
CA GLY F 168 -44.26 -30.65 24.37
C GLY F 168 -44.04 -29.46 25.28
N GLY F 169 -42.82 -28.93 25.25
CA GLY F 169 -42.44 -27.76 26.04
C GLY F 169 -42.08 -26.61 25.09
N GLU F 170 -42.64 -26.71 23.88
CA GLU F 170 -42.54 -25.77 22.78
C GLU F 170 -43.46 -26.41 21.77
N PRO F 171 -44.00 -25.63 20.86
CA PRO F 171 -44.91 -26.19 19.87
C PRO F 171 -44.35 -27.38 19.17
N LEU F 172 -45.25 -28.18 18.63
CA LEU F 172 -44.84 -29.36 17.93
C LEU F 172 -44.34 -29.10 16.51
N ASP F 173 -43.14 -29.60 16.23
CA ASP F 173 -42.51 -29.46 14.92
C ASP F 173 -43.03 -30.52 14.02
N LEU F 174 -43.52 -30.08 12.87
CA LEU F 174 -44.08 -31.00 11.94
C LEU F 174 -43.53 -30.85 10.58
N GLN F 175 -43.75 -31.90 9.82
CA GLN F 175 -43.34 -31.99 8.47
C GLN F 175 -44.57 -32.44 7.79
N GLY F 176 -44.83 -31.90 6.62
CA GLY F 176 -46.03 -32.34 5.95
C GLY F 176 -45.55 -33.04 4.73
N LEU F 177 -46.39 -33.98 4.29
CA LEU F 177 -46.27 -34.77 3.03
C LEU F 177 -47.64 -35.03 2.62
N VAL F 178 -47.84 -35.09 1.31
CA VAL F 178 -49.16 -35.35 0.87
C VAL F 178 -49.26 -36.27 -0.32
N THR F 179 -50.49 -36.53 -0.68
CA THR F 179 -50.86 -37.37 -1.78
C THR F 179 -50.79 -36.57 -3.11
N ASP F 180 -51.92 -36.28 -3.75
CA ASP F 180 -51.87 -35.54 -5.01
C ASP F 180 -51.27 -34.22 -4.66
N ALA F 181 -50.06 -34.00 -5.14
CA ALA F 181 -49.37 -32.76 -4.82
C ALA F 181 -50.32 -31.67 -5.18
N ARG F 182 -50.80 -31.76 -6.41
CA ARG F 182 -51.75 -30.84 -6.99
C ARG F 182 -52.75 -30.24 -6.00
N THR F 183 -53.58 -31.12 -5.42
CA THR F 183 -54.63 -30.76 -4.46
C THR F 183 -54.83 -29.28 -4.18
N LYS F 184 -55.95 -28.80 -4.69
CA LYS F 184 -56.31 -27.42 -4.57
C LYS F 184 -56.71 -27.01 -3.19
N TYR F 185 -55.70 -26.74 -2.39
CA TYR F 185 -55.95 -26.32 -1.03
C TYR F 185 -56.23 -24.87 -1.09
N LYS F 186 -57.36 -24.49 -0.53
CA LYS F 186 -57.78 -23.09 -0.51
C LYS F 186 -56.68 -22.47 0.32
N GLU F 187 -55.91 -21.58 -0.28
CA GLU F 187 -54.81 -21.00 0.48
C GLU F 187 -55.18 -20.00 1.55
N GLU F 188 -56.41 -20.07 2.03
CA GLU F 188 -56.80 -19.22 3.12
C GLU F 188 -57.84 -19.86 4.01
N GLY F 189 -57.52 -19.90 5.31
CA GLY F 189 -58.38 -20.53 6.30
C GLY F 189 -57.83 -21.90 6.68
N VAL F 190 -56.53 -22.07 6.44
CA VAL F 190 -55.80 -23.30 6.70
C VAL F 190 -54.33 -23.16 6.31
N VAL F 191 -53.45 -23.70 7.12
CA VAL F 191 -52.05 -23.63 6.81
C VAL F 191 -51.69 -24.83 5.92
N THR F 192 -51.19 -24.53 4.74
CA THR F 192 -50.80 -25.56 3.82
C THR F 192 -49.39 -25.27 3.49
N ILE F 193 -48.82 -26.21 2.76
CA ILE F 193 -47.44 -26.14 2.31
C ILE F 193 -47.12 -24.76 1.74
N LYS F 194 -47.97 -24.30 0.83
CA LYS F 194 -47.78 -22.99 0.21
C LYS F 194 -48.00 -21.93 1.26
N THR F 195 -49.00 -22.17 2.08
CA THR F 195 -49.32 -21.25 3.11
C THR F 195 -48.07 -21.00 3.94
N ILE F 196 -47.09 -21.89 3.83
CA ILE F 196 -45.87 -21.66 4.58
C ILE F 196 -44.68 -21.45 3.67
N THR F 197 -44.41 -22.39 2.79
CA THR F 197 -43.33 -22.14 1.87
C THR F 197 -44.11 -21.38 0.86
N LYS F 198 -43.71 -20.16 0.66
CA LYS F 198 -44.41 -19.30 -0.27
C LYS F 198 -44.72 -19.92 -1.63
N LYS F 199 -43.97 -20.95 -2.00
CA LYS F 199 -44.16 -21.61 -3.28
C LYS F 199 -45.27 -22.62 -3.24
N ASP F 200 -45.31 -23.46 -4.25
CA ASP F 200 -46.33 -24.47 -4.33
C ASP F 200 -45.85 -25.89 -4.07
N MET F 201 -46.76 -26.80 -4.37
CA MET F 201 -46.51 -28.21 -4.22
C MET F 201 -45.40 -28.59 -5.16
N VAL F 202 -44.88 -29.79 -4.97
CA VAL F 202 -43.81 -30.33 -5.81
C VAL F 202 -43.93 -31.81 -5.52
N ASN F 203 -43.58 -32.68 -6.46
CA ASN F 203 -43.70 -34.11 -6.17
C ASN F 203 -42.98 -34.49 -4.85
N LYS F 204 -41.92 -33.76 -4.53
CA LYS F 204 -41.17 -34.01 -3.32
C LYS F 204 -41.97 -33.84 -2.05
N ASP F 205 -42.76 -32.78 -2.02
CA ASP F 205 -43.58 -32.52 -0.84
C ASP F 205 -44.54 -33.72 -0.72
N GLN F 206 -44.87 -34.31 -1.86
CA GLN F 206 -45.76 -35.45 -1.92
C GLN F 206 -45.17 -36.68 -1.21
N VAL F 207 -43.87 -36.63 -0.96
CA VAL F 207 -43.25 -37.75 -0.27
C VAL F 207 -42.38 -37.33 0.89
N LEU F 208 -41.58 -36.31 0.76
CA LEU F 208 -40.84 -35.85 1.92
C LEU F 208 -40.11 -34.63 1.57
N ASN F 209 -40.83 -33.53 1.60
CA ASN F 209 -40.11 -32.34 1.33
C ASN F 209 -39.47 -31.87 2.62
N PRO F 210 -38.15 -31.87 2.65
CA PRO F 210 -37.42 -31.45 3.82
C PRO F 210 -37.71 -30.01 4.12
N ILE F 211 -38.34 -29.31 3.18
CA ILE F 211 -38.63 -27.91 3.46
C ILE F 211 -39.95 -27.84 4.13
N SER F 212 -40.90 -28.54 3.51
CA SER F 212 -42.25 -28.62 4.00
C SER F 212 -42.30 -29.07 5.46
N LYS F 213 -41.88 -28.16 6.31
CA LYS F 213 -41.79 -28.36 7.74
C LYS F 213 -42.33 -27.08 8.30
N ALA F 214 -43.17 -27.18 9.32
CA ALA F 214 -43.72 -25.98 9.95
C ALA F 214 -43.63 -26.15 11.46
N LYS F 215 -44.50 -25.47 12.17
CA LYS F 215 -44.57 -25.60 13.61
C LYS F 215 -46.04 -25.57 13.94
N LEU F 216 -46.38 -25.81 15.19
CA LEU F 216 -47.79 -25.81 15.56
C LEU F 216 -48.31 -24.48 16.07
N ASP F 217 -47.74 -23.40 15.56
CA ASP F 217 -48.11 -22.05 15.97
C ASP F 217 -49.60 -21.86 16.00
N LYS F 218 -50.27 -22.44 15.01
CA LYS F 218 -51.70 -22.26 14.97
C LYS F 218 -52.53 -23.28 15.68
N ASP F 219 -53.62 -23.71 15.07
CA ASP F 219 -54.50 -24.63 15.75
C ASP F 219 -55.81 -24.76 15.01
N GLY F 220 -56.34 -25.96 14.94
CA GLY F 220 -57.59 -26.17 14.22
C GLY F 220 -57.31 -25.61 12.85
N MET F 221 -56.04 -25.64 12.49
CA MET F 221 -55.64 -25.06 11.25
C MET F 221 -54.76 -25.92 10.39
N TYR F 222 -53.68 -26.44 10.94
CA TYR F 222 -52.88 -27.29 10.08
C TYR F 222 -53.72 -28.53 10.03
N PRO F 223 -54.10 -28.94 8.82
CA PRO F 223 -54.93 -30.12 8.68
C PRO F 223 -54.07 -31.33 8.82
N VAL F 224 -54.65 -32.33 9.45
CA VAL F 224 -53.94 -33.54 9.66
C VAL F 224 -53.59 -34.16 8.34
N GLU F 225 -54.51 -34.05 7.39
CA GLU F 225 -54.31 -34.60 6.06
C GLU F 225 -52.91 -34.30 5.47
N ILE F 226 -52.32 -33.20 5.93
CA ILE F 226 -51.04 -32.72 5.47
C ILE F 226 -49.84 -32.85 6.38
N TRP F 227 -49.98 -32.32 7.57
CA TRP F 227 -48.89 -32.31 8.52
C TRP F 227 -48.76 -33.47 9.46
N HIS F 228 -47.51 -33.88 9.66
CA HIS F 228 -47.20 -34.98 10.54
C HIS F 228 -46.10 -34.52 11.43
N PRO F 229 -46.03 -35.12 12.60
CA PRO F 229 -45.01 -34.81 13.59
C PRO F 229 -43.73 -35.15 12.90
N ASP F 230 -42.87 -34.16 12.77
CA ASP F 230 -41.62 -34.38 12.08
C ASP F 230 -40.54 -34.77 13.04
N PRO F 231 -39.85 -35.90 12.79
CA PRO F 231 -38.78 -36.22 13.76
C PRO F 231 -37.58 -35.28 13.48
N ALA F 232 -37.62 -34.13 14.14
CA ALA F 232 -36.55 -33.19 13.96
C ALA F 232 -35.36 -33.92 14.56
N LYS F 233 -34.18 -33.44 14.20
CA LYS F 233 -32.95 -33.99 14.71
C LYS F 233 -33.13 -34.10 16.16
N ASN F 234 -33.46 -32.96 16.71
CA ASN F 234 -33.67 -32.78 18.12
C ASN F 234 -35.19 -32.42 18.35
N GLU F 235 -35.64 -32.63 19.59
CA GLU F 235 -37.04 -32.42 20.04
C GLU F 235 -37.27 -32.37 21.56
N ASN F 236 -38.29 -31.57 21.92
CA ASN F 236 -38.71 -31.32 23.30
C ASN F 236 -40.20 -31.66 23.51
N THR F 237 -40.74 -32.44 22.58
CA THR F 237 -42.11 -32.91 22.66
C THR F 237 -42.00 -34.44 22.66
N ARG F 238 -43.07 -35.09 23.03
CA ARG F 238 -43.09 -36.53 23.04
C ARG F 238 -44.34 -36.65 22.27
N TYR F 239 -44.43 -37.63 21.39
CA TYR F 239 -45.68 -37.72 20.69
C TYR F 239 -45.86 -39.11 20.25
N PHE F 240 -47.10 -39.44 19.97
CA PHE F 240 -47.43 -40.78 19.54
C PHE F 240 -48.79 -40.78 18.95
N GLY F 241 -49.06 -41.89 18.30
CA GLY F 241 -50.35 -42.06 17.68
C GLY F 241 -50.16 -43.04 16.56
N ASN F 242 -51.25 -43.33 15.84
CA ASN F 242 -51.22 -44.27 14.73
C ASN F 242 -52.38 -44.17 13.72
N TYR F 243 -52.09 -44.60 12.50
CA TYR F 243 -53.05 -44.59 11.43
C TYR F 243 -53.58 -46.00 11.28
N THR F 244 -54.88 -46.06 11.08
CA THR F 244 -55.55 -47.32 10.95
C THR F 244 -56.44 -47.10 9.80
N GLY F 245 -55.87 -47.32 8.63
CA GLY F 245 -56.61 -47.13 7.40
C GLY F 245 -57.75 -48.03 7.10
N GLY F 246 -58.45 -47.71 6.02
CA GLY F 246 -59.57 -48.52 5.66
C GLY F 246 -60.86 -47.75 5.52
N THR F 247 -61.79 -48.42 4.87
CA THR F 247 -63.09 -47.86 4.56
C THR F 247 -64.26 -48.23 5.46
N THR F 248 -64.23 -49.47 5.96
CA THR F 248 -65.26 -50.07 6.84
C THR F 248 -64.68 -50.35 8.23
N THR F 249 -63.37 -50.28 8.26
CA THR F 249 -62.55 -50.43 9.43
C THR F 249 -63.28 -49.98 10.72
N PRO F 250 -63.58 -50.93 11.61
CA PRO F 250 -64.26 -50.75 12.89
C PRO F 250 -63.46 -49.98 13.88
N PRO F 251 -64.10 -49.11 14.63
CA PRO F 251 -63.40 -48.31 15.62
C PRO F 251 -63.12 -49.05 16.89
N VAL F 252 -62.03 -48.67 17.55
CA VAL F 252 -61.66 -49.31 18.80
C VAL F 252 -61.00 -48.31 19.69
N LEU F 253 -61.27 -48.41 20.99
CA LEU F 253 -60.73 -47.44 21.92
C LEU F 253 -60.42 -47.89 23.32
N GLN F 254 -59.86 -46.98 24.12
CA GLN F 254 -59.44 -47.31 25.49
C GLN F 254 -59.88 -46.61 26.73
N PHE F 255 -60.99 -47.05 27.25
CA PHE F 255 -61.46 -46.47 28.43
C PHE F 255 -60.64 -46.66 29.69
N THR F 256 -59.61 -45.83 29.89
CA THR F 256 -58.93 -45.92 31.17
C THR F 256 -58.11 -44.88 31.95
N ASN F 257 -58.55 -45.04 33.18
CA ASN F 257 -58.29 -44.43 34.43
C ASN F 257 -56.92 -44.73 34.99
N THR F 258 -56.42 -45.88 34.66
CA THR F 258 -55.20 -46.34 35.27
C THR F 258 -53.79 -46.04 34.83
N LEU F 259 -53.58 -45.73 33.56
CA LEU F 259 -52.21 -45.56 33.11
C LEU F 259 -51.64 -44.22 32.90
N THR F 260 -50.40 -44.15 33.35
CA THR F 260 -49.63 -42.94 33.27
C THR F 260 -48.52 -43.21 32.31
N THR F 261 -48.23 -42.21 31.50
CA THR F 261 -47.17 -42.31 30.54
C THR F 261 -46.10 -41.27 30.77
N VAL F 262 -44.88 -41.74 30.57
CA VAL F 262 -43.74 -40.90 30.83
C VAL F 262 -43.15 -40.08 29.76
N LEU F 263 -43.22 -38.80 30.02
CA LEU F 263 -42.67 -37.83 29.15
C LEU F 263 -41.16 -37.92 29.33
N LEU F 264 -40.71 -38.64 30.35
CA LEU F 264 -39.28 -38.74 30.57
C LEU F 264 -38.44 -39.14 29.45
N ASP F 265 -37.39 -38.36 29.28
CA ASP F 265 -36.50 -38.59 28.19
C ASP F 265 -35.45 -39.61 28.56
N GLU F 266 -34.59 -39.92 27.59
CA GLU F 266 -33.51 -40.88 27.73
C GLU F 266 -32.62 -40.55 28.92
N ASN F 267 -32.51 -39.29 29.28
CA ASN F 267 -31.64 -38.93 30.38
C ASN F 267 -32.42 -38.57 31.60
N GLY F 268 -33.72 -38.83 31.49
CA GLY F 268 -34.62 -38.55 32.59
C GLY F 268 -34.84 -37.08 32.66
N VAL F 269 -35.57 -36.57 31.69
CA VAL F 269 -35.78 -35.17 31.61
C VAL F 269 -37.16 -34.82 31.17
N GLY F 270 -37.68 -35.59 30.25
CA GLY F 270 -39.02 -35.26 29.83
C GLY F 270 -38.96 -33.88 29.21
N PRO F 271 -40.12 -33.25 29.06
CA PRO F 271 -39.89 -31.95 28.46
C PRO F 271 -39.70 -30.92 29.51
N LEU F 272 -39.22 -29.79 29.00
CA LEU F 272 -38.98 -28.61 29.77
C LEU F 272 -39.74 -27.54 29.04
N CYS F 273 -40.61 -26.88 29.76
CA CYS F 273 -41.44 -25.84 29.21
C CYS F 273 -40.63 -24.59 29.10
N LYS F 274 -40.14 -24.33 27.88
CA LYS F 274 -39.41 -23.13 27.64
C LYS F 274 -40.55 -22.16 27.49
N GLY F 275 -40.25 -20.90 27.73
CA GLY F 275 -41.31 -19.91 27.72
C GLY F 275 -41.61 -20.16 29.17
N GLU F 276 -42.73 -20.80 29.42
CA GLU F 276 -43.18 -21.24 30.75
C GLU F 276 -44.41 -22.03 30.33
N GLY F 277 -44.32 -22.49 29.07
CA GLY F 277 -45.41 -23.20 28.44
C GLY F 277 -45.37 -24.70 28.23
N LEU F 278 -46.56 -25.27 28.36
CA LEU F 278 -46.75 -26.67 28.23
C LEU F 278 -47.64 -26.81 26.99
N TYR F 279 -47.17 -27.59 26.03
CA TYR F 279 -47.85 -27.74 24.77
C TYR F 279 -48.50 -29.08 24.48
N LEU F 280 -49.81 -29.04 24.57
CA LEU F 280 -50.60 -30.23 24.30
C LEU F 280 -51.07 -30.10 22.90
N SER F 281 -51.05 -31.22 22.21
CA SER F 281 -51.38 -31.26 20.80
C SER F 281 -51.92 -32.66 20.51
N CYS F 282 -52.99 -32.78 19.70
CA CYS F 282 -53.54 -34.11 19.40
C CYS F 282 -54.55 -34.18 18.24
N VAL F 283 -55.09 -35.37 17.96
CA VAL F 283 -56.09 -35.60 16.88
C VAL F 283 -56.83 -36.87 17.13
N ASP F 284 -58.13 -36.89 16.92
CA ASP F 284 -58.79 -38.14 17.21
C ASP F 284 -59.93 -38.60 16.35
N ILE F 285 -59.57 -38.90 15.12
CA ILE F 285 -60.50 -39.32 14.11
C ILE F 285 -60.97 -40.70 14.35
N MET F 286 -62.26 -40.84 14.41
CA MET F 286 -62.84 -42.11 14.65
C MET F 286 -63.17 -42.78 13.35
N GLY F 287 -63.64 -41.96 12.41
CA GLY F 287 -64.00 -42.48 11.11
C GLY F 287 -65.16 -41.71 10.50
N TRP F 288 -65.65 -42.20 9.36
CA TRP F 288 -66.73 -41.55 8.65
C TRP F 288 -68.13 -41.84 9.21
N ARG F 289 -68.89 -40.76 9.40
CA ARG F 289 -70.30 -40.85 9.78
C ARG F 289 -70.87 -40.75 8.34
N VAL F 290 -71.70 -41.72 7.90
CA VAL F 290 -72.29 -41.70 6.56
C VAL F 290 -73.74 -41.42 6.48
N THR F 291 -74.12 -40.34 5.81
CA THR F 291 -75.55 -39.96 5.73
C THR F 291 -76.51 -40.87 4.94
N ARG F 292 -77.61 -41.26 5.58
CA ARG F 292 -78.69 -42.02 4.95
C ARG F 292 -79.24 -40.83 4.24
N ASN F 293 -78.80 -40.69 2.99
CA ASN F 293 -79.16 -39.55 2.18
C ASN F 293 -78.43 -39.85 0.89
N TYR F 294 -77.14 -40.06 1.06
CA TYR F 294 -76.29 -40.32 -0.04
C TYR F 294 -75.07 -40.95 0.54
N ASP F 295 -73.93 -40.53 0.03
CA ASP F 295 -72.70 -41.05 0.51
C ASP F 295 -71.90 -39.89 1.04
N VAL F 296 -72.60 -39.04 1.78
CA VAL F 296 -71.93 -37.90 2.38
C VAL F 296 -71.21 -38.53 3.55
N HIS F 297 -70.04 -39.07 3.28
CA HIS F 297 -69.28 -39.71 4.29
C HIS F 297 -68.73 -38.78 5.33
N HIS F 298 -69.27 -37.57 5.49
CA HIS F 298 -68.70 -36.64 6.48
C HIS F 298 -68.39 -37.27 7.87
N TRP F 299 -67.12 -37.20 8.26
CA TRP F 299 -66.62 -37.89 9.44
C TRP F 299 -66.54 -37.29 10.83
N ARG F 300 -66.36 -38.17 11.83
CA ARG F 300 -66.32 -37.84 13.29
C ARG F 300 -65.06 -38.06 14.06
N GLY F 301 -64.92 -37.24 15.09
CA GLY F 301 -63.79 -37.30 15.98
C GLY F 301 -64.25 -37.08 17.40
N LEU F 302 -63.44 -37.53 18.36
CA LEU F 302 -63.68 -37.42 19.79
C LEU F 302 -62.67 -36.51 20.42
N PRO F 303 -62.94 -36.05 21.64
CA PRO F 303 -62.08 -35.15 22.42
C PRO F 303 -61.06 -35.84 23.29
N ARG F 304 -60.06 -35.10 23.76
CA ARG F 304 -59.07 -35.72 24.62
C ARG F 304 -58.66 -35.06 25.93
N TYR F 305 -58.46 -35.89 26.94
CA TYR F 305 -58.08 -35.44 28.26
C TYR F 305 -56.62 -35.55 28.48
N PHE F 306 -56.09 -34.70 29.33
CA PHE F 306 -54.68 -34.78 29.62
C PHE F 306 -54.45 -34.56 31.07
N LYS F 307 -53.52 -35.30 31.65
CA LYS F 307 -53.18 -35.10 33.04
C LYS F 307 -51.64 -35.07 33.18
N ILE F 308 -51.11 -33.87 33.07
CA ILE F 308 -49.68 -33.75 33.15
C ILE F 308 -49.22 -33.59 34.54
N THR F 309 -48.20 -34.36 34.85
CA THR F 309 -47.58 -34.38 36.14
C THR F 309 -46.26 -33.71 35.80
N LEU F 310 -46.01 -32.55 36.40
CA LEU F 310 -44.74 -31.82 36.15
C LEU F 310 -44.07 -31.19 37.36
N ARG F 311 -42.74 -31.13 37.30
CA ARG F 311 -41.96 -30.64 38.40
C ARG F 311 -41.10 -29.48 38.01
N LYS F 312 -40.34 -29.07 39.01
CA LYS F 312 -39.44 -27.95 38.90
C LYS F 312 -38.00 -28.44 38.76
N ARG F 313 -37.37 -28.19 37.63
CA ARG F 313 -35.99 -28.61 37.50
C ARG F 313 -35.00 -27.52 37.13
N TRP F 314 -33.90 -27.57 37.84
CA TRP F 314 -32.81 -26.67 37.67
C TRP F 314 -31.99 -27.03 36.47
N VAL F 315 -31.79 -26.07 35.60
CA VAL F 315 -31.01 -26.27 34.41
C VAL F 315 -30.02 -25.15 34.43
N LYS F 316 -29.13 -25.15 33.47
CA LYS F 316 -28.14 -24.13 33.40
C LYS F 316 -28.75 -23.13 32.45
N ASN F 317 -28.66 -21.86 32.80
CA ASN F 317 -29.23 -20.83 31.95
C ASN F 317 -28.68 -21.04 30.55
N PRO F 318 -29.58 -21.16 29.55
CA PRO F 318 -29.20 -21.36 28.15
C PRO F 318 -28.77 -20.03 27.55
N TYR F 319 -29.09 -18.99 28.28
CA TYR F 319 -28.88 -17.63 27.85
C TYR F 319 -27.79 -16.73 28.42
N PRO F 320 -27.29 -15.83 27.57
CA PRO F 320 -26.26 -14.85 27.91
C PRO F 320 -27.02 -13.53 28.11
N MET F 321 -27.28 -13.14 29.35
CA MET F 321 -28.03 -11.92 29.64
C MET F 321 -27.71 -10.63 28.87
N ALA F 322 -26.46 -10.16 28.91
CA ALA F 322 -26.09 -8.98 28.13
C ALA F 322 -26.26 -9.23 26.63
N SER F 323 -26.94 -10.32 26.26
CA SER F 323 -27.28 -10.58 24.88
C SER F 323 -28.04 -9.32 24.57
N LEU F 324 -28.72 -8.81 25.60
CA LEU F 324 -29.47 -7.58 25.49
C LEU F 324 -28.54 -6.39 25.22
N ILE F 325 -27.32 -6.41 25.76
CA ILE F 325 -26.36 -5.32 25.51
C ILE F 325 -26.10 -5.42 24.01
N SER F 326 -25.99 -6.66 23.55
CA SER F 326 -25.76 -6.94 22.16
C SER F 326 -27.02 -6.49 21.44
N SER F 327 -28.18 -6.74 22.04
CA SER F 327 -29.44 -6.35 21.44
C SER F 327 -29.37 -4.84 21.27
N LEU F 328 -28.91 -4.14 22.31
CA LEU F 328 -28.79 -2.67 22.28
C LEU F 328 -27.93 -2.25 21.09
N PHE F 329 -26.78 -2.90 20.93
CA PHE F 329 -25.89 -2.57 19.83
C PHE F 329 -26.63 -2.84 18.52
N ASN F 330 -27.45 -3.88 18.48
CA ASN F 330 -28.19 -4.17 17.24
C ASN F 330 -29.35 -3.21 17.03
N ASN F 331 -29.63 -2.41 18.05
CA ASN F 331 -30.68 -1.41 17.97
C ASN F 331 -29.98 -0.17 17.39
N MET F 332 -29.04 0.39 18.16
CA MET F 332 -28.28 1.56 17.71
C MET F 332 -27.64 1.28 16.32
N LEU F 333 -27.35 0.01 16.01
CA LEU F 333 -26.76 -0.36 14.72
C LEU F 333 -27.74 -0.77 13.65
N PRO F 334 -27.89 0.13 12.66
CA PRO F 334 -28.74 0.07 11.49
C PRO F 334 -28.80 -1.25 10.81
N GLN F 335 -29.84 -1.37 10.00
CA GLN F 335 -30.04 -2.57 9.29
C GLN F 335 -29.57 -2.54 7.90
N VAL F 336 -28.76 -3.53 7.66
CA VAL F 336 -28.14 -3.73 6.40
C VAL F 336 -28.65 -5.09 6.01
N GLN F 337 -28.88 -3.22 3.73
CA GLN F 337 -28.97 -4.55 3.16
C GLN F 337 -27.62 -5.23 3.10
N GLY F 338 -26.80 -4.93 2.09
CA GLY F 338 -25.48 -5.56 2.02
C GLY F 338 -25.33 -7.00 1.50
N GLN F 339 -24.18 -7.29 0.90
CA GLN F 339 -23.87 -8.59 0.33
C GLN F 339 -23.97 -9.77 1.27
N PRO F 340 -24.12 -10.97 0.68
CA PRO F 340 -24.26 -12.32 1.24
C PRO F 340 -23.07 -12.96 1.93
N MET F 341 -23.08 -12.91 3.25
CA MET F 341 -22.02 -13.51 4.06
C MET F 341 -22.73 -14.47 5.02
N GLU F 342 -23.54 -15.30 4.36
CA GLU F 342 -24.39 -16.33 4.95
C GLU F 342 -25.26 -16.63 3.75
N GLY F 343 -26.04 -17.70 3.81
CA GLY F 343 -26.90 -18.01 2.68
C GLY F 343 -26.40 -19.11 1.77
N GLU F 344 -26.90 -19.13 0.55
CA GLU F 344 -26.50 -20.18 -0.37
C GLU F 344 -25.42 -19.72 -1.32
N ASN F 345 -25.36 -18.41 -1.53
CA ASN F 345 -24.38 -17.85 -2.43
C ASN F 345 -23.40 -17.02 -1.60
N THR F 346 -23.24 -17.41 -0.34
CA THR F 346 -22.37 -16.69 0.54
C THR F 346 -21.01 -16.56 -0.12
N GLN F 347 -20.42 -15.40 0.06
CA GLN F 347 -19.15 -15.14 -0.51
C GLN F 347 -18.09 -15.31 0.52
N VAL F 348 -18.42 -16.20 1.45
CA VAL F 348 -17.50 -16.56 2.50
C VAL F 348 -16.87 -17.73 1.82
N GLU F 349 -15.57 -17.67 1.67
CA GLU F 349 -14.91 -18.76 1.00
C GLU F 349 -14.53 -19.86 1.97
N GLU F 350 -14.12 -19.47 3.18
CA GLU F 350 -13.70 -20.43 4.20
C GLU F 350 -13.39 -19.93 5.59
N VAL F 351 -13.45 -20.87 6.50
CA VAL F 351 -13.21 -20.56 7.88
C VAL F 351 -12.45 -21.66 8.56
N ARG F 352 -11.70 -21.26 9.56
CA ARG F 352 -10.90 -22.19 10.30
C ARG F 352 -10.83 -21.63 11.66
N VAL F 353 -10.66 -22.52 12.60
CA VAL F 353 -10.55 -22.12 13.98
C VAL F 353 -9.44 -22.90 14.53
N TYR F 354 -8.71 -22.28 15.43
CA TYR F 354 -7.58 -22.94 16.00
C TYR F 354 -7.59 -22.66 17.46
N ASP F 355 -7.42 -23.67 18.29
CA ASP F 355 -7.34 -23.32 19.69
C ASP F 355 -5.99 -23.70 20.21
N GLY F 356 -5.52 -24.86 19.80
CA GLY F 356 -4.22 -25.30 20.30
C GLY F 356 -2.92 -25.11 19.52
N THR F 357 -2.03 -26.07 19.78
CA THR F 357 -0.71 -26.15 19.21
C THR F 357 -0.37 -27.60 18.92
N GLU F 358 -0.52 -28.00 17.67
CA GLU F 358 -0.20 -29.37 17.29
C GLU F 358 1.08 -29.32 16.51
N PRO F 359 1.94 -30.30 16.71
CA PRO F 359 3.18 -30.31 15.96
C PRO F 359 2.86 -30.39 14.47
N VAL F 360 3.57 -29.60 13.69
CA VAL F 360 3.39 -29.52 12.26
C VAL F 360 2.88 -30.76 11.67
N PRO F 361 1.70 -30.68 11.12
CA PRO F 361 1.04 -31.80 10.48
C PRO F 361 1.68 -31.97 9.13
N GLY F 362 1.64 -33.19 8.61
CA GLY F 362 2.19 -33.41 7.28
C GLY F 362 1.27 -32.68 6.32
N ASP F 363 0.35 -33.42 5.70
CA ASP F 363 -0.63 -32.84 4.77
C ASP F 363 -1.74 -32.47 5.75
N PRO F 364 -1.88 -31.17 6.08
CA PRO F 364 -2.92 -30.73 7.03
C PRO F 364 -4.32 -31.23 6.67
N ASP F 365 -4.64 -31.18 5.37
CA ASP F 365 -5.95 -31.58 4.84
C ASP F 365 -6.02 -32.93 4.09
N MET F 366 -5.91 -34.05 4.82
CA MET F 366 -6.01 -35.35 4.18
C MET F 366 -6.92 -36.24 5.02
N THR F 367 -8.21 -36.24 4.68
CA THR F 367 -9.23 -37.04 5.39
C THR F 367 -10.05 -37.92 4.43
N ARG F 368 -11.07 -38.59 5.00
CA ARG F 368 -11.97 -39.51 4.31
C ARG F 368 -12.11 -39.33 2.79
N TYR F 369 -11.41 -40.21 2.06
CA TYR F 369 -11.44 -40.16 0.60
C TYR F 369 -12.63 -40.90 0.03
N VAL F 370 -13.42 -40.12 -0.71
CA VAL F 370 -14.63 -40.58 -1.36
C VAL F 370 -14.73 -39.80 -2.68
N ASP F 371 -15.12 -40.52 -3.74
CA ASP F 371 -15.28 -39.98 -5.11
C ASP F 371 -16.67 -39.36 -5.34
C2 BGC G . -14.91 40.96 -15.75
C3 BGC G . -14.78 39.84 -16.79
C4 BGC G . -15.73 38.74 -16.34
C5 BGC G . -17.17 39.26 -16.38
C6 BGC G . -18.20 38.19 -15.99
C1 BGC G . -16.37 41.46 -15.68
O1 BGC G . -16.50 42.36 -14.64
O2 BGC G . -14.05 42.04 -16.08
O3 BGC G . -13.43 39.36 -16.83
O4 BGC G . -15.57 37.52 -17.11
O5 BGC G . -17.29 40.37 -15.43
O6 BGC G . -19.53 38.71 -16.00
C1 GAL G . -15.37 36.44 -16.24
C2 GAL G . -15.27 35.10 -16.96
C3 GAL G . -15.18 34.09 -15.84
C4 GAL G . -13.92 34.33 -15.01
C5 GAL G . -13.98 35.74 -14.43
C6 GAL G . -12.74 36.16 -13.67
O2 GAL G . -16.41 34.84 -17.76
O3 GAL G . -15.16 32.77 -16.37
O4 GAL G . -12.77 34.16 -15.83
O5 GAL G . -14.16 36.69 -15.50
O6 GAL G . -12.97 37.38 -12.95
C1 SIA G . -16.65 32.17 -14.56
C2 SIA G . -16.23 31.96 -16.03
C3 SIA G . -15.82 30.52 -16.28
C4 SIA G . -16.99 29.57 -16.21
C5 SIA G . -18.11 30.08 -17.10
C6 SIA G . -18.45 31.48 -16.62
C7 SIA G . -19.68 32.09 -17.24
C8 SIA G . -20.18 33.20 -16.31
C9 SIA G . -21.40 33.93 -16.88
C10 SIA G . -19.50 28.28 -17.92
C11 SIA G . -20.68 27.36 -17.67
N5 SIA G . -19.24 29.18 -16.96
O1A SIA G . -16.11 31.51 -13.67
O1B SIA G . -17.55 32.99 -14.30
O4 SIA G . -16.60 28.28 -16.65
O6 SIA G . -17.32 32.33 -16.85
O7 SIA G . -19.35 32.61 -18.53
O8 SIA G . -20.53 32.64 -15.04
O9 SIA G . -21.96 34.76 -15.86
O10 SIA G . -18.83 28.20 -18.95
C2 BGC H . -31.52 6.29 -22.69
C3 BGC H . -30.18 6.07 -23.43
C4 BGC H . -29.90 4.58 -23.41
C5 BGC H . -31.01 3.83 -24.14
C6 BGC H . -30.75 2.31 -24.26
C1 BGC H . -32.64 5.42 -23.31
O1 BGC H . -33.77 5.50 -22.51
O2 BGC H . -31.89 7.67 -22.76
O3 BGC H . -29.12 6.78 -22.79
O4 BGC H . -28.59 4.29 -23.96
O5 BGC H . -32.26 4.02 -23.41
O6 BGC H . -31.90 1.60 -24.74
C1 GAL H . -27.88 3.50 -23.08
C2 GAL H . -26.40 3.51 -23.41
C3 GAL H . -25.86 2.52 -22.43
C4 GAL H . -25.99 3.07 -21.03
C5 GAL H . -27.47 3.24 -20.74
C6 GAL H . -27.76 3.96 -19.44
O2 GAL H . -26.16 3.12 -24.74
O3 GAL H . -24.50 2.19 -22.73
O4 GAL H . -25.34 4.33 -20.95
O5 GAL H . -28.07 4.04 -21.78
O6 GAL H . -29.15 3.91 -19.14
C1 SIA H . -24.81 -0.17 -22.35
C2 SIA H . -24.33 0.94 -23.30
C3 SIA H . -22.88 0.78 -23.69
C4 SIA H . -22.63 -0.44 -24.58
C5 SIA H . -23.72 -0.66 -25.63
C6 SIA H . -25.08 -0.45 -25.00
C7 SIA H . -26.24 -0.63 -25.97
C8 SIA H . -27.56 -0.80 -25.18
C9 SIA H . -27.68 -2.20 -24.53
C10 SIA H . -23.52 -2.31 -27.39
C11 SIA H . -23.38 -3.79 -27.72
N5 SIA H . -23.59 -2.02 -26.09
O1A SIA H . -23.98 -0.87 -21.78
O1B SIA H . -26.03 -0.40 -22.23
O4 SIA H . -21.38 -0.29 -25.26
O6 SIA H . -25.14 0.86 -24.44
O7 SIA H . -26.32 0.50 -26.82
O8 SIA H . -27.68 0.20 -24.17
O9 SIA H . -27.86 -3.20 -25.52
O10 SIA H . -23.58 -1.46 -28.28
C2 BGC I . -5.95 -17.65 -40.01
C3 BGC I . -5.15 -16.35 -40.22
C4 BGC I . -3.69 -16.72 -39.97
C5 BGC I . -3.21 -17.78 -40.98
C6 BGC I . -1.77 -18.24 -40.72
C1 BGC I . -5.46 -18.69 -41.04
O1 BGC I . -6.16 -19.89 -40.86
O2 BGC I . -7.35 -17.40 -40.16
O3 BGC I . -5.58 -15.33 -39.31
O4 BGC I . -2.86 -15.52 -39.98
O5 BGC I . -4.05 -18.96 -40.88
O6 BGC I . -1.46 -19.44 -41.43
C1 GAL I . -2.12 -15.40 -38.82
C2 GAL I . -1.58 -14.00 -38.61
C3 GAL I . -0.66 -14.19 -37.43
C4 GAL I . -1.45 -14.51 -36.19
C5 GAL I . -2.23 -15.81 -36.46
C6 GAL I . -3.24 -16.21 -35.40
O2 GAL I . -0.89 -13.55 -39.77
O3 GAL I . 0.17 -13.07 -37.21
O4 GAL I . -2.32 -13.43 -35.87
O5 GAL I . -2.95 -15.72 -37.70
O6 GAL I . -3.76 -17.51 -35.61
C1 SIA I . 2.12 -14.49 -37.08
C2 SIA I . 1.46 -13.25 -37.70
C3 SIA I . 2.31 -12.01 -37.41
C4 SIA I . 3.64 -12.09 -38.13
C5 SIA I . 3.35 -12.31 -39.60
C6 SIA I . 2.60 -13.62 -39.74
C7 SIA I . 2.36 -14.02 -41.20
C8 SIA I . 1.49 -15.29 -41.28
C9 SIA I . 2.05 -16.27 -42.32
C10 SIA I . 5.05 -11.20 -40.88
C11 SIA I . 6.37 -11.30 -41.63
N5 SIA I . 4.59 -12.32 -40.34
O1A SIA I . 2.90 -14.35 -36.12
O1B SIA I . 1.90 -15.62 -37.57
O4 SIA I . 4.39 -10.89 -37.94
O6 SIA I . 1.34 -13.49 -39.09
O7 SIA I . 1.71 -12.94 -41.87
O8 SIA I . 1.41 -15.94 -40.02
O9 SIA I . 3.12 -17.01 -41.76
O10 SIA I . 4.42 -10.13 -40.82
C2 BGC J . 27.09 1.37 -44.49
C3 BGC J . 25.98 2.42 -44.26
C4 BGC J . 26.66 3.64 -43.66
C5 BGC J . 27.66 4.19 -44.66
C6 BGC J . 28.31 5.50 -44.23
C1 BGC J . 28.25 1.95 -45.35
O1 BGC J . 29.32 1.06 -45.37
O2 BGC J . 26.54 0.23 -45.11
O3 BGC J . 24.98 1.92 -43.38
O4 BGC J . 25.72 4.64 -43.22
O5 BGC J . 28.73 3.21 -44.84
O6 BGC J . 27.36 6.57 -44.26
C1 GAL J . 25.99 4.98 -41.90
C2 GAL J . 24.99 5.94 -41.27
C3 GAL J . 25.64 6.28 -39.95
C4 GAL J . 25.79 5.03 -39.08
C5 GAL J . 26.60 3.97 -39.84
C6 GAL J . 26.63 2.61 -39.16
O2 GAL J . 24.82 7.11 -42.08
O3 GAL J . 24.90 7.27 -39.23
O4 GAL J . 24.51 4.52 -38.74
O5 GAL J . 26.03 3.77 -41.13
O6 GAL J . 27.43 1.67 -39.89
C1 SIA J . 27.05 8.15 -38.57
C2 SIA J . 25.57 8.44 -38.97
C3 SIA J . 24.87 9.20 -37.83
C4 SIA J . 25.35 10.64 -37.72
C5 SIA J . 25.24 11.30 -39.07
C6 SIA J . 26.11 10.51 -39.99
C7 SIA J . 26.35 11.12 -41.34
C8 SIA J . 27.71 10.57 -41.80
C9 SIA J . 28.15 11.11 -43.16
C10 SIA J . 24.89 13.65 -38.75
C11 SIA J . 25.50 15.04 -38.63
N5 SIA J . 25.74 12.65 -38.97
O1A SIA J . 27.34 7.92 -37.38
O1B SIA J . 27.93 8.13 -39.45
O4 SIA J . 24.60 11.36 -36.75
O6 SIA J . 25.56 9.19 -40.17
O7 SIA J . 25.29 10.72 -42.21
O8 SIA J . 28.70 10.88 -40.82
O9 SIA J . 29.49 10.67 -43.42
O10 SIA J . 23.67 13.48 -38.65
C2 BGC K . 21.59 37.55 -30.90
C3 BGC K . 20.06 37.50 -31.09
C4 BGC K . 19.50 37.98 -29.77
C5 BGC K . 19.87 39.44 -29.51
C6 BGC K . 19.26 39.98 -28.20
C1 BGC K . 22.06 38.98 -30.52
O1 BGC K . 23.40 38.96 -30.18
O2 BGC K . 22.25 37.12 -32.10
O3 BGC K . 19.63 36.16 -31.37
O4 BGC K . 18.08 37.73 -29.63
O5 BGC K . 21.32 39.53 -29.39
O6 BGC K . 19.86 41.21 -27.80
C1 GAL K . 17.83 37.22 -28.37
C2 GAL K . 16.49 36.52 -28.21
C3 GAL K . 16.44 36.21 -26.73
C4 GAL K . 17.56 35.29 -26.29
C5 GAL K . 18.91 35.91 -26.70
C6 GAL K . 20.11 34.99 -26.55
O2 GAL K . 15.44 37.38 -28.59
O3 GAL K . 15.20 35.63 -26.37
O4 GAL K . 17.40 34.01 -26.90
O5 GAL K . 18.87 36.28 -28.08
O6 GAL K . 20.18 34.46 -25.23
C1 SIA K . 15.23 37.04 -24.45
C2 SIA K . 14.42 36.46 -25.61
C3 SIA K . 13.18 35.68 -25.11
C4 SIA K . 12.03 36.57 -24.65
C5 SIA K . 11.77 37.60 -25.74
C6 SIA K . 13.09 38.38 -25.88
C7 SIA K . 13.03 39.71 -26.65
C8 SIA K . 13.95 40.72 -25.92
C9 SIA K . 14.26 41.95 -26.77
C10 SIA K . 9.42 38.09 -25.66
C11 SIA K . 8.33 39.07 -25.27
N5 SIA K . 10.67 38.47 -25.39
O1A SIA K . 15.29 36.42 -23.38
O1B SIA K . 15.83 38.13 -24.59
O4 SIA K . 10.85 35.81 -24.42
O6 SIA K . 14.06 37.52 -26.47
O7 SIA K . 13.46 39.50 -27.99
O8 SIA K . 13.34 41.14 -24.70
O9 SIA K . 14.89 42.93 -25.95
O10 SIA K . 9.15 37.02 -26.20
C2 BGC L . -70.07 -25.65 -2.72
C3 BGC L . -70.63 -27.08 -2.52
C4 BGC L . -71.56 -27.03 -1.27
C5 BGC L . -72.70 -26.05 -1.59
C6 BGC L . -73.81 -25.96 -0.54
C1 BGC L . -71.22 -24.60 -2.84
O1 BGC L . -70.69 -23.32 -2.83
O2 BGC L . -69.26 -25.60 -3.89
O3 BGC L . -69.57 -28.01 -2.34
O4 BGC L . -72.06 -28.34 -0.89
O5 BGC L . -72.14 -24.71 -1.74
O6 BGC L . -74.59 -24.78 -0.70
C1 GAL L . -71.87 -28.59 0.47
C2 GAL L . -72.33 -30.01 0.87
C3 GAL L . -72.06 -30.11 2.35
C4 GAL L . -70.58 -29.98 2.60
C5 GAL L . -70.14 -28.58 2.13
C6 GAL L . -68.63 -28.35 2.22
O2 GAL L . -73.70 -30.21 0.57
O3 GAL L . -72.52 -31.35 2.87
O4 GAL L . -69.89 -30.99 1.86
O5 GAL L . -70.49 -28.41 0.75
O6 GAL L . -68.33 -26.96 2.13
C1 SIA L . -73.02 -30.16 4.94
C2 SIA L . -73.38 -31.31 3.95
C3 SIA L . -73.37 -32.70 4.66
C4 SIA L . -74.60 -32.99 5.53
C5 SIA L . -75.85 -32.60 4.76
C6 SIA L . -75.70 -31.15 4.40
C7 SIA L . -76.95 -30.51 3.86
C8 SIA L . -76.61 -29.01 3.67
C9 SIA L . -77.37 -28.38 2.50
C10 SIA L . -77.75 -33.93 5.43
C11 SIA L . -78.98 -34.08 6.31
N5 SIA L . -77.04 -32.81 5.58
O1A SIA L . -72.39 -30.41 5.98
O1B SIA L . -73.36 -28.98 4.67
O4 SIA L . -74.64 -34.38 5.85
O6 SIA L . -74.67 -31.03 3.43
O7 SIA L . -77.28 -31.12 2.62
O8 SIA L . -76.85 -28.29 4.87
O9 SIA L . -76.70 -28.67 1.28
O10 SIA L . -77.45 -34.80 4.61
#